data_3HXZ
#
_entry.id   3HXZ
#
_cell.length_a   162.928
_cell.length_b   162.186
_cell.length_c   125.713
_cell.angle_alpha   90.00
_cell.angle_beta   90.01
_cell.angle_gamma   90.00
#
_symmetry.space_group_name_H-M   'C 1 2 1'
#
loop_
_entity.id
_entity.type
_entity.pdbx_description
1 polymer 'Alanyl-tRNA synthetase'
2 non-polymer "'5'-O-(N-(L-ALANYL)-SULFAMOYL)ADENOSINE"
3 non-polymer '4-(2-HYDROXYETHYL)-1-PIPERAZINE ETHANESULFONIC ACID'
4 non-polymer '2-HYDROXYETHYL DISULFIDE'
5 water water
#
_entity_poly.entity_id   1
_entity_poly.type   'polypeptide(L)'
_entity_poly.pdbx_seq_one_letter_code
;SKSTAEIRQAFLDFFHSKGHQVVASSSLVPHNDPTLLFTNAGMNQFKDVFLGLDKRNYSRATTSQRCVRAGGKHNDLENV
GYTARHHTFFEMLGNFSFGDYFKLDAILFAWLLLTSEKWFALPKERLWVTVYESDDEAYEIWEKEVGIPRERIIRIGDNK
GAPYASDNFWQMGDTGPCGPCTEIFYDHGDHIWGGPPGSPEEDGDRYIEIWNIVFMQFNRQADGTMEPLPKPSVDTAMGL
ERIAAVLQHVNSNYDIDLFRTLIQAVAKVTGATDLSNKSLRVIADHIRSCAFLIADGVMPSNENRGYVLRRIIRRAVRHG
NMLGAKETFFYKLVGPLIDVMGSAGEDLKRQQAQVEQVLKTEEEQFARTLERGLALLDEELAKLSGDTLDGETAFRLYDT
YGFPVDLTADVCRERNIKVDEAGFEAAMEEQRRRAREASGF
;
_entity_poly.pdbx_strand_id   A,B,C,D
#
# COMPACT_ATOMS: atom_id res chain seq x y z
N SER A 1 -23.23 43.86 15.17
CA SER A 1 -22.21 43.74 14.09
C SER A 1 -22.47 42.53 13.20
N LYS A 2 -21.74 42.46 12.09
CA LYS A 2 -21.87 41.34 11.17
C LYS A 2 -21.15 40.10 11.70
N SER A 3 -21.75 38.93 11.50
CA SER A 3 -21.13 37.67 11.88
C SER A 3 -20.01 37.34 10.90
N THR A 4 -19.18 36.37 11.26
CA THR A 4 -18.10 35.94 10.39
C THR A 4 -18.67 35.45 9.05
N ALA A 5 -19.77 34.70 9.12
CA ALA A 5 -20.44 34.19 7.92
C ALA A 5 -20.94 35.33 7.01
N GLU A 6 -21.52 36.36 7.62
CA GLU A 6 -22.02 37.51 6.86
C GLU A 6 -20.89 38.29 6.21
N ILE A 7 -19.76 38.39 6.90
CA ILE A 7 -18.59 39.09 6.38
C ILE A 7 -17.98 38.34 5.20
N ARG A 8 -17.88 37.01 5.33
CA ARG A 8 -17.42 36.17 4.25
C ARG A 8 -18.29 36.38 3.01
N GLN A 9 -19.60 36.34 3.20
CA GLN A 9 -20.55 36.49 2.09
C GLN A 9 -20.53 37.90 1.49
N ALA A 10 -20.39 38.91 2.36
CA ALA A 10 -20.39 40.30 1.91
C ALA A 10 -19.19 40.57 1.01
N PHE A 11 -18.03 40.03 1.38
CA PHE A 11 -16.82 40.17 0.58
C PHE A 11 -17.03 39.56 -0.82
N LEU A 12 -17.56 38.35 -0.86
CA LEU A 12 -17.83 37.67 -2.13
C LEU A 12 -18.88 38.41 -2.96
N ASP A 13 -19.92 38.92 -2.29
CA ASP A 13 -20.96 39.68 -2.97
C ASP A 13 -20.37 40.95 -3.60
N PHE A 14 -19.49 41.62 -2.87
CA PHE A 14 -18.85 42.83 -3.37
C PHE A 14 -18.12 42.56 -4.69
N PHE A 15 -17.22 41.57 -4.69
CA PHE A 15 -16.44 41.30 -5.89
C PHE A 15 -17.28 40.70 -7.02
N HIS A 16 -18.30 39.91 -6.66
CA HIS A 16 -19.24 39.41 -7.65
C HIS A 16 -19.95 40.58 -8.36
N SER A 17 -20.35 41.59 -7.60
CA SER A 17 -20.99 42.77 -8.17
C SER A 17 -20.02 43.57 -9.04
N LYS A 18 -18.73 43.35 -8.83
CA LYS A 18 -17.69 43.96 -9.68
C LYS A 18 -17.20 43.01 -10.77
N GLY A 19 -18.06 42.05 -11.16
CA GLY A 19 -17.77 41.17 -12.30
C GLY A 19 -16.85 40.00 -12.04
N HIS A 20 -16.53 39.74 -10.77
CA HIS A 20 -15.65 38.60 -10.44
C HIS A 20 -16.43 37.30 -10.36
N GLN A 21 -15.94 36.27 -11.04
CA GLN A 21 -16.48 34.92 -10.94
C GLN A 21 -16.25 34.36 -9.53
N VAL A 22 -17.31 33.96 -8.85
CA VAL A 22 -17.16 33.31 -7.55
C VAL A 22 -16.73 31.87 -7.74
N VAL A 23 -15.55 31.53 -7.22
CA VAL A 23 -15.02 30.18 -7.32
C VAL A 23 -14.96 29.55 -5.93
N ALA A 24 -15.36 28.29 -5.82
CA ALA A 24 -15.32 27.58 -4.54
C ALA A 24 -13.89 27.41 -4.02
N SER A 25 -13.77 27.41 -2.70
CA SER A 25 -12.51 27.09 -2.04
C SER A 25 -11.99 25.75 -2.58
N SER A 26 -10.70 25.68 -2.82
CA SER A 26 -10.08 24.39 -3.12
C SER A 26 -9.89 23.62 -1.82
N SER A 27 -9.54 22.34 -1.96
CA SER A 27 -9.14 21.50 -0.85
C SER A 27 -7.84 22.03 -0.24
N LEU A 28 -7.53 21.55 0.97
CA LEU A 28 -6.26 21.85 1.62
C LEU A 28 -5.13 21.00 1.05
N VAL A 29 -5.48 19.97 0.30
CA VAL A 29 -4.50 19.03 -0.23
C VAL A 29 -4.52 19.05 -1.75
N PRO A 30 -3.43 19.53 -2.37
CA PRO A 30 -3.32 19.52 -3.83
C PRO A 30 -3.11 18.11 -4.39
N HIS A 31 -3.68 17.86 -5.56
CA HIS A 31 -3.47 16.60 -6.25
C HIS A 31 -2.35 16.74 -7.28
N ASN A 32 -2.15 17.96 -7.80
CA ASN A 32 -1.23 18.19 -8.92
C ASN A 32 -0.17 19.28 -8.67
N ASP A 33 0.29 19.39 -7.42
CA ASP A 33 1.40 20.31 -7.11
C ASP A 33 2.33 19.70 -6.08
N PRO A 34 3.40 19.03 -6.56
CA PRO A 34 4.38 18.33 -5.70
C PRO A 34 5.20 19.27 -4.80
N THR A 35 5.22 20.55 -5.12
CA THR A 35 5.97 21.52 -4.34
C THR A 35 5.18 22.03 -3.13
N LEU A 36 3.91 21.62 -3.02
CA LEU A 36 3.01 22.20 -2.03
C LEU A 36 2.55 21.19 -0.99
N LEU A 37 2.88 21.45 0.28
CA LEU A 37 2.46 20.57 1.38
C LEU A 37 0.95 20.68 1.62
N PHE A 38 0.51 21.83 2.10
CA PHE A 38 -0.92 22.12 2.22
C PHE A 38 -1.22 23.47 1.58
N THR A 39 -2.45 23.65 1.14
CA THR A 39 -2.88 24.92 0.56
C THR A 39 -2.57 26.04 1.55
N ASN A 40 -1.74 26.99 1.15
CA ASN A 40 -1.33 28.06 2.06
C ASN A 40 -1.76 29.44 1.61
N ALA A 41 -2.51 29.49 0.50
CA ALA A 41 -3.01 30.75 -0.05
C ALA A 41 -4.18 30.54 -1.02
N GLY A 42 -5.04 31.54 -1.11
CA GLY A 42 -6.12 31.54 -2.11
C GLY A 42 -5.63 31.35 -3.54
N MET A 43 -4.45 31.86 -3.85
CA MET A 43 -3.92 31.77 -5.21
C MET A 43 -3.45 30.38 -5.63
N ASN A 44 -3.28 29.47 -4.68
CA ASN A 44 -2.72 28.14 -5.01
C ASN A 44 -3.44 27.46 -6.17
N GLN A 45 -4.77 27.46 -6.16
CA GLN A 45 -5.55 26.75 -7.18
C GLN A 45 -5.56 27.47 -8.52
N PHE A 46 -5.03 28.69 -8.54
CA PHE A 46 -4.92 29.48 -9.76
C PHE A 46 -3.46 29.63 -10.20
N LYS A 47 -2.57 28.87 -9.57
CA LYS A 47 -1.13 28.98 -9.86
C LYS A 47 -0.82 28.89 -11.35
N ASP A 48 -1.38 27.89 -12.03
CA ASP A 48 -1.16 27.70 -13.45
C ASP A 48 -1.80 28.76 -14.32
N VAL A 49 -2.85 29.41 -13.80
CA VAL A 49 -3.47 30.52 -14.52
C VAL A 49 -2.49 31.70 -14.54
N PHE A 50 -1.91 32.02 -13.38
CA PHE A 50 -0.88 33.06 -13.29
C PHE A 50 0.33 32.75 -14.18
N LEU A 51 0.68 31.47 -14.28
CA LEU A 51 1.81 31.04 -15.11
C LEU A 51 1.48 31.08 -16.59
N GLY A 52 0.19 31.23 -16.91
CA GLY A 52 -0.27 31.28 -18.29
C GLY A 52 -0.36 29.90 -18.93
N LEU A 53 -0.35 28.86 -18.09
CA LEU A 53 -0.41 27.49 -18.58
C LEU A 53 -1.84 26.98 -18.62
N ASP A 54 -2.70 27.59 -17.80
CA ASP A 54 -4.10 27.22 -17.73
C ASP A 54 -4.95 28.45 -17.98
N LYS A 55 -5.96 28.32 -18.83
CA LYS A 55 -6.87 29.43 -19.09
C LYS A 55 -8.29 29.12 -18.61
N ARG A 56 -8.94 30.14 -18.09
CA ARG A 56 -10.30 30.01 -17.59
C ARG A 56 -11.21 30.84 -18.48
N ASN A 57 -12.51 30.61 -18.40
CA ASN A 57 -13.48 31.41 -19.16
C ASN A 57 -13.71 32.78 -18.53
N TYR A 58 -13.15 32.99 -17.34
CA TYR A 58 -13.23 34.27 -16.65
C TYR A 58 -11.83 34.84 -16.45
N SER A 59 -11.72 36.16 -16.39
CA SER A 59 -10.42 36.80 -16.25
C SER A 59 -10.27 37.46 -14.88
N ARG A 60 -11.31 37.34 -14.06
CA ARG A 60 -11.27 37.85 -12.69
C ARG A 60 -12.12 36.95 -11.80
N ALA A 61 -11.65 36.74 -10.57
CA ALA A 61 -12.29 35.77 -9.69
C ALA A 61 -12.19 36.17 -8.22
N THR A 62 -13.03 35.55 -7.40
CA THR A 62 -13.05 35.81 -5.97
C THR A 62 -13.38 34.52 -5.23
N THR A 63 -12.65 34.26 -4.14
CA THR A 63 -12.85 33.05 -3.35
C THR A 63 -12.71 33.33 -1.86
N SER A 64 -13.28 32.46 -1.03
CA SER A 64 -12.92 32.40 0.37
C SER A 64 -12.21 31.07 0.58
N GLN A 65 -10.88 31.11 0.63
CA GLN A 65 -10.07 29.91 0.61
C GLN A 65 -9.65 29.45 1.99
N ARG A 66 -9.95 28.20 2.34
CA ARG A 66 -9.38 27.62 3.55
C ARG A 66 -7.88 27.35 3.37
N CYS A 67 -7.08 27.82 4.33
CA CYS A 67 -5.63 27.68 4.27
C CYS A 67 -5.10 27.05 5.55
N VAL A 68 -4.02 26.30 5.43
CA VAL A 68 -3.27 25.85 6.59
C VAL A 68 -1.81 26.24 6.41
N ARG A 69 -1.27 26.97 7.38
CA ARG A 69 0.13 27.34 7.37
C ARG A 69 0.83 26.68 8.54
N ALA A 70 1.28 25.44 8.33
CA ALA A 70 1.88 24.65 9.39
C ALA A 70 3.11 23.88 8.89
N GLY A 71 3.67 24.36 7.77
CA GLY A 71 4.83 23.71 7.18
C GLY A 71 5.13 24.39 5.86
N GLY A 72 6.27 24.04 5.27
CA GLY A 72 6.67 24.61 3.99
C GLY A 72 7.11 26.04 4.10
N LYS A 73 6.82 26.82 3.06
CA LYS A 73 7.23 28.21 2.96
C LYS A 73 6.63 29.08 4.07
N HIS A 74 5.35 28.86 4.35
CA HIS A 74 4.61 29.67 5.31
C HIS A 74 4.10 28.79 6.44
N ASN A 75 4.72 28.93 7.62
CA ASN A 75 4.44 28.08 8.76
C ASN A 75 4.27 28.93 10.02
N ASP A 76 3.06 28.97 10.55
CA ASP A 76 2.74 29.79 11.72
C ASP A 76 2.39 28.97 12.97
N LEU A 77 2.67 27.68 12.92
CA LEU A 77 2.34 26.78 14.03
C LEU A 77 2.86 27.29 15.37
N GLU A 78 4.11 27.74 15.39
CA GLU A 78 4.73 28.15 16.65
C GLU A 78 4.29 29.53 17.14
N ASN A 79 3.54 30.25 16.29
CA ASN A 79 2.94 31.54 16.67
C ASN A 79 1.60 31.38 17.38
N VAL A 80 0.95 30.23 17.17
CA VAL A 80 -0.39 30.00 17.70
C VAL A 80 -0.41 30.02 19.24
N GLY A 81 -1.31 30.82 19.80
CA GLY A 81 -1.40 30.98 21.25
C GLY A 81 -0.50 32.09 21.78
N TYR A 82 0.44 32.54 20.95
CA TYR A 82 1.39 33.58 21.37
C TYR A 82 1.05 34.96 20.80
N THR A 83 0.22 34.99 19.76
CA THR A 83 -0.31 36.25 19.24
C THR A 83 -1.81 36.16 19.09
N ALA A 84 -2.45 37.30 18.88
CA ALA A 84 -3.90 37.35 18.71
C ALA A 84 -4.30 37.25 17.24
N ARG A 85 -3.31 37.08 16.36
CA ARG A 85 -3.55 37.18 14.92
C ARG A 85 -3.15 35.96 14.09
N HIS A 86 -2.42 35.01 14.68
CA HIS A 86 -1.91 33.85 13.95
C HIS A 86 -2.69 32.56 14.21
N HIS A 87 -3.04 31.86 13.13
CA HIS A 87 -3.69 30.56 13.21
C HIS A 87 -2.92 29.55 12.36
N THR A 88 -3.16 28.25 12.59
CA THR A 88 -2.73 27.24 11.61
C THR A 88 -3.73 27.24 10.47
N PHE A 89 -5.01 27.08 10.79
CA PHE A 89 -6.10 27.10 9.81
C PHE A 89 -6.74 28.48 9.81
N PHE A 90 -6.94 29.04 8.61
CA PHE A 90 -7.66 30.32 8.48
C PHE A 90 -8.20 30.48 7.06
N GLU A 91 -9.08 31.45 6.87
CA GLU A 91 -9.62 31.71 5.54
C GLU A 91 -9.08 33.01 4.95
N MET A 92 -8.73 32.95 3.66
CA MET A 92 -8.37 34.15 2.90
C MET A 92 -9.52 34.57 2.01
N LEU A 93 -9.95 35.82 2.19
CA LEU A 93 -10.90 36.46 1.28
C LEU A 93 -10.10 37.08 0.15
N GLY A 94 -10.22 36.54 -1.05
CA GLY A 94 -9.36 36.97 -2.14
C GLY A 94 -10.06 37.45 -3.38
N ASN A 95 -9.46 38.40 -4.09
CA ASN A 95 -9.84 38.69 -5.46
C ASN A 95 -8.63 38.52 -6.37
N PHE A 96 -8.88 38.12 -7.61
CA PHE A 96 -7.81 37.77 -8.52
C PHE A 96 -8.05 38.38 -9.90
N SER A 97 -6.98 38.92 -10.49
CA SER A 97 -7.01 39.43 -11.85
C SER A 97 -6.01 38.66 -12.71
N PHE A 98 -6.52 37.94 -13.70
CA PHE A 98 -5.70 37.17 -14.61
C PHE A 98 -5.50 37.96 -15.90
N GLY A 99 -4.56 38.91 -15.88
CA GLY A 99 -4.31 39.75 -17.04
C GLY A 99 -5.50 40.65 -17.35
N ASP A 100 -6.24 41.02 -16.32
CA ASP A 100 -7.42 41.86 -16.44
C ASP A 100 -7.05 43.28 -15.99
N TYR A 101 -7.46 43.69 -14.80
CA TYR A 101 -7.02 44.97 -14.22
C TYR A 101 -5.69 44.81 -13.49
N PHE A 102 -5.05 45.92 -13.14
CA PHE A 102 -3.76 45.86 -12.44
C PHE A 102 -3.71 46.73 -11.18
N LYS A 103 -2.62 47.46 -11.00
CA LYS A 103 -2.32 48.11 -9.72
C LYS A 103 -3.38 49.07 -9.20
N LEU A 104 -3.75 50.04 -10.02
CA LEU A 104 -4.67 51.09 -9.56
C LEU A 104 -6.02 50.51 -9.16
N ASP A 105 -6.63 49.72 -10.05
CA ASP A 105 -7.95 49.17 -9.77
C ASP A 105 -7.98 48.15 -8.64
N ALA A 106 -6.89 47.41 -8.45
CA ALA A 106 -6.79 46.49 -7.31
C ALA A 106 -6.86 47.27 -5.99
N ILE A 107 -6.09 48.35 -5.92
CA ILE A 107 -6.05 49.19 -4.73
C ILE A 107 -7.39 49.86 -4.50
N LEU A 108 -8.02 50.35 -5.57
CA LEU A 108 -9.30 51.04 -5.45
C LEU A 108 -10.40 50.10 -4.96
N PHE A 109 -10.47 48.89 -5.52
CA PHE A 109 -11.44 47.87 -5.08
C PHE A 109 -11.32 47.64 -3.58
N ALA A 110 -10.09 47.46 -3.10
CA ALA A 110 -9.85 47.16 -1.70
C ALA A 110 -10.22 48.32 -0.80
N TRP A 111 -9.79 49.52 -1.16
CA TRP A 111 -10.11 50.73 -0.40
C TRP A 111 -11.62 50.96 -0.35
N LEU A 112 -12.29 50.76 -1.47
CA LEU A 112 -13.73 50.96 -1.55
C LEU A 112 -14.48 50.02 -0.60
N LEU A 113 -14.16 48.73 -0.66
CA LEU A 113 -14.80 47.74 0.21
C LEU A 113 -14.55 48.06 1.68
N LEU A 114 -13.32 48.41 2.01
CA LEU A 114 -12.94 48.68 3.39
C LEU A 114 -13.54 49.96 3.97
N THR A 115 -13.56 51.03 3.18
CA THR A 115 -13.86 52.36 3.73
C THR A 115 -15.15 53.04 3.30
N SER A 116 -15.79 52.53 2.25
CA SER A 116 -17.01 53.16 1.76
C SER A 116 -18.16 53.01 2.75
N GLU A 117 -18.96 54.07 2.90
CA GLU A 117 -20.14 54.04 3.78
C GLU A 117 -21.12 52.96 3.34
N LYS A 118 -21.05 52.58 2.06
CA LYS A 118 -21.93 51.56 1.49
C LYS A 118 -21.48 50.15 1.83
N TRP A 119 -20.23 50.01 2.27
CA TRP A 119 -19.66 48.68 2.53
C TRP A 119 -19.16 48.55 3.96
N PHE A 120 -17.87 48.25 4.15
CA PHE A 120 -17.38 47.98 5.51
C PHE A 120 -17.23 49.24 6.37
N ALA A 121 -17.09 50.40 5.73
CA ALA A 121 -17.10 51.68 6.43
C ALA A 121 -16.09 51.80 7.57
N LEU A 122 -14.89 51.27 7.36
CA LEU A 122 -13.83 51.38 8.37
C LEU A 122 -13.36 52.83 8.44
N PRO A 123 -13.04 53.31 9.64
CA PRO A 123 -12.47 54.65 9.79
C PRO A 123 -11.14 54.77 9.06
N LYS A 124 -11.10 55.63 8.04
CA LYS A 124 -9.93 55.77 7.18
C LYS A 124 -8.67 56.13 7.95
N GLU A 125 -8.82 56.92 9.01
CA GLU A 125 -7.69 57.42 9.78
C GLU A 125 -6.93 56.32 10.55
N ARG A 126 -7.54 55.15 10.70
CA ARG A 126 -6.89 54.04 11.40
C ARG A 126 -6.25 53.05 10.44
N LEU A 127 -6.27 53.37 9.16
CA LEU A 127 -5.69 52.50 8.14
C LEU A 127 -4.33 52.99 7.69
N TRP A 128 -3.37 52.07 7.67
CA TRP A 128 -2.02 52.34 7.22
C TRP A 128 -1.72 51.40 6.06
N VAL A 129 -0.82 51.81 5.17
CA VAL A 129 -0.43 50.97 4.06
C VAL A 129 1.09 50.86 3.93
N THR A 130 1.55 49.71 3.44
CA THR A 130 2.98 49.52 3.15
C THR A 130 3.13 49.23 1.67
N VAL A 131 4.25 49.67 1.11
CA VAL A 131 4.57 49.34 -0.27
C VAL A 131 6.00 48.83 -0.34
N TYR A 132 6.32 48.08 -1.39
CA TYR A 132 7.69 47.67 -1.65
C TYR A 132 8.48 48.94 -1.97
N GLU A 133 9.65 49.08 -1.37
CA GLU A 133 10.43 50.31 -1.47
C GLU A 133 10.57 50.83 -2.91
N SER A 134 10.82 49.91 -3.85
CA SER A 134 11.03 50.27 -5.24
C SER A 134 9.73 50.50 -6.01
N ASP A 135 8.60 50.17 -5.39
CA ASP A 135 7.31 50.31 -6.06
C ASP A 135 6.81 51.76 -5.97
N ASP A 136 7.36 52.63 -6.81
CA ASP A 136 6.98 54.05 -6.82
C ASP A 136 5.55 54.24 -7.31
N GLU A 137 5.10 53.34 -8.18
CA GLU A 137 3.73 53.39 -8.71
C GLU A 137 2.69 53.15 -7.61
N ALA A 138 2.91 52.14 -6.79
CA ALA A 138 2.01 51.86 -5.67
C ALA A 138 2.00 53.01 -4.67
N TYR A 139 3.18 53.57 -4.37
CA TYR A 139 3.26 54.71 -3.47
C TYR A 139 2.40 55.87 -3.97
N GLU A 140 2.56 56.21 -5.25
CA GLU A 140 1.82 57.29 -5.89
C GLU A 140 0.31 57.06 -5.85
N ILE A 141 -0.10 55.81 -6.08
CA ILE A 141 -1.52 55.47 -6.06
C ILE A 141 -2.16 55.74 -4.69
N TRP A 142 -1.53 55.24 -3.63
CA TRP A 142 -2.03 55.48 -2.29
C TRP A 142 -2.03 56.98 -1.95
N GLU A 143 -0.94 57.66 -2.30
CA GLU A 143 -0.79 59.07 -1.96
C GLU A 143 -1.73 59.98 -2.73
N LYS A 144 -1.76 59.81 -4.05
CA LYS A 144 -2.47 60.76 -4.92
C LYS A 144 -3.84 60.29 -5.41
N GLU A 145 -3.99 59.00 -5.68
CA GLU A 145 -5.27 58.49 -6.17
C GLU A 145 -6.24 58.23 -5.03
N VAL A 146 -5.75 57.58 -3.98
CA VAL A 146 -6.58 57.28 -2.82
C VAL A 146 -6.63 58.45 -1.84
N GLY A 147 -5.47 59.03 -1.55
CA GLY A 147 -5.39 60.17 -0.65
C GLY A 147 -5.01 59.83 0.78
N ILE A 148 -4.25 58.74 0.96
CA ILE A 148 -3.67 58.42 2.27
C ILE A 148 -2.59 59.46 2.58
N PRO A 149 -2.66 60.09 3.76
CA PRO A 149 -1.60 61.00 4.17
C PRO A 149 -0.25 60.29 4.15
N ARG A 150 0.78 60.97 3.67
CA ARG A 150 2.10 60.36 3.47
C ARG A 150 2.67 59.69 4.72
N GLU A 151 2.30 60.22 5.88
CA GLU A 151 2.83 59.70 7.14
C GLU A 151 2.33 58.29 7.47
N ARG A 152 1.30 57.84 6.77
CA ARG A 152 0.78 56.49 6.97
C ARG A 152 1.05 55.60 5.76
N ILE A 153 1.94 56.06 4.88
CA ILE A 153 2.42 55.25 3.78
C ILE A 153 3.87 54.86 4.06
N ILE A 154 4.10 53.57 4.25
CA ILE A 154 5.42 53.09 4.66
CA ILE A 154 5.42 53.08 4.67
C ILE A 154 6.07 52.25 3.55
N ARG A 155 7.30 52.61 3.20
CA ARG A 155 8.06 51.84 2.21
C ARG A 155 8.88 50.77 2.92
N ILE A 156 8.79 49.54 2.45
CA ILE A 156 9.52 48.42 3.05
C ILE A 156 10.41 47.78 2.00
N GLY A 157 11.71 47.66 2.31
CA GLY A 157 12.65 47.03 1.39
C GLY A 157 12.80 45.55 1.68
N ASP A 158 13.96 44.99 1.34
CA ASP A 158 14.22 43.59 1.63
C ASP A 158 14.62 43.39 3.09
N ASN A 159 13.64 43.52 3.97
CA ASN A 159 13.88 43.53 5.41
C ASN A 159 14.13 42.16 6.02
N LYS A 160 14.10 41.12 5.19
CA LYS A 160 14.32 39.76 5.68
C LYS A 160 15.74 39.26 5.40
N GLY A 161 16.60 40.17 4.93
CA GLY A 161 18.04 39.90 4.84
C GLY A 161 18.53 39.22 3.59
N ALA A 162 17.74 39.32 2.52
CA ALA A 162 18.12 38.73 1.23
C ALA A 162 17.33 39.38 0.10
N PRO A 163 17.86 39.34 -1.13
CA PRO A 163 17.16 39.89 -2.29
C PRO A 163 15.79 39.26 -2.49
N TYR A 164 14.76 40.10 -2.57
CA TYR A 164 13.37 39.66 -2.73
C TYR A 164 12.80 39.03 -1.46
N ALA A 165 13.59 39.02 -0.39
CA ALA A 165 13.12 38.54 0.90
C ALA A 165 12.59 39.73 1.68
N SER A 166 11.27 39.92 1.63
CA SER A 166 10.63 41.13 2.12
C SER A 166 9.19 40.88 2.51
N ASP A 167 8.70 41.65 3.46
CA ASP A 167 7.28 41.62 3.81
C ASP A 167 6.44 42.19 2.67
N ASN A 168 7.10 42.89 1.75
CA ASN A 168 6.40 43.47 0.61
C ASN A 168 6.79 42.88 -0.75
N PHE A 169 7.27 41.65 -0.71
CA PHE A 169 7.43 40.84 -1.91
C PHE A 169 6.94 39.44 -1.53
N TRP A 170 5.81 39.04 -2.11
CA TRP A 170 5.17 37.79 -1.71
C TRP A 170 5.54 36.64 -2.64
N GLN A 171 5.89 35.51 -2.05
CA GLN A 171 6.24 34.32 -2.81
C GLN A 171 5.39 33.15 -2.35
N MET A 172 4.90 32.37 -3.32
CA MET A 172 4.13 31.18 -2.99
C MET A 172 5.02 30.15 -2.30
N GLY A 173 6.26 30.04 -2.77
CA GLY A 173 7.22 29.10 -2.21
C GLY A 173 8.59 29.36 -2.81
N ASP A 174 9.50 28.40 -2.68
CA ASP A 174 10.82 28.54 -3.27
C ASP A 174 10.72 28.68 -4.79
N THR A 175 9.67 28.09 -5.36
CA THR A 175 9.34 28.28 -6.76
C THR A 175 7.88 28.74 -6.88
N GLY A 176 7.53 29.32 -8.02
CA GLY A 176 6.14 29.68 -8.28
C GLY A 176 5.92 31.17 -8.47
N PRO A 177 4.68 31.56 -8.83
CA PRO A 177 4.32 32.96 -9.03
C PRO A 177 4.65 33.82 -7.81
N CYS A 178 5.18 35.01 -8.05
CA CYS A 178 5.52 35.94 -6.98
C CYS A 178 5.53 37.37 -7.50
N GLY A 179 5.65 38.34 -6.60
CA GLY A 179 5.77 39.73 -7.01
C GLY A 179 5.72 40.70 -5.84
N PRO A 180 6.03 41.98 -6.12
CA PRO A 180 5.90 43.01 -5.09
C PRO A 180 4.46 43.14 -4.64
N CYS A 181 4.25 43.55 -3.41
CA CYS A 181 2.90 43.65 -2.88
C CYS A 181 2.71 44.87 -2.00
N THR A 182 1.46 45.22 -1.76
CA THR A 182 1.12 46.32 -0.88
C THR A 182 0.15 45.81 0.18
N GLU A 183 0.36 46.20 1.43
CA GLU A 183 -0.46 45.67 2.51
C GLU A 183 -1.19 46.78 3.26
N ILE A 184 -2.40 46.46 3.71
CA ILE A 184 -3.23 47.37 4.46
C ILE A 184 -3.30 46.92 5.92
N PHE A 185 -2.97 47.83 6.82
CA PHE A 185 -2.95 47.58 8.26
C PHE A 185 -4.04 48.37 8.96
N TYR A 186 -4.61 47.78 10.01
CA TYR A 186 -5.58 48.49 10.85
C TYR A 186 -5.04 48.68 12.27
N ASP A 187 -5.08 49.93 12.74
CA ASP A 187 -4.65 50.27 14.10
C ASP A 187 -5.76 50.00 15.12
N HIS A 188 -5.56 49.00 15.96
CA HIS A 188 -6.56 48.62 16.99
C HIS A 188 -6.59 49.55 18.20
N GLY A 189 -5.58 50.39 18.38
CA GLY A 189 -5.60 51.40 19.44
C GLY A 189 -4.54 51.22 20.50
N ASP A 190 -4.37 52.26 21.33
CA ASP A 190 -3.29 52.30 22.32
C ASP A 190 -3.46 51.36 23.52
N HIS A 191 -4.59 50.65 23.56
CA HIS A 191 -4.79 49.66 24.61
CA HIS A 191 -4.86 49.64 24.58
C HIS A 191 -4.06 48.37 24.29
N ILE A 192 -3.51 48.30 23.07
CA ILE A 192 -2.73 47.14 22.63
C ILE A 192 -1.28 47.54 22.41
N TRP A 193 -0.35 46.72 22.87
CA TRP A 193 1.07 46.98 22.65
C TRP A 193 1.44 46.77 21.17
N GLY A 194 2.35 47.60 20.67
CA GLY A 194 2.84 47.46 19.30
C GLY A 194 3.02 48.79 18.58
N GLY A 195 3.89 48.79 17.57
CA GLY A 195 4.11 49.96 16.73
C GLY A 195 3.71 49.66 15.29
N PRO A 196 3.68 50.70 14.44
CA PRO A 196 3.31 50.53 13.03
C PRO A 196 4.34 49.72 12.26
N PRO A 197 3.96 49.18 11.08
CA PRO A 197 4.91 48.42 10.28
C PRO A 197 6.17 49.24 9.98
N GLY A 198 7.33 48.58 10.00
CA GLY A 198 8.60 49.25 9.77
C GLY A 198 9.28 49.70 11.05
N SER A 199 8.49 49.85 12.11
CA SER A 199 9.01 50.29 13.40
C SER A 199 9.55 49.10 14.21
N PRO A 200 10.32 49.38 15.28
CA PRO A 200 10.86 48.33 16.13
C PRO A 200 9.78 47.48 16.80
N GLU A 201 8.62 48.06 17.04
CA GLU A 201 7.54 47.34 17.71
C GLU A 201 6.47 46.85 16.73
N GLU A 202 6.85 46.68 15.47
CA GLU A 202 5.90 46.29 14.42
C GLU A 202 5.28 44.91 14.63
N ASP A 203 5.98 44.05 15.37
CA ASP A 203 5.53 42.67 15.59
C ASP A 203 4.39 42.59 16.59
N GLY A 204 4.05 43.70 17.22
CA GLY A 204 2.93 43.74 18.16
C GLY A 204 1.60 43.51 17.48
N ASP A 205 0.57 43.23 18.27
CA ASP A 205 -0.78 42.98 17.74
C ASP A 205 -1.62 44.26 17.60
N ARG A 206 -1.01 45.42 17.76
CA ARG A 206 -1.76 46.67 17.65
C ARG A 206 -2.11 47.02 16.21
N TYR A 207 -1.10 47.11 15.35
CA TYR A 207 -1.30 47.37 13.94
C TYR A 207 -1.33 46.05 13.18
N ILE A 208 -2.54 45.58 12.87
CA ILE A 208 -2.73 44.26 12.27
C ILE A 208 -2.77 44.31 10.75
N GLU A 209 -1.98 43.45 10.12
CA GLU A 209 -2.01 43.25 8.68
C GLU A 209 -3.32 42.59 8.28
N ILE A 210 -4.19 43.32 7.60
CA ILE A 210 -5.52 42.85 7.25
CA ILE A 210 -5.50 42.77 7.26
C ILE A 210 -5.60 42.28 5.83
N TRP A 211 -4.99 42.99 4.88
CA TRP A 211 -5.18 42.68 3.47
C TRP A 211 -3.87 42.84 2.70
N ASN A 212 -3.44 41.76 2.04
CA ASN A 212 -2.26 41.82 1.18
C ASN A 212 -2.63 41.76 -0.30
N ILE A 213 -2.12 42.72 -1.07
CA ILE A 213 -2.42 42.82 -2.49
C ILE A 213 -1.14 42.60 -3.29
N VAL A 214 -1.05 41.47 -3.97
CA VAL A 214 0.16 41.09 -4.67
C VAL A 214 0.08 41.41 -6.16
N PHE A 215 1.09 42.11 -6.67
CA PHE A 215 1.19 42.34 -8.10
C PHE A 215 2.10 41.29 -8.70
N MET A 216 1.48 40.18 -9.11
CA MET A 216 2.19 39.03 -9.66
C MET A 216 2.97 39.40 -10.91
N GLN A 217 4.29 39.20 -10.86
CA GLN A 217 5.17 39.62 -11.93
C GLN A 217 6.14 38.54 -12.41
N PHE A 218 6.52 37.63 -11.51
CA PHE A 218 7.57 36.66 -11.80
C PHE A 218 7.20 35.23 -11.43
N ASN A 219 7.92 34.29 -12.03
CA ASN A 219 7.93 32.90 -11.59
C ASN A 219 9.32 32.58 -11.05
N ARG A 220 9.43 32.37 -9.74
CA ARG A 220 10.71 32.10 -9.11
C ARG A 220 11.20 30.68 -9.41
N GLN A 221 12.49 30.55 -9.66
CA GLN A 221 13.11 29.25 -9.93
C GLN A 221 13.81 28.70 -8.69
N ALA A 222 14.20 27.43 -8.76
CA ALA A 222 14.85 26.76 -7.64
C ALA A 222 16.20 27.42 -7.29
N ASP A 223 16.89 27.93 -8.30
CA ASP A 223 18.17 28.60 -8.10
C ASP A 223 18.01 30.01 -7.54
N GLY A 224 16.79 30.55 -7.61
CA GLY A 224 16.50 31.86 -7.07
C GLY A 224 16.24 32.93 -8.11
N THR A 225 16.38 32.56 -9.38
CA THR A 225 16.19 33.52 -10.48
C THR A 225 14.70 33.80 -10.75
N MET A 226 14.40 35.03 -11.14
CA MET A 226 13.03 35.46 -11.44
C MET A 226 12.75 35.49 -12.93
N GLU A 227 11.79 34.69 -13.37
CA GLU A 227 11.34 34.73 -14.77
C GLU A 227 9.98 35.40 -14.85
N PRO A 228 9.86 36.41 -15.72
CA PRO A 228 8.62 37.18 -15.88
C PRO A 228 7.41 36.34 -16.27
N LEU A 229 6.27 36.60 -15.64
CA LEU A 229 5.01 35.97 -16.02
C LEU A 229 4.53 36.58 -17.33
N PRO A 230 3.78 35.80 -18.13
CA PRO A 230 3.27 36.27 -19.42
C PRO A 230 2.43 37.54 -19.31
N LYS A 231 1.62 37.64 -18.26
CA LYS A 231 0.79 38.82 -18.05
C LYS A 231 0.84 39.24 -16.59
N PRO A 232 1.25 40.49 -16.32
CA PRO A 232 1.16 41.02 -14.96
C PRO A 232 -0.25 40.84 -14.42
N SER A 233 -0.36 40.31 -13.22
CA SER A 233 -1.67 39.94 -12.68
C SER A 233 -1.80 40.33 -11.21
N VAL A 234 -2.99 40.11 -10.64
CA VAL A 234 -3.25 40.49 -9.26
C VAL A 234 -3.71 39.29 -8.41
N ASP A 235 -3.09 39.16 -7.24
CA ASP A 235 -3.45 38.13 -6.26
C ASP A 235 -3.60 38.81 -4.90
N THR A 236 -4.82 38.83 -4.37
CA THR A 236 -5.04 39.46 -3.06
C THR A 236 -5.62 38.49 -2.05
N ALA A 237 -5.45 38.82 -0.77
CA ALA A 237 -6.03 38.04 0.32
C ALA A 237 -6.19 38.88 1.57
N MET A 238 -7.42 38.93 2.08
CA MET A 238 -7.69 39.52 3.39
C MET A 238 -8.04 38.40 4.38
N GLY A 239 -7.39 38.41 5.54
CA GLY A 239 -7.66 37.43 6.59
C GLY A 239 -9.05 37.61 7.14
N LEU A 240 -9.90 36.60 6.94
CA LEU A 240 -11.30 36.67 7.38
C LEU A 240 -11.40 36.92 8.88
N GLU A 241 -10.63 36.15 9.66
CA GLU A 241 -10.67 36.27 11.11
C GLU A 241 -10.21 37.66 11.56
N ARG A 242 -9.21 38.20 10.89
CA ARG A 242 -8.66 39.51 11.24
C ARG A 242 -9.62 40.66 10.93
N ILE A 243 -10.25 40.64 9.77
CA ILE A 243 -11.24 41.69 9.44
C ILE A 243 -12.50 41.52 10.29
N ALA A 244 -12.82 40.28 10.65
CA ALA A 244 -13.95 40.01 11.55
C ALA A 244 -13.70 40.67 12.90
N ALA A 245 -12.48 40.59 13.40
CA ALA A 245 -12.14 41.21 14.67
C ALA A 245 -12.35 42.72 14.59
N VAL A 246 -11.91 43.33 13.49
CA VAL A 246 -12.10 44.77 13.26
C VAL A 246 -13.58 45.14 13.26
N LEU A 247 -14.36 44.41 12.47
CA LEU A 247 -15.78 44.72 12.26
C LEU A 247 -16.66 44.42 13.47
N GLN A 248 -16.23 43.47 14.30
CA GLN A 248 -16.99 43.11 15.50
C GLN A 248 -16.47 43.89 16.72
N HIS A 249 -15.58 44.84 16.46
CA HIS A 249 -15.09 45.78 17.46
C HIS A 249 -14.34 45.09 18.61
N VAL A 250 -13.58 44.05 18.27
CA VAL A 250 -12.70 43.40 19.24
C VAL A 250 -11.26 43.48 18.71
N ASN A 251 -10.31 43.05 19.54
CA ASN A 251 -8.90 43.20 19.19
C ASN A 251 -8.24 41.89 18.76
N SER A 252 -8.66 40.79 19.37
CA SER A 252 -8.09 39.48 19.07
C SER A 252 -8.98 38.68 18.12
N ASN A 253 -8.36 37.91 17.22
CA ASN A 253 -9.10 36.98 16.37
C ASN A 253 -9.93 36.02 17.22
N TYR A 254 -9.43 35.69 18.41
CA TYR A 254 -10.09 34.71 19.27
C TYR A 254 -11.29 35.28 20.00
N ASP A 255 -11.52 36.58 19.81
CA ASP A 255 -12.69 37.24 20.40
C ASP A 255 -13.83 37.43 19.40
N ILE A 256 -13.65 36.95 18.17
CA ILE A 256 -14.76 37.00 17.20
C ILE A 256 -15.79 35.93 17.53
N ASP A 257 -17.00 36.08 17.00
CA ASP A 257 -18.11 35.17 17.30
C ASP A 257 -17.73 33.70 17.13
N LEU A 258 -17.07 33.40 16.02
CA LEU A 258 -16.63 32.05 15.68
C LEU A 258 -15.80 31.42 16.80
N PHE A 259 -14.76 32.13 17.23
CA PHE A 259 -13.84 31.59 18.23
C PHE A 259 -14.40 31.64 19.66
N ARG A 260 -15.24 32.63 19.95
CA ARG A 260 -15.87 32.70 21.27
C ARG A 260 -16.70 31.45 21.52
N THR A 261 -17.49 31.06 20.54
CA THR A 261 -18.32 29.87 20.63
C THR A 261 -17.48 28.60 20.71
N LEU A 262 -16.43 28.54 19.88
CA LEU A 262 -15.56 27.38 19.82
C LEU A 262 -14.79 27.20 21.13
N ILE A 263 -14.29 28.31 21.68
CA ILE A 263 -13.54 28.27 22.94
C ILE A 263 -14.42 27.81 24.11
N GLN A 264 -15.70 28.20 24.09
CA GLN A 264 -16.65 27.73 25.08
C GLN A 264 -16.80 26.21 25.04
N ALA A 265 -16.86 25.68 23.82
CA ALA A 265 -16.95 24.23 23.62
C ALA A 265 -15.71 23.50 24.13
N VAL A 266 -14.53 24.10 23.92
CA VAL A 266 -13.29 23.53 24.41
C VAL A 266 -13.28 23.48 25.93
N ALA A 267 -13.72 24.55 26.57
CA ALA A 267 -13.82 24.61 28.02
C ALA A 267 -14.76 23.52 28.53
N LYS A 268 -15.88 23.34 27.84
CA LYS A 268 -16.86 22.34 28.20
C LYS A 268 -16.29 20.91 28.20
N VAL A 269 -15.55 20.56 27.15
CA VAL A 269 -15.07 19.18 27.00
C VAL A 269 -13.81 18.88 27.81
N THR A 270 -13.04 19.91 28.13
CA THR A 270 -11.82 19.74 28.92
C THR A 270 -12.10 19.90 30.41
N GLY A 271 -13.20 20.60 30.73
CA GLY A 271 -13.55 20.89 32.11
C GLY A 271 -12.86 22.12 32.65
N ALA A 272 -12.25 22.89 31.75
CA ALA A 272 -11.62 24.15 32.14
C ALA A 272 -12.68 25.21 32.46
N THR A 273 -12.33 26.15 33.34
CA THR A 273 -13.25 27.22 33.72
C THR A 273 -12.69 28.60 33.37
N ASP A 274 -11.37 28.71 33.33
CA ASP A 274 -10.70 29.96 32.99
C ASP A 274 -10.68 30.19 31.48
N LEU A 275 -11.67 30.92 30.98
CA LEU A 275 -11.83 31.14 29.54
C LEU A 275 -10.70 31.98 28.91
N SER A 276 -9.76 32.42 29.74
CA SER A 276 -8.66 33.26 29.24
C SER A 276 -7.37 32.46 29.06
N ASN A 277 -7.40 31.19 29.45
CA ASN A 277 -6.23 30.33 29.37
C ASN A 277 -5.74 30.11 27.93
N LYS A 278 -4.43 30.28 27.75
CA LYS A 278 -3.77 30.15 26.46
C LYS A 278 -4.09 28.83 25.73
N SER A 279 -4.15 27.74 26.49
CA SER A 279 -4.38 26.40 25.91
C SER A 279 -5.73 26.26 25.25
N LEU A 280 -6.72 27.01 25.72
CA LEU A 280 -8.05 26.98 25.12
C LEU A 280 -8.02 27.52 23.69
N ARG A 281 -7.23 28.57 23.47
CA ARG A 281 -7.08 29.16 22.14
C ARG A 281 -6.30 28.23 21.21
N VAL A 282 -5.25 27.61 21.74
CA VAL A 282 -4.46 26.65 20.97
C VAL A 282 -5.34 25.50 20.48
N ILE A 283 -6.16 24.95 21.38
CA ILE A 283 -7.04 23.84 21.02
C ILE A 283 -8.09 24.24 20.00
N ALA A 284 -8.70 25.41 20.19
CA ALA A 284 -9.69 25.93 19.25
C ALA A 284 -9.11 26.05 17.85
N ASP A 285 -7.87 26.54 17.76
CA ASP A 285 -7.17 26.62 16.49
C ASP A 285 -6.85 25.24 15.90
N HIS A 286 -6.38 24.35 16.76
CA HIS A 286 -5.92 23.05 16.31
C HIS A 286 -7.04 22.16 15.80
N ILE A 287 -8.23 22.26 16.39
CA ILE A 287 -9.36 21.48 15.88
C ILE A 287 -9.73 21.90 14.46
N ARG A 288 -9.56 23.19 14.15
CA ARG A 288 -9.85 23.67 12.80
C ARG A 288 -8.89 23.05 11.76
N SER A 289 -7.59 23.17 11.99
CA SER A 289 -6.64 22.56 11.06
C SER A 289 -6.79 21.05 10.99
N CYS A 290 -6.86 20.39 12.15
CA CYS A 290 -6.92 18.93 12.19
C CYS A 290 -8.18 18.38 11.52
N ALA A 291 -9.34 18.92 11.88
CA ALA A 291 -10.61 18.40 11.34
C ALA A 291 -10.74 18.61 9.82
N PHE A 292 -10.37 19.80 9.35
CA PHE A 292 -10.43 20.09 7.92
C PHE A 292 -9.39 19.31 7.11
N LEU A 293 -8.20 19.09 7.67
CA LEU A 293 -7.19 18.28 6.98
C LEU A 293 -7.69 16.84 6.77
N ILE A 294 -8.30 16.28 7.79
CA ILE A 294 -8.86 14.92 7.69
C ILE A 294 -10.02 14.87 6.69
N ALA A 295 -10.89 15.88 6.73
CA ALA A 295 -12.00 15.96 5.78
C ALA A 295 -11.47 16.03 4.34
N ASP A 296 -10.32 16.67 4.17
CA ASP A 296 -9.71 16.82 2.84
C ASP A 296 -8.75 15.67 2.46
N GLY A 297 -8.73 14.63 3.28
CA GLY A 297 -8.05 13.39 2.88
C GLY A 297 -6.81 12.96 3.65
N VAL A 298 -6.33 13.80 4.55
CA VAL A 298 -5.11 13.47 5.29
C VAL A 298 -5.39 12.48 6.42
N MET A 299 -4.58 11.43 6.50
CA MET A 299 -4.67 10.46 7.58
C MET A 299 -3.39 10.53 8.40
N PRO A 300 -3.51 10.44 9.74
CA PRO A 300 -2.33 10.51 10.59
C PRO A 300 -1.33 9.42 10.23
N SER A 301 -0.04 9.76 10.28
CA SER A 301 1.01 8.81 9.96
C SER A 301 2.32 9.36 10.51
N ASN A 302 3.42 8.68 10.21
CA ASN A 302 4.73 9.13 10.66
C ASN A 302 5.58 9.70 9.53
N GLU A 303 4.93 10.09 8.43
CA GLU A 303 5.63 10.61 7.25
CA GLU A 303 5.63 10.63 7.28
C GLU A 303 4.85 11.77 6.60
N ASN A 304 5.58 12.72 6.04
CA ASN A 304 4.99 13.79 5.21
C ASN A 304 3.73 14.44 5.78
N ARG A 305 2.67 14.52 4.98
CA ARG A 305 1.44 15.21 5.41
C ARG A 305 0.83 14.59 6.65
N GLY A 306 0.80 13.27 6.69
CA GLY A 306 0.22 12.56 7.83
C GLY A 306 0.91 12.88 9.14
N TYR A 307 2.22 13.13 9.08
CA TYR A 307 2.97 13.43 10.30
C TYR A 307 2.73 14.84 10.79
N VAL A 308 2.58 15.80 9.88
CA VAL A 308 2.21 17.15 10.28
C VAL A 308 0.87 17.13 11.01
N LEU A 309 -0.10 16.40 10.46
CA LEU A 309 -1.40 16.23 11.10
C LEU A 309 -1.27 15.58 12.48
N ARG A 310 -0.51 14.49 12.55
CA ARG A 310 -0.30 13.80 13.81
C ARG A 310 0.32 14.72 14.86
N ARG A 311 1.31 15.51 14.45
CA ARG A 311 1.96 16.46 15.35
CA ARG A 311 1.97 16.46 15.34
C ARG A 311 0.98 17.46 15.93
N ILE A 312 0.12 18.02 15.09
CA ILE A 312 -0.86 19.01 15.54
C ILE A 312 -1.90 18.38 16.47
N ILE A 313 -2.40 17.20 16.10
CA ILE A 313 -3.35 16.48 16.96
C ILE A 313 -2.75 16.24 18.34
N ARG A 314 -1.53 15.71 18.36
CA ARG A 314 -0.89 15.34 19.62
C ARG A 314 -0.58 16.56 20.49
N ARG A 315 -0.19 17.66 19.86
CA ARG A 315 0.01 18.92 20.59
C ARG A 315 -1.30 19.42 21.19
N ALA A 316 -2.39 19.28 20.45
CA ALA A 316 -3.70 19.69 20.94
C ALA A 316 -4.09 18.84 22.15
N VAL A 317 -3.89 17.53 22.05
CA VAL A 317 -4.21 16.63 23.16
C VAL A 317 -3.39 16.97 24.39
N ARG A 318 -2.11 17.32 24.18
CA ARG A 318 -1.23 17.72 25.26
C ARG A 318 -1.79 18.94 26.00
N HIS A 319 -2.20 19.95 25.23
CA HIS A 319 -2.83 21.14 25.83
C HIS A 319 -4.09 20.80 26.61
N GLY A 320 -4.85 19.82 26.12
CA GLY A 320 -6.02 19.34 26.84
C GLY A 320 -5.65 18.73 28.18
N ASN A 321 -4.50 18.05 28.22
CA ASN A 321 -3.96 17.47 29.45
C ASN A 321 -3.58 18.55 30.46
N MET A 322 -2.98 19.64 29.97
CA MET A 322 -2.61 20.75 30.84
C MET A 322 -3.83 21.42 31.46
N LEU A 323 -4.94 21.43 30.72
CA LEU A 323 -6.19 22.00 31.21
C LEU A 323 -6.93 21.05 32.17
N GLY A 324 -6.51 19.79 32.18
CA GLY A 324 -7.06 18.81 33.11
C GLY A 324 -8.17 17.94 32.55
N ALA A 325 -8.15 17.69 31.24
CA ALA A 325 -9.13 16.80 30.64
C ALA A 325 -8.99 15.38 31.19
N LYS A 326 -10.10 14.82 31.67
CA LYS A 326 -10.10 13.50 32.29
C LYS A 326 -10.37 12.37 31.30
N GLU A 327 -10.93 12.73 30.15
CA GLU A 327 -11.26 11.73 29.14
C GLU A 327 -11.03 12.24 27.71
N THR A 328 -11.14 11.32 26.76
CA THR A 328 -10.99 11.65 25.34
C THR A 328 -11.92 12.79 24.98
N PHE A 329 -11.35 13.87 24.43
CA PHE A 329 -12.11 15.12 24.26
C PHE A 329 -12.04 15.72 22.86
N PHE A 330 -10.90 15.57 22.19
CA PHE A 330 -10.63 16.34 20.96
C PHE A 330 -11.67 16.12 19.87
N TYR A 331 -12.08 14.87 19.65
CA TYR A 331 -13.09 14.54 18.64
C TYR A 331 -14.46 15.15 18.92
N LYS A 332 -14.70 15.51 20.18
CA LYS A 332 -15.98 16.08 20.57
C LYS A 332 -16.14 17.52 20.08
N LEU A 333 -15.07 18.07 19.54
CA LEU A 333 -15.09 19.46 19.06
C LEU A 333 -15.47 19.58 17.58
N VAL A 334 -15.56 18.45 16.88
CA VAL A 334 -15.93 18.46 15.47
C VAL A 334 -17.33 19.04 15.25
N GLY A 335 -18.28 18.62 16.09
CA GLY A 335 -19.66 19.13 16.01
C GLY A 335 -19.75 20.64 16.16
N PRO A 336 -19.28 21.16 17.30
CA PRO A 336 -19.20 22.60 17.55
C PRO A 336 -18.50 23.36 16.43
N LEU A 337 -17.45 22.77 15.85
CA LEU A 337 -16.73 23.41 14.75
C LEU A 337 -17.61 23.57 13.51
N ILE A 338 -18.30 22.50 13.14
CA ILE A 338 -19.25 22.54 12.03
C ILE A 338 -20.29 23.64 12.25
N ASP A 339 -20.74 23.78 13.50
CA ASP A 339 -21.78 24.74 13.86
C ASP A 339 -21.37 26.21 13.70
N VAL A 340 -20.07 26.50 13.78
CA VAL A 340 -19.61 27.89 13.65
C VAL A 340 -19.04 28.22 12.26
N MET A 341 -18.83 27.22 11.43
CA MET A 341 -18.16 27.42 10.13
C MET A 341 -19.10 27.78 8.99
N GLY A 342 -20.41 27.65 9.20
CA GLY A 342 -21.38 27.95 8.15
C GLY A 342 -21.15 27.14 6.89
N SER A 343 -21.31 27.77 5.73
CA SER A 343 -21.14 27.08 4.45
C SER A 343 -19.69 26.66 4.19
N ALA A 344 -18.76 27.29 4.89
CA ALA A 344 -17.33 26.96 4.72
C ALA A 344 -16.95 25.62 5.35
N GLY A 345 -17.87 25.04 6.12
CA GLY A 345 -17.63 23.73 6.74
C GLY A 345 -18.39 22.58 6.09
N GLU A 346 -18.96 22.81 4.90
CA GLU A 346 -19.77 21.78 4.25
C GLU A 346 -19.00 20.45 4.00
N ASP A 347 -17.73 20.54 3.63
CA ASP A 347 -16.92 19.34 3.40
C ASP A 347 -16.66 18.57 4.69
N LEU A 348 -16.58 19.30 5.80
CA LEU A 348 -16.38 18.68 7.11
C LEU A 348 -17.67 18.03 7.62
N LYS A 349 -18.80 18.70 7.42
CA LYS A 349 -20.10 18.18 7.85
C LYS A 349 -20.44 16.90 7.12
N ARG A 350 -20.12 16.86 5.83
CA ARG A 350 -20.35 15.69 4.98
C ARG A 350 -19.61 14.46 5.53
N GLN A 351 -18.46 14.70 6.15
CA GLN A 351 -17.64 13.61 6.66
C GLN A 351 -17.47 13.63 8.17
N GLN A 352 -18.46 14.19 8.87
CA GLN A 352 -18.38 14.34 10.31
C GLN A 352 -17.99 13.07 11.06
N ALA A 353 -18.71 11.98 10.82
CA ALA A 353 -18.48 10.73 11.53
C ALA A 353 -17.06 10.20 11.30
N GLN A 354 -16.62 10.23 10.06
CA GLN A 354 -15.28 9.78 9.71
C GLN A 354 -14.18 10.59 10.42
N VAL A 355 -14.32 11.92 10.38
CA VAL A 355 -13.35 12.79 11.02
C VAL A 355 -13.30 12.56 12.54
N GLU A 356 -14.47 12.43 13.15
CA GLU A 356 -14.55 12.16 14.58
C GLU A 356 -13.82 10.88 14.96
N GLN A 357 -14.05 9.81 14.21
CA GLN A 357 -13.41 8.52 14.51
C GLN A 357 -11.89 8.59 14.37
N VAL A 358 -11.41 9.25 13.32
CA VAL A 358 -9.96 9.41 13.13
C VAL A 358 -9.32 10.15 14.31
N LEU A 359 -9.93 11.25 14.74
CA LEU A 359 -9.41 12.02 15.86
C LEU A 359 -9.52 11.26 17.19
N LYS A 360 -10.59 10.49 17.37
CA LYS A 360 -10.78 9.71 18.58
C LYS A 360 -9.71 8.63 18.67
N THR A 361 -9.53 7.89 17.58
CA THR A 361 -8.51 6.85 17.51
C THR A 361 -7.11 7.41 17.78
N GLU A 362 -6.79 8.55 17.14
CA GLU A 362 -5.48 9.15 17.33
C GLU A 362 -5.22 9.58 18.78
N GLU A 363 -6.22 10.17 19.42
CA GLU A 363 -6.06 10.58 20.82
C GLU A 363 -5.91 9.37 21.75
N GLU A 364 -6.74 8.35 21.55
CA GLU A 364 -6.63 7.13 22.35
C GLU A 364 -5.26 6.49 22.20
N GLN A 365 -4.76 6.43 20.96
CA GLN A 365 -3.43 5.91 20.68
C GLN A 365 -2.34 6.67 21.44
N PHE A 366 -2.40 8.00 21.40
CA PHE A 366 -1.40 8.83 22.08
C PHE A 366 -1.52 8.76 23.61
N ALA A 367 -2.74 8.58 24.10
CA ALA A 367 -2.99 8.48 25.54
C ALA A 367 -2.22 7.31 26.16
N ARG A 368 -1.87 6.33 25.33
CA ARG A 368 -1.11 5.17 25.78
C ARG A 368 0.26 5.56 26.34
N THR A 369 0.79 6.70 25.91
CA THR A 369 2.11 7.15 26.34
C THR A 369 2.19 8.59 26.86
N LEU A 370 1.12 9.36 26.67
CA LEU A 370 1.16 10.80 26.99
C LEU A 370 1.52 11.10 28.45
N GLU A 371 0.70 10.64 29.38
CA GLU A 371 0.96 10.90 30.79
C GLU A 371 2.30 10.34 31.24
N ARG A 372 2.63 9.14 30.78
CA ARG A 372 3.91 8.53 31.12
C ARG A 372 5.08 9.35 30.58
N GLY A 373 4.95 9.84 29.34
CA GLY A 373 5.98 10.69 28.75
C GLY A 373 6.12 12.03 29.45
N LEU A 374 4.99 12.61 29.85
CA LEU A 374 5.02 13.87 30.57
C LEU A 374 5.65 13.69 31.94
N ALA A 375 5.38 12.54 32.57
CA ALA A 375 6.00 12.23 33.85
C ALA A 375 7.51 12.16 33.74
N LEU A 376 8.00 11.51 32.68
CA LEU A 376 9.45 11.46 32.43
C LEU A 376 10.04 12.84 32.17
N LEU A 377 9.34 13.64 31.36
CA LEU A 377 9.80 14.99 31.05
C LEU A 377 9.88 15.85 32.32
N ASP A 378 8.89 15.73 33.19
CA ASP A 378 8.92 16.42 34.48
C ASP A 378 10.13 15.98 35.31
N GLU A 379 10.36 14.67 35.37
CA GLU A 379 11.49 14.11 36.11
CA GLU A 379 11.49 14.12 36.11
C GLU A 379 12.82 14.68 35.62
N GLU A 380 12.96 14.79 34.29
CA GLU A 380 14.21 15.28 33.70
C GLU A 380 14.39 16.79 33.85
N LEU A 381 13.29 17.53 33.83
CA LEU A 381 13.35 18.99 33.97
C LEU A 381 13.63 19.39 35.42
N ALA A 382 13.13 18.59 36.35
CA ALA A 382 13.31 18.87 37.78
C ALA A 382 14.78 18.78 38.21
N LYS A 383 15.56 17.96 37.51
CA LYS A 383 16.96 17.77 37.85
C LYS A 383 17.88 18.36 36.78
N LEU A 384 17.29 19.09 35.84
CA LEU A 384 18.05 19.69 34.75
C LEU A 384 18.87 20.89 35.23
N SER A 385 20.15 20.90 34.89
CA SER A 385 21.01 22.03 35.18
C SER A 385 21.18 22.86 33.91
N GLY A 386 20.63 24.07 33.93
CA GLY A 386 20.69 24.96 32.76
C GLY A 386 19.33 25.22 32.14
N ASP A 387 19.33 25.88 30.99
CA ASP A 387 18.08 26.29 30.35
C ASP A 387 17.73 25.46 29.11
N THR A 388 18.48 24.39 28.87
CA THR A 388 18.29 23.57 27.67
C THR A 388 18.18 22.08 27.98
N LEU A 389 17.09 21.47 27.54
CA LEU A 389 16.92 20.02 27.63
C LEU A 389 17.86 19.31 26.65
N ASP A 390 18.54 18.29 27.12
CA ASP A 390 19.48 17.54 26.30
C ASP A 390 18.76 16.80 25.17
N GLY A 391 19.47 16.61 24.06
CA GLY A 391 18.91 15.93 22.90
C GLY A 391 18.61 14.46 23.10
N GLU A 392 19.35 13.82 24.01
CA GLU A 392 19.12 12.42 24.31
C GLU A 392 17.75 12.22 24.93
N THR A 393 17.35 13.14 25.82
CA THR A 393 16.05 13.07 26.47
C THR A 393 14.92 13.34 25.47
N ALA A 394 15.10 14.37 24.63
CA ALA A 394 14.13 14.68 23.59
C ALA A 394 13.95 13.47 22.66
N PHE A 395 15.06 12.84 22.31
CA PHE A 395 15.03 11.65 21.46
C PHE A 395 14.33 10.47 22.13
N ARG A 396 14.58 10.28 23.43
CA ARG A 396 13.94 9.20 24.17
C ARG A 396 12.43 9.39 24.22
N LEU A 397 11.99 10.63 24.41
CA LEU A 397 10.56 10.95 24.41
C LEU A 397 9.96 10.69 23.04
N TYR A 398 10.73 10.96 22.00
CA TYR A 398 10.33 10.68 20.62
C TYR A 398 10.25 9.17 20.37
N ASP A 399 11.33 8.47 20.67
CA ASP A 399 11.46 7.06 20.30
C ASP A 399 10.59 6.13 21.14
N THR A 400 10.52 6.39 22.44
CA THR A 400 9.75 5.54 23.35
C THR A 400 8.28 5.99 23.50
N TYR A 401 8.06 7.28 23.61
CA TYR A 401 6.72 7.79 23.94
C TYR A 401 5.98 8.43 22.76
N GLY A 402 6.65 8.54 21.62
CA GLY A 402 6.03 9.09 20.42
C GLY A 402 5.79 10.59 20.51
N PHE A 403 6.65 11.28 21.25
CA PHE A 403 6.60 12.73 21.37
C PHE A 403 7.38 13.39 20.23
N PRO A 404 6.69 14.04 19.29
CA PRO A 404 7.46 14.78 18.29
C PRO A 404 8.31 15.83 19.00
N VAL A 405 9.48 16.15 18.43
CA VAL A 405 10.41 17.07 19.08
C VAL A 405 9.81 18.47 19.32
N ASP A 406 8.91 18.90 18.43
CA ASP A 406 8.27 20.20 18.59
C ASP A 406 7.19 20.20 19.68
N LEU A 407 6.63 19.02 19.96
CA LEU A 407 5.70 18.87 21.07
C LEU A 407 6.48 18.98 22.40
N THR A 408 7.63 18.33 22.46
CA THR A 408 8.51 18.42 23.63
C THR A 408 8.99 19.86 23.84
N ALA A 409 9.40 20.51 22.75
CA ALA A 409 9.82 21.90 22.80
C ALA A 409 8.69 22.83 23.26
N ASP A 410 7.46 22.52 22.86
CA ASP A 410 6.28 23.29 23.25
C ASP A 410 6.08 23.28 24.77
N VAL A 411 6.20 22.11 25.38
CA VAL A 411 6.08 21.97 26.83
C VAL A 411 7.20 22.71 27.55
N CYS A 412 8.42 22.57 27.03
CA CYS A 412 9.59 23.19 27.65
C CYS A 412 9.55 24.72 27.51
N ARG A 413 9.01 25.20 26.39
CA ARG A 413 8.88 26.63 26.15
C ARG A 413 8.03 27.30 27.23
N GLU A 414 6.98 26.60 27.66
CA GLU A 414 6.07 27.11 28.70
C GLU A 414 6.76 27.28 30.04
N ARG A 415 7.91 26.64 30.20
CA ARG A 415 8.66 26.73 31.45
C ARG A 415 10.00 27.42 31.21
N ASN A 416 10.06 28.18 30.12
CA ASN A 416 11.27 28.92 29.74
C ASN A 416 12.50 28.03 29.57
N ILE A 417 12.28 26.84 29.01
CA ILE A 417 13.35 25.89 28.74
C ILE A 417 13.44 25.61 27.24
N LYS A 418 14.66 25.61 26.72
CA LYS A 418 14.90 25.30 25.31
C LYS A 418 15.18 23.81 25.13
N VAL A 419 15.20 23.37 23.87
CA VAL A 419 15.56 22.00 23.55
C VAL A 419 16.77 22.00 22.63
N ASP A 420 17.72 21.10 22.90
CA ASP A 420 18.90 20.98 22.06
C ASP A 420 18.53 20.24 20.77
N GLU A 421 18.13 21.01 19.76
CA GLU A 421 17.70 20.45 18.48
C GLU A 421 18.83 19.71 17.76
N ALA A 422 20.03 20.28 17.84
CA ALA A 422 21.20 19.65 17.25
C ALA A 422 21.49 18.29 17.90
N GLY A 423 21.30 18.23 19.21
CA GLY A 423 21.47 16.98 19.95
C GLY A 423 20.45 15.93 19.57
N PHE A 424 19.20 16.38 19.42
CA PHE A 424 18.12 15.50 18.98
C PHE A 424 18.40 14.93 17.60
N GLU A 425 18.81 15.80 16.68
CA GLU A 425 19.14 15.38 15.32
C GLU A 425 20.34 14.44 15.28
N ALA A 426 21.32 14.68 16.14
CA ALA A 426 22.49 13.80 16.25
C ALA A 426 22.07 12.40 16.70
N ALA A 427 21.15 12.35 17.67
CA ALA A 427 20.61 11.09 18.17
C ALA A 427 19.82 10.36 17.09
N MET A 428 19.03 11.11 16.31
CA MET A 428 18.27 10.52 15.22
CA MET A 428 18.27 10.56 15.19
C MET A 428 19.20 9.94 14.17
N GLU A 429 20.25 10.69 13.83
CA GLU A 429 21.23 10.23 12.85
C GLU A 429 22.00 9.00 13.33
N GLU A 430 22.36 8.97 14.61
CA GLU A 430 23.00 7.79 15.21
C GLU A 430 22.12 6.54 15.04
N GLN A 431 20.81 6.71 15.25
CA GLN A 431 19.89 5.59 15.10
C GLN A 431 19.79 5.14 13.65
N ARG A 432 19.77 6.10 12.73
CA ARG A 432 19.75 5.77 11.30
C ARG A 432 20.98 4.97 10.90
N ARG A 433 22.14 5.34 11.44
CA ARG A 433 23.38 4.61 11.20
C ARG A 433 23.28 3.18 11.72
N ARG A 434 22.69 3.01 12.90
CA ARG A 434 22.48 1.67 13.45
C ARG A 434 21.58 0.85 12.54
N ALA A 435 20.52 1.46 12.03
CA ALA A 435 19.59 0.77 11.12
C ALA A 435 20.30 0.35 9.84
N ARG A 436 21.09 1.26 9.26
CA ARG A 436 21.86 0.94 8.05
C ARG A 436 22.86 -0.18 8.28
N GLU A 437 23.57 -0.13 9.42
CA GLU A 437 24.54 -1.16 9.75
CA GLU A 437 24.54 -1.15 9.78
C GLU A 437 23.89 -2.54 9.90
N ALA A 438 22.73 -2.58 10.55
CA ALA A 438 22.03 -3.85 10.74
C ALA A 438 21.35 -4.37 9.47
N SER A 439 20.80 -3.46 8.66
CA SER A 439 20.08 -3.85 7.45
CA SER A 439 20.08 -3.84 7.44
C SER A 439 21.02 -4.28 6.32
N GLY A 440 22.20 -3.66 6.26
CA GLY A 440 23.19 -4.01 5.25
C GLY A 440 22.94 -3.34 3.91
N PHE A 441 23.25 -4.06 2.84
CA PHE A 441 23.21 -3.47 1.48
C PHE A 441 21.81 -3.03 1.06
N SER B 1 37.98 -28.42 -20.95
CA SER B 1 38.18 -27.09 -20.31
C SER B 1 37.35 -26.94 -19.04
N LYS B 2 37.63 -25.89 -18.27
CA LYS B 2 36.90 -25.63 -17.03
C LYS B 2 35.50 -25.11 -17.30
N SER B 3 34.55 -25.56 -16.49
CA SER B 3 33.18 -25.09 -16.60
C SER B 3 33.08 -23.67 -16.04
N THR B 4 31.96 -23.00 -16.32
CA THR B 4 31.74 -21.67 -15.78
C THR B 4 31.79 -21.69 -14.25
N ALA B 5 31.19 -22.72 -13.66
CA ALA B 5 31.20 -22.90 -12.20
C ALA B 5 32.62 -23.07 -11.64
N GLU B 6 33.43 -23.87 -12.33
CA GLU B 6 34.83 -24.10 -11.92
C GLU B 6 35.67 -22.83 -12.03
N ILE B 7 35.42 -22.04 -13.06
CA ILE B 7 36.11 -20.78 -13.27
C ILE B 7 35.77 -19.79 -12.16
N ARG B 8 34.48 -19.69 -11.85
CA ARG B 8 34.01 -18.83 -10.75
C ARG B 8 34.70 -19.23 -9.45
N GLN B 9 34.74 -20.52 -9.16
CA GLN B 9 35.35 -21.01 -7.92
C GLN B 9 36.86 -20.80 -7.90
N ALA B 10 37.50 -21.01 -9.05
CA ALA B 10 38.96 -20.88 -9.14
C ALA B 10 39.41 -19.44 -8.89
N PHE B 11 38.64 -18.48 -9.41
CA PHE B 11 38.92 -17.07 -9.18
C PHE B 11 38.88 -16.75 -7.67
N LEU B 12 37.81 -17.18 -7.01
CA LEU B 12 37.64 -16.95 -5.59
C LEU B 12 38.72 -17.67 -4.77
N ASP B 13 39.08 -18.88 -5.18
CA ASP B 13 40.13 -19.65 -4.52
C ASP B 13 41.47 -18.93 -4.62
N PHE B 14 41.74 -18.35 -5.79
CA PHE B 14 42.99 -17.63 -6.01
C PHE B 14 43.14 -16.47 -5.03
N PHE B 15 42.12 -15.61 -4.96
CA PHE B 15 42.19 -14.45 -4.09
C PHE B 15 42.09 -14.80 -2.61
N HIS B 16 41.32 -15.84 -2.29
CA HIS B 16 41.29 -16.36 -0.93
C HIS B 16 42.69 -16.80 -0.49
N SER B 17 43.42 -17.48 -1.38
CA SER B 17 44.78 -17.91 -1.08
C SER B 17 45.72 -16.72 -0.95
N LYS B 18 45.32 -15.58 -1.49
CA LYS B 18 46.08 -14.34 -1.34
C LYS B 18 45.52 -13.47 -0.21
N GLY B 19 44.86 -14.10 0.74
CA GLY B 19 44.41 -13.40 1.95
C GLY B 19 43.14 -12.57 1.82
N HIS B 20 42.41 -12.73 0.73
CA HIS B 20 41.16 -11.99 0.54
C HIS B 20 39.98 -12.71 1.20
N GLN B 21 39.20 -11.96 1.97
CA GLN B 21 37.97 -12.49 2.56
C GLN B 21 36.95 -12.74 1.46
N VAL B 22 36.44 -13.96 1.37
CA VAL B 22 35.38 -14.28 0.42
C VAL B 22 34.05 -13.77 0.96
N VAL B 23 33.42 -12.86 0.22
CA VAL B 23 32.14 -12.30 0.61
C VAL B 23 31.08 -12.71 -0.40
N ALA B 24 29.89 -13.05 0.09
CA ALA B 24 28.80 -13.47 -0.78
C ALA B 24 28.30 -12.32 -1.65
N SER B 25 27.87 -12.66 -2.85
CA SER B 25 27.19 -11.71 -3.72
C SER B 25 26.07 -11.01 -2.96
N SER B 26 25.96 -9.71 -3.14
CA SER B 26 24.79 -8.99 -2.63
C SER B 26 23.60 -9.25 -3.54
N SER B 27 22.42 -8.83 -3.09
CA SER B 27 21.23 -8.83 -3.91
C SER B 27 21.39 -7.86 -5.07
N LEU B 28 20.51 -7.98 -6.07
CA LEU B 28 20.44 -7.04 -7.18
C LEU B 28 19.71 -5.76 -6.78
N VAL B 29 19.04 -5.79 -5.62
CA VAL B 29 18.26 -4.66 -5.16
C VAL B 29 18.80 -4.13 -3.84
N PRO B 30 19.35 -2.91 -3.84
CA PRO B 30 19.83 -2.30 -2.60
C PRO B 30 18.70 -1.86 -1.69
N HIS B 31 18.91 -1.98 -0.38
CA HIS B 31 17.95 -1.51 0.59
C HIS B 31 18.31 -0.09 1.03
N ASN B 32 19.60 0.24 0.99
CA ASN B 32 20.10 1.50 1.55
C ASN B 32 20.93 2.35 0.57
N ASP B 33 20.55 2.34 -0.70
CA ASP B 33 21.20 3.22 -1.69
C ASP B 33 20.17 3.78 -2.67
N PRO B 34 19.63 4.97 -2.37
CA PRO B 34 18.59 5.60 -3.18
C PRO B 34 19.05 6.04 -4.56
N THR B 35 20.37 6.11 -4.75
CA THR B 35 20.93 6.50 -6.03
C THR B 35 21.06 5.34 -7.02
N LEU B 36 20.77 4.12 -6.55
CA LEU B 36 21.06 2.92 -7.30
C LEU B 36 19.81 2.14 -7.71
N LEU B 37 19.58 1.99 -9.02
CA LEU B 37 18.44 1.23 -9.52
C LEU B 37 18.59 -0.27 -9.23
N PHE B 38 19.57 -0.89 -9.89
CA PHE B 38 19.93 -2.28 -9.61
C PHE B 38 21.44 -2.37 -9.44
N THR B 39 21.89 -3.40 -8.72
CA THR B 39 23.32 -3.62 -8.53
C THR B 39 24.00 -3.72 -9.89
N ASN B 40 24.94 -2.82 -10.14
CA ASN B 40 25.60 -2.77 -11.45
C ASN B 40 27.10 -3.05 -11.40
N ALA B 41 27.61 -3.34 -10.22
CA ALA B 41 29.02 -3.67 -10.03
C ALA B 41 29.27 -4.40 -8.72
N GLY B 42 30.32 -5.22 -8.68
CA GLY B 42 30.75 -5.86 -7.44
C GLY B 42 30.99 -4.89 -6.31
N MET B 43 31.44 -3.68 -6.64
CA MET B 43 31.78 -2.70 -5.60
C MET B 43 30.59 -2.06 -4.88
N ASN B 44 29.39 -2.20 -5.44
CA ASN B 44 28.21 -1.53 -4.87
C ASN B 44 28.05 -1.77 -3.36
N GLN B 45 28.17 -3.03 -2.93
CA GLN B 45 27.94 -3.37 -1.53
C GLN B 45 29.08 -2.91 -0.62
N PHE B 46 30.17 -2.46 -1.22
CA PHE B 46 31.33 -1.97 -0.47
C PHE B 46 31.48 -0.45 -0.63
N LYS B 47 30.45 0.20 -1.19
CA LYS B 47 30.50 1.63 -1.48
C LYS B 47 30.90 2.46 -0.25
N ASP B 48 30.23 2.21 0.87
CA ASP B 48 30.51 2.94 2.12
C ASP B 48 31.88 2.61 2.70
N VAL B 49 32.41 1.44 2.36
CA VAL B 49 33.76 1.07 2.78
C VAL B 49 34.78 1.96 2.07
N PHE B 50 34.61 2.11 0.75
CA PHE B 50 35.47 3.01 -0.04
C PHE B 50 35.36 4.47 0.40
N LEU B 51 34.18 4.87 0.87
CA LEU B 51 33.96 6.23 1.35
C LEU B 51 34.53 6.43 2.77
N GLY B 52 34.91 5.33 3.41
CA GLY B 52 35.45 5.39 4.76
C GLY B 52 34.39 5.59 5.82
N LEU B 53 33.14 5.29 5.46
CA LEU B 53 32.01 5.44 6.40
C LEU B 53 31.74 4.12 7.11
N ASP B 54 32.10 3.03 6.44
CA ASP B 54 31.87 1.69 6.97
C ASP B 54 33.20 0.96 7.01
N LYS B 55 33.53 0.37 8.15
CA LYS B 55 34.75 -0.43 8.23
C LYS B 55 34.41 -1.89 8.49
N ARG B 56 35.21 -2.77 7.88
CA ARG B 56 35.03 -4.20 8.01
C ARG B 56 36.21 -4.76 8.79
N ASN B 57 36.10 -6.01 9.22
CA ASN B 57 37.18 -6.67 9.93
C ASN B 57 38.28 -7.14 8.97
N TYR B 58 38.02 -7.01 7.68
CA TYR B 58 38.98 -7.37 6.65
C TYR B 58 39.31 -6.16 5.79
N SER B 59 40.52 -6.13 5.24
CA SER B 59 40.94 -4.98 4.44
C SER B 59 41.07 -5.35 2.96
N ARG B 60 40.80 -6.61 2.65
CA ARG B 60 40.79 -7.08 1.27
C ARG B 60 39.73 -8.17 1.13
N ALA B 61 39.05 -8.16 -0.02
CA ALA B 61 37.92 -9.06 -0.22
C ALA B 61 37.78 -9.50 -1.67
N THR B 62 37.01 -10.56 -1.88
CA THR B 62 36.76 -11.08 -3.21
C THR B 62 35.32 -11.61 -3.29
N THR B 63 34.64 -11.30 -4.39
CA THR B 63 33.26 -11.75 -4.59
C THR B 63 33.00 -12.14 -6.03
N SER B 64 31.97 -12.95 -6.25
CA SER B 64 31.40 -13.11 -7.58
C SER B 64 30.00 -12.51 -7.53
N GLN B 65 29.87 -11.30 -8.06
CA GLN B 65 28.67 -10.49 -7.87
C GLN B 65 27.72 -10.57 -9.05
N ARG B 66 26.46 -10.91 -8.80
CA ARG B 66 25.45 -10.82 -9.85
C ARG B 66 25.10 -9.36 -10.11
N CYS B 67 25.10 -8.97 -11.40
CA CYS B 67 24.86 -7.59 -11.79
C CYS B 67 23.79 -7.53 -12.87
N VAL B 68 23.02 -6.45 -12.87
CA VAL B 68 22.12 -6.15 -13.97
C VAL B 68 22.40 -4.72 -14.44
N ARG B 69 22.71 -4.58 -15.73
CA ARG B 69 22.92 -3.27 -16.32
C ARG B 69 21.83 -3.02 -17.36
N ALA B 70 20.70 -2.49 -16.89
CA ALA B 70 19.53 -2.30 -17.72
C ALA B 70 18.85 -0.97 -17.44
N GLY B 71 19.60 -0.04 -16.88
CA GLY B 71 19.09 1.28 -16.55
C GLY B 71 20.10 2.00 -15.69
N GLY B 72 19.89 3.28 -15.46
CA GLY B 72 20.81 4.08 -14.68
C GLY B 72 22.09 4.42 -15.42
N LYS B 73 23.20 4.46 -14.68
CA LYS B 73 24.49 4.85 -15.22
C LYS B 73 25.00 3.88 -16.29
N HIS B 74 24.83 2.59 -16.04
CA HIS B 74 25.34 1.55 -16.92
C HIS B 74 24.19 0.69 -17.41
N ASN B 75 23.84 0.87 -18.68
CA ASN B 75 22.69 0.22 -19.28
C ASN B 75 23.05 -0.42 -20.61
N ASP B 76 23.03 -1.75 -20.65
CA ASP B 76 23.45 -2.49 -21.84
C ASP B 76 22.31 -3.23 -22.52
N LEU B 77 21.08 -2.95 -22.11
CA LEU B 77 19.89 -3.62 -22.64
C LEU B 77 19.85 -3.61 -24.17
N GLU B 78 20.15 -2.47 -24.77
CA GLU B 78 20.04 -2.32 -26.23
C GLU B 78 21.20 -2.97 -27.00
N ASN B 79 22.23 -3.41 -26.27
CA ASN B 79 23.35 -4.15 -26.86
C ASN B 79 23.08 -5.65 -26.96
N VAL B 80 22.13 -6.14 -26.17
CA VAL B 80 21.90 -7.58 -26.08
C VAL B 80 21.39 -8.15 -27.40
N GLY B 81 22.04 -9.21 -27.87
CA GLY B 81 21.69 -9.82 -29.15
C GLY B 81 22.44 -9.22 -30.32
N TYR B 82 23.03 -8.04 -30.10
CA TYR B 82 23.78 -7.34 -31.15
C TYR B 82 25.30 -7.48 -31.00
N THR B 83 25.75 -7.88 -29.82
CA THR B 83 27.16 -8.22 -29.62
C THR B 83 27.29 -9.57 -28.93
N ALA B 84 28.50 -10.14 -28.98
CA ALA B 84 28.77 -11.42 -28.37
C ALA B 84 29.21 -11.27 -26.92
N ARG B 85 29.23 -10.02 -26.42
CA ARG B 85 29.85 -9.73 -25.13
C ARG B 85 28.96 -9.01 -24.11
N HIS B 86 27.79 -8.54 -24.55
CA HIS B 86 26.91 -7.76 -23.66
C HIS B 86 25.70 -8.55 -23.17
N HIS B 87 25.46 -8.48 -21.85
CA HIS B 87 24.29 -9.07 -21.23
C HIS B 87 23.57 -8.01 -20.38
N THR B 88 22.33 -8.28 -20.01
CA THR B 88 21.68 -7.49 -18.96
C THR B 88 22.17 -8.01 -17.61
N PHE B 89 22.03 -9.33 -17.40
CA PHE B 89 22.50 -9.99 -16.19
C PHE B 89 23.86 -10.64 -16.47
N PHE B 90 24.82 -10.40 -15.58
CA PHE B 90 26.12 -11.06 -15.68
C PHE B 90 26.80 -11.06 -14.32
N GLU B 91 27.86 -11.84 -14.19
CA GLU B 91 28.60 -11.89 -12.93
C GLU B 91 29.96 -11.21 -13.07
N MET B 92 30.31 -10.43 -12.05
CA MET B 92 31.64 -9.84 -11.95
C MET B 92 32.47 -10.60 -10.94
N LEU B 93 33.64 -11.07 -11.39
CA LEU B 93 34.63 -11.67 -10.52
C LEU B 93 35.54 -10.55 -10.02
N GLY B 94 35.44 -10.23 -8.74
CA GLY B 94 36.12 -9.06 -8.22
C GLY B 94 37.08 -9.28 -7.06
N ASN B 95 38.14 -8.49 -7.02
CA ASN B 95 38.93 -8.35 -5.81
C ASN B 95 38.96 -6.90 -5.36
N PHE B 96 39.05 -6.68 -4.05
CA PHE B 96 38.91 -5.34 -3.48
C PHE B 96 39.99 -5.10 -2.42
N SER B 97 40.59 -3.91 -2.47
CA SER B 97 41.55 -3.48 -1.47
C SER B 97 41.01 -2.23 -0.80
N PHE B 98 40.74 -2.33 0.50
CA PHE B 98 40.24 -1.20 1.27
C PHE B 98 41.37 -0.57 2.06
N GLY B 99 42.17 0.26 1.40
CA GLY B 99 43.31 0.90 2.04
C GLY B 99 44.39 -0.12 2.39
N ASP B 100 44.48 -1.16 1.57
CA ASP B 100 45.43 -2.25 1.79
C ASP B 100 46.58 -2.12 0.79
N TYR B 101 46.53 -2.87 -0.31
CA TYR B 101 47.51 -2.73 -1.39
C TYR B 101 46.99 -1.77 -2.45
N PHE B 102 47.84 -1.33 -3.37
CA PHE B 102 47.42 -0.37 -4.38
C PHE B 102 47.78 -0.80 -5.82
N LYS B 103 48.30 0.13 -6.62
CA LYS B 103 48.43 -0.09 -8.07
C LYS B 103 49.25 -1.31 -8.50
N LEU B 104 50.49 -1.38 -8.04
CA LEU B 104 51.39 -2.44 -8.47
C LEU B 104 50.86 -3.83 -8.12
N ASP B 105 50.48 -4.03 -6.87
CA ASP B 105 50.01 -5.35 -6.45
C ASP B 105 48.65 -5.74 -7.05
N ALA B 106 47.79 -4.76 -7.31
CA ALA B 106 46.53 -5.04 -8.00
C ALA B 106 46.80 -5.60 -9.40
N ILE B 107 47.71 -4.96 -10.12
CA ILE B 107 48.07 -5.36 -11.47
C ILE B 107 48.77 -6.72 -11.46
N LEU B 108 49.67 -6.93 -10.50
CA LEU B 108 50.39 -8.20 -10.40
C LEU B 108 49.47 -9.38 -10.10
N PHE B 109 48.52 -9.21 -9.17
CA PHE B 109 47.54 -10.26 -8.86
C PHE B 109 46.79 -10.67 -10.12
N ALA B 110 46.33 -9.68 -10.88
CA ALA B 110 45.54 -9.93 -12.09
C ALA B 110 46.36 -10.65 -13.16
N TRP B 111 47.57 -10.16 -13.40
CA TRP B 111 48.46 -10.76 -14.40
C TRP B 111 48.82 -12.19 -14.01
N LEU B 112 49.09 -12.43 -12.73
CA LEU B 112 49.44 -13.76 -12.25
C LEU B 112 48.30 -14.76 -12.47
N LEU B 113 47.09 -14.40 -12.05
CA LEU B 113 45.94 -15.29 -12.24
C LEU B 113 45.71 -15.58 -13.72
N LEU B 114 45.81 -14.55 -14.55
CA LEU B 114 45.54 -14.71 -15.98
C LEU B 114 46.59 -15.52 -16.73
N THR B 115 47.87 -15.30 -16.42
CA THR B 115 48.94 -15.80 -17.28
C THR B 115 49.86 -16.87 -16.70
N SER B 116 49.79 -17.07 -15.38
CA SER B 116 50.65 -18.08 -14.76
C SER B 116 50.30 -19.48 -15.19
N GLU B 117 51.32 -20.30 -15.47
CA GLU B 117 51.15 -21.71 -15.82
C GLU B 117 50.38 -22.43 -14.72
N LYS B 118 50.44 -21.89 -13.50
CA LYS B 118 49.79 -22.49 -12.33
C LYS B 118 48.31 -22.16 -12.26
N TRP B 119 47.90 -21.12 -12.99
CA TRP B 119 46.51 -20.66 -12.94
C TRP B 119 45.86 -20.69 -14.32
N PHE B 120 45.36 -19.56 -14.81
CA PHE B 120 44.61 -19.59 -16.07
C PHE B 120 45.48 -19.80 -17.32
N ALA B 121 46.77 -19.50 -17.21
CA ALA B 121 47.73 -19.79 -18.27
C ALA B 121 47.35 -19.24 -19.65
N LEU B 122 46.84 -18.01 -19.69
CA LEU B 122 46.48 -17.41 -20.97
C LEU B 122 47.73 -17.02 -21.73
N PRO B 123 47.71 -17.16 -23.07
CA PRO B 123 48.83 -16.71 -23.89
C PRO B 123 49.09 -15.21 -23.71
N LYS B 124 50.24 -14.87 -23.15
CA LYS B 124 50.55 -13.47 -22.85
C LYS B 124 50.50 -12.56 -24.07
N GLU B 125 50.85 -13.12 -25.24
CA GLU B 125 50.92 -12.33 -26.47
C GLU B 125 49.56 -11.87 -26.99
N ARG B 126 48.48 -12.48 -26.50
CA ARG B 126 47.14 -12.10 -26.93
C ARG B 126 46.49 -11.09 -25.98
N LEU B 127 47.23 -10.68 -24.95
CA LEU B 127 46.70 -9.76 -23.97
C LEU B 127 47.19 -8.33 -24.20
N TRP B 128 46.24 -7.40 -24.19
CA TRP B 128 46.50 -5.98 -24.36
C TRP B 128 46.01 -5.25 -23.11
N VAL B 129 46.62 -4.11 -22.80
CA VAL B 129 46.16 -3.31 -21.67
C VAL B 129 45.96 -1.85 -22.04
N THR B 130 44.98 -1.21 -21.39
CA THR B 130 44.77 0.22 -21.51
C THR B 130 45.00 0.89 -20.17
N VAL B 131 45.49 2.11 -20.20
CA VAL B 131 45.62 2.92 -19.01
C VAL B 131 45.03 4.30 -19.28
N TYR B 132 44.68 5.00 -18.21
CA TYR B 132 44.24 6.39 -18.32
C TYR B 132 45.45 7.21 -18.76
N GLU B 133 45.24 8.09 -19.74
CA GLU B 133 46.34 8.83 -20.36
C GLU B 133 47.31 9.47 -19.36
N SER B 134 46.76 10.06 -18.30
CA SER B 134 47.57 10.74 -17.29
C SER B 134 48.14 9.81 -16.23
N ASP B 135 47.78 8.53 -16.29
CA ASP B 135 48.25 7.56 -15.31
C ASP B 135 49.62 6.98 -15.71
N ASP B 136 50.66 7.78 -15.51
CA ASP B 136 52.02 7.39 -15.86
C ASP B 136 52.50 6.20 -15.01
N GLU B 137 52.02 6.14 -13.77
CA GLU B 137 52.39 5.06 -12.87
C GLU B 137 51.91 3.70 -13.38
N ALA B 138 50.65 3.63 -13.80
CA ALA B 138 50.10 2.40 -14.37
C ALA B 138 50.83 2.01 -15.66
N TYR B 139 51.12 2.99 -16.51
CA TYR B 139 51.88 2.72 -17.73
C TYR B 139 53.22 2.07 -17.41
N GLU B 140 53.96 2.66 -16.46
CA GLU B 140 55.27 2.13 -16.04
C GLU B 140 55.19 0.72 -15.49
N ILE B 141 54.17 0.44 -14.68
CA ILE B 141 53.98 -0.88 -14.10
C ILE B 141 53.81 -1.95 -15.18
N TRP B 142 52.93 -1.71 -16.13
CA TRP B 142 52.72 -2.67 -17.22
C TRP B 142 53.99 -2.84 -18.04
N GLU B 143 54.66 -1.73 -18.36
CA GLU B 143 55.84 -1.77 -19.21
C GLU B 143 57.06 -2.39 -18.53
N LYS B 144 57.37 -1.91 -17.33
CA LYS B 144 58.62 -2.28 -16.66
C LYS B 144 58.49 -3.37 -15.60
N GLU B 145 57.38 -3.38 -14.86
CA GLU B 145 57.20 -4.39 -13.82
C GLU B 145 56.67 -5.71 -14.37
N VAL B 146 55.67 -5.61 -15.24
CA VAL B 146 55.07 -6.79 -15.85
C VAL B 146 55.82 -7.22 -17.11
N GLY B 147 56.16 -6.24 -17.96
CA GLY B 147 56.89 -6.51 -19.19
C GLY B 147 56.02 -6.67 -20.43
N ILE B 148 54.88 -5.99 -20.46
CA ILE B 148 54.07 -5.92 -21.68
C ILE B 148 54.81 -5.06 -22.69
N PRO B 149 54.98 -5.56 -23.92
CA PRO B 149 55.57 -4.74 -24.97
C PRO B 149 54.78 -3.45 -25.14
N ARG B 150 55.48 -2.34 -25.34
CA ARG B 150 54.87 -1.02 -25.41
C ARG B 150 53.76 -0.92 -26.44
N GLU B 151 53.89 -1.69 -27.52
CA GLU B 151 52.90 -1.64 -28.60
C GLU B 151 51.53 -2.17 -28.19
N ARG B 152 51.47 -2.88 -27.07
CA ARG B 152 50.19 -3.39 -26.55
C ARG B 152 49.75 -2.68 -25.27
N ILE B 153 50.40 -1.56 -24.99
CA ILE B 153 49.97 -0.69 -23.89
C ILE B 153 49.37 0.59 -24.48
N ILE B 154 48.08 0.79 -24.27
CA ILE B 154 47.36 1.88 -24.91
C ILE B 154 46.88 2.90 -23.88
N ARG B 155 47.21 4.16 -24.12
CA ARG B 155 46.74 5.26 -23.27
C ARG B 155 45.41 5.82 -23.81
N ILE B 156 44.42 5.89 -22.94
CA ILE B 156 43.11 6.42 -23.31
C ILE B 156 42.78 7.65 -22.46
N GLY B 157 42.44 8.75 -23.14
CA GLY B 157 42.08 9.99 -22.44
C GLY B 157 40.59 10.06 -22.20
N ASP B 158 40.06 11.26 -22.11
CA ASP B 158 38.62 11.44 -21.95
C ASP B 158 37.89 11.30 -23.28
N ASN B 159 37.81 10.06 -23.76
CA ASN B 159 37.29 9.76 -25.09
C ASN B 159 35.77 9.81 -25.21
N LYS B 160 35.09 10.10 -24.09
CA LYS B 160 33.64 10.16 -24.09
C LYS B 160 33.11 11.60 -24.18
N GLY B 161 34.03 12.54 -24.43
CA GLY B 161 33.65 13.90 -24.78
C GLY B 161 33.52 14.90 -23.63
N ALA B 162 33.89 14.48 -22.43
CA ALA B 162 33.78 15.34 -21.26
C ALA B 162 34.87 15.01 -20.23
N PRO B 163 35.18 15.96 -19.34
CA PRO B 163 36.17 15.73 -18.28
C PRO B 163 35.80 14.53 -17.40
N TYR B 164 36.75 13.60 -17.24
CA TYR B 164 36.55 12.36 -16.48
C TYR B 164 35.58 11.38 -17.17
N ALA B 165 35.13 11.74 -18.37
CA ALA B 165 34.29 10.84 -19.16
C ALA B 165 35.19 10.03 -20.07
N SER B 166 35.47 8.80 -19.65
CA SER B 166 36.52 7.99 -20.29
C SER B 166 36.29 6.51 -20.02
N ASP B 167 36.73 5.67 -20.96
CA ASP B 167 36.72 4.23 -20.75
C ASP B 167 37.75 3.86 -19.68
N ASN B 168 38.64 4.79 -19.35
CA ASN B 168 39.65 4.52 -18.34
C ASN B 168 39.54 5.38 -17.08
N PHE B 169 38.32 5.85 -16.84
CA PHE B 169 37.95 6.46 -15.57
C PHE B 169 36.59 5.89 -15.23
N TRP B 170 36.53 5.05 -14.19
CA TRP B 170 35.28 4.37 -13.87
C TRP B 170 34.50 5.08 -12.79
N GLN B 171 33.20 5.24 -13.01
CA GLN B 171 32.31 5.88 -12.06
C GLN B 171 31.16 4.95 -11.74
N MET B 172 30.83 4.84 -10.47
CA MET B 172 29.69 4.03 -10.06
C MET B 172 28.38 4.65 -10.58
N GLY B 173 28.32 5.98 -10.54
CA GLY B 173 27.15 6.71 -11.03
C GLY B 173 27.44 8.19 -11.09
N ASP B 174 26.40 9.00 -11.18
CA ASP B 174 26.56 10.46 -11.17
C ASP B 174 27.27 10.88 -9.89
N THR B 175 27.00 10.14 -8.81
CA THR B 175 27.70 10.33 -7.55
C THR B 175 28.31 9.01 -7.10
N GLY B 176 29.28 9.07 -6.21
CA GLY B 176 29.86 7.86 -5.63
C GLY B 176 31.33 7.68 -5.93
N PRO B 177 31.95 6.65 -5.33
CA PRO B 177 33.36 6.34 -5.53
C PRO B 177 33.72 6.19 -7.01
N CYS B 178 34.88 6.72 -7.39
CA CYS B 178 35.36 6.63 -8.76
C CYS B 178 36.88 6.81 -8.81
N GLY B 179 37.46 6.60 -9.98
CA GLY B 179 38.89 6.83 -10.17
C GLY B 179 39.40 6.31 -11.50
N PRO B 180 40.67 6.61 -11.82
CA PRO B 180 41.31 6.10 -13.02
C PRO B 180 41.38 4.58 -12.96
N CYS B 181 41.34 3.94 -14.12
CA CYS B 181 41.37 2.48 -14.16
C CYS B 181 42.24 1.95 -15.29
N THR B 182 42.59 0.68 -15.19
CA THR B 182 43.35 0.02 -16.24
C THR B 182 42.61 -1.26 -16.64
N GLU B 183 42.52 -1.51 -17.94
CA GLU B 183 41.73 -2.64 -18.42
C GLU B 183 42.59 -3.63 -19.20
N ILE B 184 42.24 -4.90 -19.06
CA ILE B 184 42.93 -5.98 -19.77
C ILE B 184 42.02 -6.55 -20.86
N PHE B 185 42.53 -6.59 -22.08
CA PHE B 185 41.81 -7.08 -23.24
C PHE B 185 42.42 -8.37 -23.77
N TYR B 186 41.56 -9.26 -24.28
CA TYR B 186 42.03 -10.49 -24.92
C TYR B 186 41.67 -10.48 -26.41
N ASP B 187 42.67 -10.73 -27.26
CA ASP B 187 42.46 -10.81 -28.70
C ASP B 187 41.98 -12.20 -29.11
N HIS B 188 40.72 -12.29 -29.57
CA HIS B 188 40.14 -13.58 -29.99
C HIS B 188 40.61 -14.07 -31.37
N GLY B 189 41.21 -13.19 -32.15
CA GLY B 189 41.81 -13.60 -33.43
C GLY B 189 41.18 -13.02 -34.68
N ASP B 190 41.87 -13.18 -35.80
CA ASP B 190 41.47 -12.54 -37.07
C ASP B 190 40.18 -13.10 -37.70
N HIS B 191 39.64 -14.16 -37.12
CA HIS B 191 38.38 -14.71 -37.61
CA HIS B 191 38.37 -14.74 -37.57
C HIS B 191 37.21 -13.87 -37.11
N ILE B 192 37.50 -12.94 -36.20
CA ILE B 192 36.49 -12.03 -35.65
C ILE B 192 36.79 -10.59 -36.08
N TRP B 193 35.75 -9.87 -36.51
CA TRP B 193 35.91 -8.47 -36.90
C TRP B 193 36.19 -7.57 -35.70
N GLY B 194 37.06 -6.58 -35.89
CA GLY B 194 37.36 -5.61 -34.83
C GLY B 194 38.83 -5.25 -34.71
N GLY B 195 39.09 -4.07 -34.15
CA GLY B 195 40.45 -3.62 -33.88
C GLY B 195 40.69 -3.45 -32.39
N PRO B 196 41.96 -3.21 -32.01
CA PRO B 196 42.31 -3.04 -30.59
C PRO B 196 41.70 -1.77 -30.00
N PRO B 197 41.66 -1.67 -28.67
CA PRO B 197 41.12 -0.47 -28.03
C PRO B 197 41.86 0.79 -28.49
N GLY B 198 41.12 1.88 -28.67
CA GLY B 198 41.72 3.12 -29.15
C GLY B 198 41.64 3.26 -30.67
N SER B 199 41.46 2.14 -31.35
CA SER B 199 41.37 2.13 -32.81
C SER B 199 39.93 2.40 -33.28
N PRO B 200 39.76 2.75 -34.57
CA PRO B 200 38.42 2.98 -35.13
C PRO B 200 37.50 1.76 -35.00
N GLU B 201 38.07 0.57 -35.01
CA GLU B 201 37.27 -0.65 -34.96
C GLU B 201 37.25 -1.28 -33.56
N GLU B 202 37.51 -0.47 -32.55
CA GLU B 202 37.61 -0.95 -31.17
C GLU B 202 36.31 -1.58 -30.65
N ASP B 203 35.17 -1.17 -31.21
CA ASP B 203 33.86 -1.63 -30.75
C ASP B 203 33.55 -3.06 -31.20
N GLY B 204 34.42 -3.64 -32.01
CA GLY B 204 34.23 -5.02 -32.47
C GLY B 204 34.40 -6.03 -31.34
N ASP B 205 33.97 -7.27 -31.59
CA ASP B 205 34.04 -8.34 -30.59
C ASP B 205 35.36 -9.11 -30.64
N ARG B 206 36.32 -8.62 -31.40
CA ARG B 206 37.61 -9.31 -31.52
C ARG B 206 38.48 -9.14 -30.27
N TYR B 207 38.74 -7.89 -29.92
CA TYR B 207 39.50 -7.56 -28.71
C TYR B 207 38.53 -7.28 -27.56
N ILE B 208 38.32 -8.29 -26.71
CA ILE B 208 37.31 -8.22 -25.66
C ILE B 208 37.88 -7.71 -24.33
N GLU B 209 37.21 -6.72 -23.76
CA GLU B 209 37.53 -6.23 -22.42
C GLU B 209 37.18 -7.28 -21.36
N ILE B 210 38.20 -7.86 -20.75
CA ILE B 210 38.02 -8.97 -19.80
CA ILE B 210 37.95 -8.95 -19.80
C ILE B 210 38.00 -8.51 -18.33
N TRP B 211 38.96 -7.66 -17.98
CA TRP B 211 39.16 -7.30 -16.58
C TRP B 211 39.41 -5.80 -16.41
N ASN B 212 38.57 -5.14 -15.63
CA ASN B 212 38.78 -3.74 -15.29
C ASN B 212 39.28 -3.57 -13.85
N ILE B 213 40.38 -2.84 -13.69
CA ILE B 213 40.99 -2.62 -12.38
C ILE B 213 40.93 -1.13 -12.05
N VAL B 214 40.10 -0.77 -11.07
CA VAL B 214 39.88 0.63 -10.75
C VAL B 214 40.70 1.07 -9.55
N PHE B 215 41.42 2.17 -9.72
CA PHE B 215 42.13 2.79 -8.61
C PHE B 215 41.26 3.88 -8.00
N MET B 216 40.45 3.49 -7.03
CA MET B 216 39.48 4.38 -6.40
C MET B 216 40.16 5.53 -5.69
N GLN B 217 39.82 6.74 -6.10
CA GLN B 217 40.49 7.94 -5.61
C GLN B 217 39.55 9.06 -5.17
N PHE B 218 38.35 9.10 -5.75
CA PHE B 218 37.43 10.22 -5.52
C PHE B 218 36.02 9.77 -5.19
N ASN B 219 35.26 10.69 -4.59
CA ASN B 219 33.82 10.60 -4.49
C ASN B 219 33.20 11.71 -5.35
N ARG B 220 32.55 11.34 -6.44
CA ARG B 220 31.95 12.34 -7.34
C ARG B 220 30.69 12.93 -6.73
N GLN B 221 30.51 14.24 -6.91
CA GLN B 221 29.32 14.94 -6.44
C GLN B 221 28.34 15.19 -7.59
N ALA B 222 27.10 15.54 -7.24
CA ALA B 222 26.05 15.78 -8.24
C ALA B 222 26.41 16.91 -9.20
N ASP B 223 27.14 17.91 -8.70
CA ASP B 223 27.55 19.05 -9.53
C ASP B 223 28.72 18.68 -10.45
N GLY B 224 29.37 17.57 -10.17
CA GLY B 224 30.46 17.08 -11.01
C GLY B 224 31.84 17.17 -10.38
N THR B 225 31.91 17.82 -9.21
CA THR B 225 33.19 17.99 -8.51
C THR B 225 33.70 16.67 -7.92
N MET B 226 35.03 16.55 -7.81
CA MET B 226 35.66 15.34 -7.31
C MET B 226 36.27 15.56 -5.93
N GLU B 227 35.72 14.87 -4.93
CA GLU B 227 36.28 14.91 -3.58
C GLU B 227 37.07 13.63 -3.29
N PRO B 228 38.31 13.79 -2.82
CA PRO B 228 39.21 12.66 -2.54
C PRO B 228 38.68 11.70 -1.48
N LEU B 229 38.85 10.40 -1.73
CA LEU B 229 38.53 9.39 -0.72
C LEU B 229 39.58 9.39 0.37
N PRO B 230 39.21 8.99 1.59
CA PRO B 230 40.15 8.96 2.72
C PRO B 230 41.38 8.11 2.42
N LYS B 231 41.18 6.97 1.76
CA LYS B 231 42.28 6.07 1.42
C LYS B 231 42.15 5.59 -0.01
N PRO B 232 43.19 5.81 -0.82
CA PRO B 232 43.24 5.25 -2.17
C PRO B 232 43.05 3.74 -2.08
N SER B 233 42.16 3.21 -2.91
CA SER B 233 41.75 1.81 -2.79
C SER B 233 41.62 1.15 -4.16
N VAL B 234 41.34 -0.15 -4.16
CA VAL B 234 41.24 -0.90 -5.42
C VAL B 234 39.88 -1.59 -5.56
N ASP B 235 39.27 -1.41 -6.74
CA ASP B 235 38.02 -2.07 -7.11
C ASP B 235 38.22 -2.72 -8.46
N THR B 236 38.20 -4.05 -8.52
CA THR B 236 38.36 -4.74 -9.80
C THR B 236 37.16 -5.62 -10.15
N ALA B 237 37.04 -5.95 -11.43
CA ALA B 237 35.98 -6.83 -11.90
C ALA B 237 36.31 -7.45 -13.26
N MET B 238 36.33 -8.77 -13.30
CA MET B 238 36.44 -9.52 -14.55
C MET B 238 35.09 -10.18 -14.87
N GLY B 239 34.63 -10.01 -16.11
CA GLY B 239 33.37 -10.60 -16.54
C GLY B 239 33.49 -12.11 -16.63
N LEU B 240 32.72 -12.82 -15.81
CA LEU B 240 32.79 -14.29 -15.75
C LEU B 240 32.51 -14.91 -17.11
N GLU B 241 31.46 -14.43 -17.78
CA GLU B 241 31.05 -14.98 -19.07
C GLU B 241 32.14 -14.75 -20.12
N ARG B 242 32.79 -13.59 -20.06
CA ARG B 242 33.83 -13.25 -21.02
C ARG B 242 35.11 -14.07 -20.85
N ILE B 243 35.57 -14.22 -19.61
CA ILE B 243 36.76 -15.06 -19.36
C ILE B 243 36.43 -16.55 -19.59
N ALA B 244 35.18 -16.93 -19.34
CA ALA B 244 34.74 -18.30 -19.62
C ALA B 244 34.85 -18.60 -21.11
N ALA B 245 34.51 -17.62 -21.94
CA ALA B 245 34.62 -17.76 -23.39
C ALA B 245 36.07 -17.98 -23.80
N VAL B 246 36.98 -17.20 -23.23
CA VAL B 246 38.40 -17.34 -23.47
C VAL B 246 38.90 -18.73 -23.07
N LEU B 247 38.55 -19.14 -21.86
CA LEU B 247 39.04 -20.40 -21.31
C LEU B 247 38.44 -21.64 -21.96
N GLN B 248 37.24 -21.51 -22.49
CA GLN B 248 36.57 -22.63 -23.17
C GLN B 248 36.82 -22.63 -24.67
N HIS B 249 37.70 -21.73 -25.11
CA HIS B 249 38.18 -21.68 -26.49
C HIS B 249 37.07 -21.39 -27.49
N VAL B 250 36.17 -20.49 -27.10
CA VAL B 250 35.12 -19.99 -28.01
C VAL B 250 35.23 -18.48 -28.08
N ASN B 251 34.45 -17.87 -28.96
CA ASN B 251 34.55 -16.43 -29.17
C ASN B 251 33.41 -15.63 -28.54
N SER B 252 32.22 -16.21 -28.52
CA SER B 252 31.05 -15.53 -27.97
C SER B 252 30.70 -16.00 -26.57
N ASN B 253 30.25 -15.06 -25.73
CA ASN B 253 29.73 -15.41 -24.41
C ASN B 253 28.63 -16.46 -24.51
N TYR B 254 27.88 -16.42 -25.61
CA TYR B 254 26.74 -17.32 -25.79
C TYR B 254 27.14 -18.72 -26.20
N ASP B 255 28.45 -18.91 -26.41
CA ASP B 255 28.99 -20.22 -26.75
C ASP B 255 29.60 -20.95 -25.55
N ILE B 256 29.57 -20.32 -24.38
CA ILE B 256 30.07 -20.99 -23.18
C ILE B 256 29.05 -22.05 -22.74
N ASP B 257 29.51 -22.99 -21.91
CA ASP B 257 28.66 -24.11 -21.47
C ASP B 257 27.31 -23.65 -20.93
N LEU B 258 27.33 -22.62 -20.07
CA LEU B 258 26.13 -22.07 -19.46
C LEU B 258 25.09 -21.67 -20.50
N PHE B 259 25.50 -20.87 -21.47
CA PHE B 259 24.56 -20.36 -22.47
C PHE B 259 24.18 -21.39 -23.54
N ARG B 260 25.09 -22.31 -23.85
CA ARG B 260 24.76 -23.37 -24.81
C ARG B 260 23.58 -24.21 -24.28
N THR B 261 23.64 -24.57 -23.01
CA THR B 261 22.57 -25.34 -22.38
C THR B 261 21.28 -24.53 -22.29
N LEU B 262 21.41 -23.26 -21.96
CA LEU B 262 20.25 -22.40 -21.80
C LEU B 262 19.55 -22.14 -23.14
N ILE B 263 20.34 -21.92 -24.19
CA ILE B 263 19.80 -21.66 -25.53
C ILE B 263 19.06 -22.88 -26.09
N GLN B 264 19.56 -24.08 -25.77
CA GLN B 264 18.88 -25.32 -26.12
C GLN B 264 17.50 -25.38 -25.48
N ALA B 265 17.42 -24.98 -24.21
CA ALA B 265 16.16 -24.95 -23.47
C ALA B 265 15.19 -23.95 -24.09
N VAL B 266 15.70 -22.81 -24.52
CA VAL B 266 14.86 -21.80 -25.18
C VAL B 266 14.28 -22.35 -26.48
N ALA B 267 15.13 -23.00 -27.28
CA ALA B 267 14.68 -23.61 -28.52
C ALA B 267 13.60 -24.64 -28.26
N LYS B 268 13.78 -25.44 -27.21
CA LYS B 268 12.82 -26.47 -26.82
C LYS B 268 11.44 -25.89 -26.49
N VAL B 269 11.40 -24.82 -25.71
CA VAL B 269 10.12 -24.27 -25.25
C VAL B 269 9.43 -23.37 -26.28
N THR B 270 10.21 -22.82 -27.20
CA THR B 270 9.65 -21.96 -28.25
C THR B 270 9.34 -22.75 -29.51
N GLY B 271 9.95 -23.92 -29.65
CA GLY B 271 9.77 -24.75 -30.84
C GLY B 271 10.67 -24.33 -31.99
N ALA B 272 11.66 -23.49 -31.70
CA ALA B 272 12.63 -23.07 -32.71
C ALA B 272 13.62 -24.19 -33.01
N THR B 273 14.17 -24.19 -34.22
CA THR B 273 15.13 -25.22 -34.63
C THR B 273 16.48 -24.61 -35.02
N ASP B 274 16.46 -23.36 -35.44
CA ASP B 274 17.68 -22.64 -35.83
C ASP B 274 18.37 -22.07 -34.61
N LEU B 275 19.38 -22.79 -34.10
CA LEU B 275 20.09 -22.41 -32.89
C LEU B 275 20.98 -21.18 -33.05
N SER B 276 20.95 -20.56 -34.23
CA SER B 276 21.79 -19.39 -34.50
C SER B 276 20.99 -18.08 -34.50
N ASN B 277 19.66 -18.20 -34.42
CA ASN B 277 18.79 -17.02 -34.41
C ASN B 277 19.03 -16.17 -33.17
N LYS B 278 19.19 -14.86 -33.37
CA LYS B 278 19.56 -13.97 -32.28
C LYS B 278 18.51 -13.88 -31.17
N SER B 279 17.25 -14.17 -31.50
CA SER B 279 16.16 -14.13 -30.51
C SER B 279 16.36 -15.16 -29.41
N LEU B 280 16.97 -16.29 -29.74
CA LEU B 280 17.30 -17.30 -28.75
C LEU B 280 18.29 -16.76 -27.73
N ARG B 281 19.26 -15.99 -28.20
CA ARG B 281 20.26 -15.37 -27.34
C ARG B 281 19.66 -14.27 -26.47
N VAL B 282 18.77 -13.47 -27.06
CA VAL B 282 18.08 -12.43 -26.31
C VAL B 282 17.23 -13.03 -25.17
N ILE B 283 16.51 -14.10 -25.47
CA ILE B 283 15.66 -14.76 -24.47
C ILE B 283 16.50 -15.42 -23.36
N ALA B 284 17.58 -16.10 -23.76
CA ALA B 284 18.50 -16.70 -22.79
C ALA B 284 19.03 -15.65 -21.82
N ASP B 285 19.37 -14.48 -22.34
CA ASP B 285 19.85 -13.37 -21.51
C ASP B 285 18.74 -12.83 -20.61
N HIS B 286 17.54 -12.66 -21.17
CA HIS B 286 16.45 -12.02 -20.48
C HIS B 286 15.89 -12.85 -19.34
N ILE B 287 15.88 -14.18 -19.49
CA ILE B 287 15.46 -15.03 -18.38
C ILE B 287 16.39 -14.85 -17.17
N ARG B 288 17.68 -14.64 -17.43
CA ARG B 288 18.63 -14.44 -16.32
C ARG B 288 18.30 -13.16 -15.53
N SER B 289 18.21 -12.02 -16.21
CA SER B 289 17.88 -10.79 -15.49
C SER B 289 16.49 -10.87 -14.86
N CYS B 290 15.50 -11.34 -15.61
CA CYS B 290 14.12 -11.38 -15.09
C CYS B 290 13.96 -12.29 -13.88
N ALA B 291 14.44 -13.52 -13.98
CA ALA B 291 14.29 -14.49 -12.89
C ALA B 291 15.02 -14.06 -11.62
N PHE B 292 16.25 -13.58 -11.76
CA PHE B 292 17.04 -13.15 -10.62
C PHE B 292 16.50 -11.87 -9.96
N LEU B 293 15.97 -10.95 -10.77
CA LEU B 293 15.36 -9.73 -10.22
C LEU B 293 14.13 -10.07 -9.37
N ILE B 294 13.30 -10.99 -9.86
CA ILE B 294 12.13 -11.44 -9.10
C ILE B 294 12.55 -12.17 -7.83
N ALA B 295 13.57 -13.01 -7.93
CA ALA B 295 14.10 -13.70 -6.75
C ALA B 295 14.59 -12.71 -5.69
N ASP B 296 15.10 -11.57 -6.16
CA ASP B 296 15.65 -10.55 -5.27
C ASP B 296 14.61 -9.51 -4.84
N GLY B 297 13.35 -9.74 -5.19
CA GLY B 297 12.26 -8.96 -4.62
C GLY B 297 11.49 -8.03 -5.55
N VAL B 298 11.90 -7.95 -6.81
CA VAL B 298 11.21 -7.07 -7.75
C VAL B 298 9.93 -7.71 -8.27
N MET B 299 8.83 -6.95 -8.27
CA MET B 299 7.57 -7.38 -8.84
C MET B 299 7.23 -6.48 -10.01
N PRO B 300 6.70 -7.05 -11.10
CA PRO B 300 6.34 -6.26 -12.27
C PRO B 300 5.33 -5.16 -11.92
N SER B 301 5.51 -3.99 -12.52
CA SER B 301 4.63 -2.85 -12.27
C SER B 301 4.83 -1.84 -13.39
N ASN B 302 4.17 -0.69 -13.26
CA ASN B 302 4.32 0.35 -14.26
C ASN B 302 5.16 1.53 -13.77
N GLU B 303 5.97 1.30 -12.73
CA GLU B 303 6.79 2.37 -12.15
CA GLU B 303 6.81 2.37 -12.18
C GLU B 303 8.17 1.86 -11.72
N ASN B 304 9.18 2.72 -11.83
CA ASN B 304 10.51 2.44 -11.27
C ASN B 304 11.06 1.04 -11.57
N ARG B 305 11.53 0.33 -10.54
CA ARG B 305 12.13 -0.99 -10.74
C ARG B 305 11.18 -1.98 -11.40
N GLY B 306 9.93 -1.98 -10.96
CA GLY B 306 8.95 -2.92 -11.48
C GLY B 306 8.73 -2.78 -12.97
N TYR B 307 8.84 -1.55 -13.47
CA TYR B 307 8.61 -1.30 -14.88
C TYR B 307 9.79 -1.75 -15.74
N VAL B 308 11.02 -1.58 -15.23
CA VAL B 308 12.18 -2.11 -15.95
C VAL B 308 12.05 -3.62 -16.09
N LEU B 309 11.65 -4.30 -15.02
CA LEU B 309 11.41 -5.75 -15.07
C LEU B 309 10.31 -6.09 -16.08
N ARG B 310 9.18 -5.38 -16.00
CA ARG B 310 8.08 -5.59 -16.93
C ARG B 310 8.54 -5.43 -18.38
N ARG B 311 9.32 -4.38 -18.63
CA ARG B 311 9.84 -4.12 -19.97
CA ARG B 311 9.85 -4.10 -19.97
C ARG B 311 10.68 -5.27 -20.51
N ILE B 312 11.59 -5.79 -19.68
CA ILE B 312 12.45 -6.90 -20.12
C ILE B 312 11.64 -8.18 -20.35
N ILE B 313 10.70 -8.48 -19.45
CA ILE B 313 9.85 -9.66 -19.63
C ILE B 313 9.08 -9.58 -20.94
N ARG B 314 8.45 -8.43 -21.18
CA ARG B 314 7.61 -8.28 -22.37
C ARG B 314 8.44 -8.34 -23.65
N ARG B 315 9.65 -7.80 -23.61
CA ARG B 315 10.56 -7.90 -24.75
C ARG B 315 10.95 -9.35 -25.01
N ALA B 316 11.16 -10.12 -23.95
CA ALA B 316 11.50 -11.54 -24.09
C ALA B 316 10.35 -12.33 -24.69
N VAL B 317 9.13 -12.06 -24.22
CA VAL B 317 7.93 -12.72 -24.74
C VAL B 317 7.75 -12.39 -26.22
N ARG B 318 7.99 -11.12 -26.57
CA ARG B 318 7.90 -10.69 -27.96
C ARG B 318 8.85 -11.48 -28.86
N HIS B 319 10.09 -11.66 -28.42
CA HIS B 319 11.05 -12.49 -29.14
C HIS B 319 10.58 -13.94 -29.29
N GLY B 320 9.93 -14.45 -28.24
CA GLY B 320 9.35 -15.79 -28.29
C GLY B 320 8.28 -15.88 -29.36
N ASN B 321 7.52 -14.79 -29.51
CA ASN B 321 6.50 -14.70 -30.56
C ASN B 321 7.14 -14.76 -31.95
N MET B 322 8.24 -14.05 -32.14
CA MET B 322 8.94 -14.05 -33.41
C MET B 322 9.49 -15.43 -33.76
N LEU B 323 9.87 -16.19 -32.74
CA LEU B 323 10.37 -17.55 -32.94
C LEU B 323 9.25 -18.54 -33.20
N GLY B 324 8.01 -18.12 -32.92
CA GLY B 324 6.84 -18.94 -33.21
C GLY B 324 6.32 -19.74 -32.03
N ALA B 325 6.53 -19.25 -30.81
CA ALA B 325 6.00 -19.92 -29.63
C ALA B 325 4.47 -19.96 -29.66
N LYS B 326 3.91 -21.15 -29.49
CA LYS B 326 2.46 -21.35 -29.56
C LYS B 326 1.79 -21.21 -28.19
N GLU B 327 2.58 -21.36 -27.13
CA GLU B 327 2.04 -21.30 -25.78
C GLU B 327 2.99 -20.60 -24.79
N THR B 328 2.46 -20.30 -23.61
CA THR B 328 3.23 -19.66 -22.54
C THR B 328 4.53 -20.42 -22.30
N PHE B 329 5.65 -19.72 -22.42
CA PHE B 329 6.95 -20.40 -22.46
C PHE B 329 7.99 -19.85 -21.47
N PHE B 330 7.95 -18.54 -21.21
CA PHE B 330 9.06 -17.86 -20.53
C PHE B 330 9.36 -18.44 -19.13
N TYR B 331 8.29 -18.71 -18.37
CA TYR B 331 8.44 -19.27 -17.02
C TYR B 331 9.08 -20.67 -17.02
N LYS B 332 8.99 -21.36 -18.14
CA LYS B 332 9.51 -22.73 -18.25
C LYS B 332 11.05 -22.76 -18.28
N LEU B 333 11.65 -21.58 -18.38
CA LEU B 333 13.10 -21.49 -18.46
C LEU B 333 13.78 -21.31 -17.09
N VAL B 334 12.96 -21.12 -16.06
CA VAL B 334 13.49 -20.95 -14.71
C VAL B 334 14.23 -22.21 -14.22
N GLY B 335 13.64 -23.37 -14.50
CA GLY B 335 14.27 -24.65 -14.16
C GLY B 335 15.63 -24.83 -14.79
N PRO B 336 15.68 -24.81 -16.13
CA PRO B 336 16.94 -24.85 -16.88
C PRO B 336 17.96 -23.82 -16.41
N LEU B 337 17.51 -22.62 -16.02
CA LEU B 337 18.41 -21.58 -15.53
C LEU B 337 19.06 -21.97 -14.21
N ILE B 338 18.25 -22.45 -13.26
CA ILE B 338 18.76 -22.94 -11.99
C ILE B 338 19.83 -24.01 -12.23
N ASP B 339 19.58 -24.89 -13.19
CA ASP B 339 20.46 -26.01 -13.49
C ASP B 339 21.85 -25.62 -14.00
N VAL B 340 21.97 -24.44 -14.62
CA VAL B 340 23.25 -24.00 -15.17
C VAL B 340 23.98 -22.96 -14.29
N MET B 341 23.31 -22.47 -13.25
CA MET B 341 23.88 -21.39 -12.45
C MET B 341 24.73 -21.85 -11.27
N GLY B 342 24.63 -23.13 -10.93
CA GLY B 342 25.38 -23.67 -9.80
C GLY B 342 25.03 -22.97 -8.49
N SER B 343 26.03 -22.75 -7.66
CA SER B 343 25.83 -22.09 -6.38
C SER B 343 25.38 -20.64 -6.51
N ALA B 344 25.66 -20.02 -7.67
CA ALA B 344 25.25 -18.64 -7.91
C ALA B 344 23.73 -18.51 -8.11
N GLY B 345 23.04 -19.64 -8.23
CA GLY B 345 21.58 -19.64 -8.38
C GLY B 345 20.80 -20.02 -7.13
N GLU B 346 21.49 -20.14 -5.99
CA GLU B 346 20.85 -20.52 -4.73
C GLU B 346 19.58 -19.73 -4.40
N ASP B 347 19.64 -18.41 -4.55
CA ASP B 347 18.51 -17.56 -4.20
C ASP B 347 17.33 -17.76 -5.15
N LEU B 348 17.64 -18.10 -6.39
CA LEU B 348 16.61 -18.39 -7.38
C LEU B 348 15.97 -19.75 -7.12
N LYS B 349 16.79 -20.75 -6.82
CA LYS B 349 16.30 -22.11 -6.55
C LYS B 349 15.37 -22.12 -5.35
N ARG B 350 15.75 -21.37 -4.31
CA ARG B 350 14.96 -21.25 -3.09
C ARG B 350 13.55 -20.72 -3.40
N GLN B 351 13.46 -19.84 -4.39
CA GLN B 351 12.18 -19.23 -4.73
C GLN B 351 11.65 -19.63 -6.10
N GLN B 352 12.02 -20.82 -6.56
CA GLN B 352 11.66 -21.27 -7.90
C GLN B 352 10.17 -21.11 -8.21
N ALA B 353 9.32 -21.69 -7.37
CA ALA B 353 7.87 -21.69 -7.60
C ALA B 353 7.32 -20.28 -7.73
N GLN B 354 7.73 -19.39 -6.83
CA GLN B 354 7.26 -18.01 -6.84
C GLN B 354 7.68 -17.27 -8.12
N VAL B 355 8.94 -17.42 -8.50
CA VAL B 355 9.46 -16.77 -9.70
C VAL B 355 8.71 -17.25 -10.94
N GLU B 356 8.49 -18.55 -11.03
CA GLU B 356 7.77 -19.13 -12.17
C GLU B 356 6.36 -18.56 -12.30
N GLN B 357 5.64 -18.45 -11.18
CA GLN B 357 4.28 -17.92 -11.20
C GLN B 357 4.24 -16.45 -11.61
N VAL B 358 5.17 -15.66 -11.10
CA VAL B 358 5.24 -14.24 -11.48
C VAL B 358 5.45 -14.09 -12.99
N LEU B 359 6.37 -14.87 -13.55
CA LEU B 359 6.67 -14.81 -14.98
C LEU B 359 5.51 -15.36 -15.82
N LYS B 360 4.85 -16.40 -15.31
CA LYS B 360 3.71 -16.99 -16.02
C LYS B 360 2.57 -15.98 -16.09
N THR B 361 2.23 -15.38 -14.96
CA THR B 361 1.18 -14.37 -14.89
C THR B 361 1.48 -13.18 -15.80
N GLU B 362 2.71 -12.69 -15.76
CA GLU B 362 3.08 -11.54 -16.58
C GLU B 362 2.97 -11.82 -18.09
N GLU B 363 3.40 -12.99 -18.52
CA GLU B 363 3.30 -13.36 -19.94
C GLU B 363 1.82 -13.52 -20.36
N GLU B 364 1.05 -14.19 -19.53
CA GLU B 364 -0.38 -14.37 -19.80
C GLU B 364 -1.09 -13.02 -19.92
N GLN B 365 -0.75 -12.11 -19.01
CA GLN B 365 -1.29 -10.75 -19.04
C GLN B 365 -0.94 -10.00 -20.33
N PHE B 366 0.31 -10.12 -20.77
CA PHE B 366 0.76 -9.45 -21.99
C PHE B 366 0.18 -10.10 -23.25
N ALA B 367 -0.03 -11.41 -23.20
CA ALA B 367 -0.59 -12.15 -24.34
C ALA B 367 -1.99 -11.64 -24.69
N ARG B 368 -2.64 -10.99 -23.72
CA ARG B 368 -3.97 -10.42 -23.94
C ARG B 368 -3.95 -9.35 -25.02
N THR B 369 -2.78 -8.74 -25.27
CA THR B 369 -2.67 -7.66 -26.25
C THR B 369 -1.49 -7.82 -27.24
N LEU B 370 -0.59 -8.75 -26.99
CA LEU B 370 0.63 -8.87 -27.82
C LEU B 370 0.37 -9.01 -29.32
N GLU B 371 -0.33 -10.08 -29.72
CA GLU B 371 -0.55 -10.33 -31.14
C GLU B 371 -1.37 -9.22 -31.80
N ARG B 372 -2.38 -8.72 -31.09
CA ARG B 372 -3.20 -7.63 -31.61
C ARG B 372 -2.35 -6.37 -31.82
N GLY B 373 -1.46 -6.08 -30.87
CA GLY B 373 -0.56 -4.94 -31.01
C GLY B 373 0.43 -5.11 -32.16
N LEU B 374 0.95 -6.32 -32.30
CA LEU B 374 1.88 -6.61 -33.39
C LEU B 374 1.19 -6.49 -34.74
N ALA B 375 -0.08 -6.90 -34.78
CA ALA B 375 -0.88 -6.77 -35.99
C ALA B 375 -1.03 -5.30 -36.37
N LEU B 376 -1.39 -4.47 -35.40
CA LEU B 376 -1.49 -3.02 -35.65
C LEU B 376 -0.16 -2.44 -36.11
N LEU B 377 0.92 -2.82 -35.44
CA LEU B 377 2.25 -2.32 -35.82
C LEU B 377 2.61 -2.72 -37.26
N ASP B 378 2.31 -3.98 -37.62
CA ASP B 378 2.52 -4.42 -39.00
C ASP B 378 1.68 -3.59 -39.97
N GLU B 379 0.39 -3.43 -39.64
CA GLU B 379 -0.51 -2.61 -40.45
CA GLU B 379 -0.50 -2.61 -40.46
C GLU B 379 0.05 -1.21 -40.67
N GLU B 380 0.59 -0.62 -39.60
CA GLU B 380 1.13 0.74 -39.67
C GLU B 380 2.46 0.84 -40.42
N LEU B 381 3.30 -0.18 -40.29
CA LEU B 381 4.59 -0.19 -40.97
C LEU B 381 4.42 -0.47 -42.46
N ALA B 382 3.46 -1.33 -42.79
CA ALA B 382 3.20 -1.69 -44.18
C ALA B 382 2.83 -0.48 -45.05
N LYS B 383 2.22 0.52 -44.44
CA LYS B 383 1.82 1.72 -45.16
C LYS B 383 2.64 2.93 -44.77
N LEU B 384 3.63 2.72 -43.91
CA LEU B 384 4.52 3.80 -43.48
C LEU B 384 5.40 4.27 -44.63
N SER B 385 5.47 5.59 -44.80
CA SER B 385 6.37 6.19 -45.77
C SER B 385 7.54 6.83 -45.03
N GLY B 386 8.74 6.34 -45.29
CA GLY B 386 9.92 6.85 -44.61
C GLY B 386 10.52 5.82 -43.66
N ASP B 387 11.48 6.25 -42.85
CA ASP B 387 12.24 5.33 -42.01
C ASP B 387 11.94 5.49 -40.51
N THR B 388 10.90 6.25 -40.17
CA THR B 388 10.58 6.54 -38.78
C THR B 388 9.09 6.36 -38.47
N LEU B 389 8.79 5.49 -37.51
CA LEU B 389 7.42 5.34 -37.02
C LEU B 389 7.01 6.59 -36.25
N ASP B 390 5.82 7.09 -36.54
CA ASP B 390 5.33 8.30 -35.89
C ASP B 390 5.08 8.07 -34.40
N GLY B 391 5.24 9.13 -33.62
CA GLY B 391 5.04 9.07 -32.17
C GLY B 391 3.63 8.73 -31.73
N GLU B 392 2.64 9.12 -32.52
CA GLU B 392 1.25 8.83 -32.20
C GLU B 392 0.98 7.32 -32.21
N THR B 393 1.56 6.63 -33.18
CA THR B 393 1.41 5.18 -33.27
C THR B 393 2.14 4.48 -32.12
N ALA B 394 3.36 4.92 -31.85
CA ALA B 394 4.12 4.40 -30.70
C ALA B 394 3.34 4.58 -29.41
N PHE B 395 2.74 5.76 -29.24
CA PHE B 395 1.94 6.05 -28.06
C PHE B 395 0.67 5.21 -28.00
N ARG B 396 0.04 4.98 -29.15
CA ARG B 396 -1.16 4.14 -29.19
C ARG B 396 -0.84 2.70 -28.78
N LEU B 397 0.29 2.18 -29.26
CA LEU B 397 0.73 0.84 -28.89
C LEU B 397 0.99 0.77 -27.38
N TYR B 398 1.52 1.86 -26.84
CA TYR B 398 1.77 1.98 -25.40
C TYR B 398 0.46 2.05 -24.61
N ASP B 399 -0.40 2.99 -24.99
CA ASP B 399 -1.60 3.27 -24.21
C ASP B 399 -2.68 2.19 -24.32
N THR B 400 -2.86 1.64 -25.51
CA THR B 400 -3.90 0.63 -25.74
C THR B 400 -3.38 -0.80 -25.54
N TYR B 401 -2.19 -1.08 -26.03
CA TYR B 401 -1.69 -2.47 -26.05
C TYR B 401 -0.62 -2.77 -25.00
N GLY B 402 -0.21 -1.75 -24.26
CA GLY B 402 0.78 -1.92 -23.20
C GLY B 402 2.19 -2.22 -23.73
N PHE B 403 2.49 -1.70 -24.91
CA PHE B 403 3.83 -1.84 -25.51
C PHE B 403 4.73 -0.70 -25.02
N PRO B 404 5.73 -1.03 -24.19
CA PRO B 404 6.69 0.02 -23.84
C PRO B 404 7.33 0.54 -25.12
N VAL B 405 7.71 1.81 -25.14
CA VAL B 405 8.25 2.43 -26.35
C VAL B 405 9.53 1.75 -26.85
N ASP B 406 10.34 1.22 -25.93
CA ASP B 406 11.56 0.52 -26.30
C ASP B 406 11.30 -0.86 -26.89
N LEU B 407 10.18 -1.47 -26.51
CA LEU B 407 9.77 -2.74 -27.11
C LEU B 407 9.33 -2.51 -28.56
N THR B 408 8.58 -1.44 -28.78
CA THR B 408 8.17 -1.04 -30.13
C THR B 408 9.39 -0.70 -30.99
N ALA B 409 10.33 0.04 -30.41
CA ALA B 409 11.58 0.38 -31.10
C ALA B 409 12.40 -0.85 -31.44
N ASP B 410 12.39 -1.86 -30.57
CA ASP B 410 13.10 -3.12 -30.79
C ASP B 410 12.57 -3.86 -32.02
N VAL B 411 11.24 -3.94 -32.14
CA VAL B 411 10.61 -4.56 -33.30
C VAL B 411 10.95 -3.80 -34.58
N CYS B 412 10.86 -2.47 -34.52
CA CYS B 412 11.10 -1.62 -35.67
C CYS B 412 12.56 -1.69 -36.11
N ARG B 413 13.46 -1.76 -35.14
CA ARG B 413 14.89 -1.82 -35.41
C ARG B 413 15.26 -3.03 -36.27
N GLU B 414 14.58 -4.14 -36.05
CA GLU B 414 14.80 -5.38 -36.80
C GLU B 414 14.42 -5.23 -38.27
N ARG B 415 13.66 -4.19 -38.58
CA ARG B 415 13.24 -3.93 -39.96
C ARG B 415 13.82 -2.62 -40.45
N ASN B 416 14.90 -2.19 -39.78
CA ASN B 416 15.60 -0.96 -40.14
C ASN B 416 14.70 0.27 -40.08
N ILE B 417 13.80 0.29 -39.10
CA ILE B 417 12.89 1.41 -38.91
C ILE B 417 13.14 2.04 -37.54
N LYS B 418 13.15 3.38 -37.50
CA LYS B 418 13.34 4.12 -36.27
C LYS B 418 11.99 4.49 -35.66
N VAL B 419 12.02 4.99 -34.43
CA VAL B 419 10.81 5.47 -33.76
C VAL B 419 11.00 6.94 -33.40
N ASP B 420 9.96 7.74 -33.65
CA ASP B 420 10.00 9.16 -33.29
C ASP B 420 9.82 9.30 -31.78
N GLU B 421 10.93 9.26 -31.05
CA GLU B 421 10.92 9.33 -29.59
C GLU B 421 10.38 10.66 -29.07
N ALA B 422 10.74 11.74 -29.75
CA ALA B 422 10.24 13.06 -29.39
C ALA B 422 8.72 13.13 -29.52
N GLY B 423 8.19 12.54 -30.59
CA GLY B 423 6.75 12.48 -30.83
C GLY B 423 6.02 11.68 -29.79
N PHE B 424 6.60 10.54 -29.39
CA PHE B 424 6.05 9.71 -28.33
C PHE B 424 5.99 10.50 -27.02
N GLU B 425 7.08 11.18 -26.69
CA GLU B 425 7.15 11.96 -25.46
C GLU B 425 6.17 13.14 -25.48
N ALA B 426 5.97 13.72 -26.67
CA ALA B 426 4.98 14.79 -26.82
C ALA B 426 3.57 14.27 -26.60
N ALA B 427 3.29 13.07 -27.12
CA ALA B 427 1.99 12.43 -26.94
C ALA B 427 1.75 12.08 -25.47
N MET B 428 2.79 11.63 -24.79
CA MET B 428 2.69 11.33 -23.37
CA MET B 428 2.74 11.33 -23.36
C MET B 428 2.42 12.59 -22.57
N GLU B 429 3.10 13.69 -22.92
CA GLU B 429 2.91 14.96 -22.23
C GLU B 429 1.52 15.55 -22.47
N GLU B 430 1.01 15.41 -23.69
CA GLU B 430 -0.36 15.83 -24.00
C GLU B 430 -1.37 15.11 -23.10
N GLN B 431 -1.15 13.82 -22.89
CA GLN B 431 -2.05 13.04 -22.05
C GLN B 431 -1.95 13.45 -20.57
N ARG B 432 -0.74 13.76 -20.12
CA ARG B 432 -0.56 14.24 -18.76
C ARG B 432 -1.29 15.57 -18.55
N ARG B 433 -1.24 16.43 -19.57
CA ARG B 433 -1.95 17.71 -19.51
C ARG B 433 -3.45 17.50 -19.40
N ARG B 434 -3.99 16.55 -20.17
CA ARG B 434 -5.40 16.21 -20.10
C ARG B 434 -5.77 15.69 -18.72
N ALA B 435 -4.88 14.87 -18.15
CA ALA B 435 -5.11 14.33 -16.81
C ALA B 435 -5.14 15.44 -15.77
N ARG B 436 -4.22 16.39 -15.88
CA ARG B 436 -4.18 17.53 -14.96
C ARG B 436 -5.42 18.41 -15.11
N GLU B 437 -5.82 18.67 -16.35
CA GLU B 437 -6.99 19.49 -16.62
CA GLU B 437 -7.00 19.47 -16.64
C GLU B 437 -8.26 18.87 -16.03
N ALA B 438 -8.41 17.56 -16.18
CA ALA B 438 -9.59 16.87 -15.65
C ALA B 438 -9.57 16.73 -14.11
N SER B 439 -8.38 16.47 -13.56
CA SER B 439 -8.26 16.22 -12.12
CA SER B 439 -8.24 16.23 -12.12
C SER B 439 -8.35 17.51 -11.30
N GLY B 440 -7.87 18.62 -11.86
CA GLY B 440 -7.94 19.90 -11.19
C GLY B 440 -6.82 20.14 -10.18
N PHE B 441 -7.15 20.84 -9.10
CA PHE B 441 -6.15 21.28 -8.12
C PHE B 441 -5.43 20.13 -7.42
N SER C 1 32.74 -25.19 14.67
CA SER C 1 31.66 -24.33 15.22
C SER C 1 31.92 -23.97 16.68
N LYS C 2 31.22 -22.95 17.16
CA LYS C 2 31.36 -22.50 18.55
C LYS C 2 30.69 -23.47 19.51
N SER C 3 31.30 -23.64 20.68
CA SER C 3 30.71 -24.48 21.72
C SER C 3 29.57 -23.72 22.39
N THR C 4 28.74 -24.45 23.14
CA THR C 4 27.66 -23.82 23.88
C THR C 4 28.22 -22.73 24.80
N ALA C 5 29.34 -23.02 25.45
CA ALA C 5 29.99 -22.06 26.34
C ALA C 5 30.45 -20.80 25.60
N GLU C 6 31.02 -20.98 24.42
CA GLU C 6 31.49 -19.85 23.60
C GLU C 6 30.33 -18.99 23.10
N ILE C 7 29.22 -19.64 22.77
CA ILE C 7 28.03 -18.94 22.30
C ILE C 7 27.44 -18.09 23.44
N ARG C 8 27.37 -18.67 24.63
CA ARG C 8 26.89 -17.98 25.81
C ARG C 8 27.72 -16.71 26.07
N GLN C 9 29.04 -16.87 26.00
CA GLN C 9 29.95 -15.74 26.24
C GLN C 9 29.89 -14.69 25.13
N ALA C 10 29.75 -15.13 23.88
CA ALA C 10 29.70 -14.22 22.75
C ALA C 10 28.47 -13.33 22.82
N PHE C 11 27.34 -13.90 23.23
CA PHE C 11 26.11 -13.14 23.41
C PHE C 11 26.31 -12.04 24.45
N LEU C 12 26.88 -12.42 25.59
CA LEU C 12 27.13 -11.44 26.66
C LEU C 12 28.15 -10.38 26.24
N ASP C 13 29.19 -10.81 25.52
CA ASP C 13 30.20 -9.89 25.01
C ASP C 13 29.59 -8.87 24.06
N PHE C 14 28.69 -9.33 23.18
CA PHE C 14 28.01 -8.44 22.25
C PHE C 14 27.26 -7.33 22.97
N PHE C 15 26.41 -7.71 23.92
CA PHE C 15 25.61 -6.70 24.61
C PHE C 15 26.42 -5.81 25.54
N HIS C 16 27.45 -6.39 26.14
CA HIS C 16 28.38 -5.60 26.95
C HIS C 16 29.05 -4.53 26.10
N SER C 17 29.44 -4.89 24.87
CA SER C 17 30.05 -3.94 23.94
C SER C 17 29.03 -2.87 23.52
N LYS C 18 27.74 -3.17 23.68
CA LYS C 18 26.69 -2.19 23.41
C LYS C 18 26.21 -1.49 24.67
N GLY C 19 27.08 -1.44 25.70
CA GLY C 19 26.79 -0.69 26.91
C GLY C 19 25.91 -1.37 27.95
N HIS C 20 25.63 -2.67 27.77
CA HIS C 20 24.78 -3.39 28.71
C HIS C 20 25.58 -3.93 29.90
N GLN C 21 25.09 -3.66 31.10
CA GLN C 21 25.66 -4.22 32.32
C GLN C 21 25.46 -5.74 32.36
N VAL C 22 26.55 -6.48 32.46
CA VAL C 22 26.45 -7.93 32.63
C VAL C 22 26.06 -8.25 34.07
N VAL C 23 24.90 -8.89 34.23
CA VAL C 23 24.40 -9.28 35.55
C VAL C 23 24.38 -10.81 35.63
N ALA C 24 24.77 -11.35 36.78
CA ALA C 24 24.80 -12.79 36.97
C ALA C 24 23.40 -13.39 36.97
N SER C 25 23.29 -14.63 36.52
CA SER C 25 22.05 -15.37 36.62
C SER C 25 21.54 -15.35 38.06
N SER C 26 20.24 -15.19 38.23
CA SER C 26 19.65 -15.38 39.55
C SER C 26 19.52 -16.87 39.83
N SER C 27 19.17 -17.19 41.07
CA SER C 27 18.83 -18.54 41.47
C SER C 27 17.52 -18.96 40.79
N LEU C 28 17.24 -20.25 40.79
CA LEU C 28 15.97 -20.80 40.31
C LEU C 28 14.86 -20.61 41.33
N VAL C 29 15.23 -20.23 42.55
CA VAL C 29 14.25 -20.07 43.63
C VAL C 29 14.26 -18.65 44.16
N PRO C 30 13.15 -17.92 43.95
CA PRO C 30 13.05 -16.57 44.49
C PRO C 30 12.86 -16.55 45.99
N HIS C 31 13.40 -15.54 46.64
CA HIS C 31 13.21 -15.35 48.06
C HIS C 31 12.05 -14.38 48.29
N ASN C 32 11.82 -13.48 47.34
CA ASN C 32 10.87 -12.38 47.51
C ASN C 32 9.79 -12.26 46.42
N ASP C 33 9.36 -13.39 45.86
CA ASP C 33 8.24 -13.39 44.93
C ASP C 33 7.32 -14.58 45.19
N PRO C 34 6.24 -14.35 45.96
CA PRO C 34 5.30 -15.40 46.36
C PRO C 34 4.49 -15.96 45.20
N THR C 35 4.46 -15.23 44.09
CA THR C 35 3.68 -15.64 42.92
C THR C 35 4.44 -16.62 42.01
N LEU C 36 5.70 -16.87 42.33
CA LEU C 36 6.60 -17.56 41.40
C LEU C 36 7.15 -18.88 41.97
N LEU C 37 6.83 -20.00 41.31
CA LEU C 37 7.32 -21.31 41.73
C LEU C 37 8.83 -21.42 41.53
N PHE C 38 9.25 -21.44 40.26
CA PHE C 38 10.66 -21.43 39.92
C PHE C 38 10.91 -20.33 38.90
N THR C 39 12.14 -19.84 38.84
CA THR C 39 12.53 -18.84 37.85
C THR C 39 12.22 -19.38 36.46
N ASN C 40 11.36 -18.68 35.73
CA ASN C 40 10.94 -19.16 34.41
C ASN C 40 11.34 -18.23 33.26
N ALA C 41 12.05 -17.16 33.59
CA ALA C 41 12.53 -16.21 32.58
C ALA C 41 13.66 -15.35 33.12
N GLY C 42 14.52 -14.87 32.21
CA GLY C 42 15.58 -13.93 32.58
C GLY C 42 15.07 -12.67 33.25
N MET C 43 13.85 -12.25 32.91
CA MET C 43 13.31 -11.01 33.47
C MET C 43 12.84 -11.10 34.92
N ASN C 44 12.71 -12.31 35.47
CA ASN C 44 12.19 -12.48 36.83
C ASN C 44 12.91 -11.61 37.87
N GLN C 45 14.24 -11.60 37.84
CA GLN C 45 15.00 -10.87 38.84
C GLN C 45 14.96 -9.36 38.63
N PHE C 46 14.38 -8.93 37.50
CA PHE C 46 14.25 -7.51 37.18
C PHE C 46 12.79 -7.07 37.23
N LYS C 47 11.92 -7.95 37.73
CA LYS C 47 10.48 -7.69 37.76
C LYS C 47 10.16 -6.32 38.37
N ASP C 48 10.72 -6.04 39.55
CA ASP C 48 10.45 -4.79 40.24
C ASP C 48 11.07 -3.58 39.53
N VAL C 49 12.09 -3.82 38.71
CA VAL C 49 12.67 -2.75 37.91
C VAL C 49 11.67 -2.34 36.83
N PHE C 50 11.09 -3.32 36.14
CA PHE C 50 10.05 -3.06 35.15
C PHE C 50 8.82 -2.38 35.77
N LEU C 51 8.52 -2.72 37.02
CA LEU C 51 7.39 -2.13 37.74
C LEU C 51 7.70 -0.71 38.23
N GLY C 52 8.98 -0.34 38.18
CA GLY C 52 9.42 0.98 38.63
C GLY C 52 9.57 1.08 40.13
N LEU C 53 9.61 -0.06 40.82
CA LEU C 53 9.73 -0.11 42.27
C LEU C 53 11.19 -0.24 42.71
N ASP C 54 12.00 -0.79 41.82
CA ASP C 54 13.39 -1.11 42.10
C ASP C 54 14.24 -0.32 41.11
N LYS C 55 15.19 0.47 41.63
CA LYS C 55 16.08 1.22 40.74
C LYS C 55 17.50 0.65 40.73
N ARG C 56 18.10 0.64 39.55
CA ARG C 56 19.45 0.15 39.39
C ARG C 56 20.32 1.29 38.88
N ASN C 57 21.64 1.16 39.06
CA ASN C 57 22.57 2.17 38.56
C ASN C 57 22.79 2.08 37.05
N TYR C 58 22.23 1.05 36.44
CA TYR C 58 22.30 0.86 34.99
C TYR C 58 20.90 0.83 34.43
N SER C 59 20.77 1.24 33.16
CA SER C 59 19.46 1.29 32.52
C SER C 59 19.34 0.24 31.42
N ARG C 60 20.40 -0.54 31.23
CA ARG C 60 20.39 -1.65 30.28
C ARG C 60 21.27 -2.78 30.81
N ALA C 61 20.83 -4.01 30.60
CA ALA C 61 21.52 -5.15 31.17
C ALA C 61 21.44 -6.38 30.27
N THR C 62 22.30 -7.34 30.54
CA THR C 62 22.32 -8.60 29.80
C THR C 62 22.68 -9.75 30.74
N THR C 63 21.98 -10.88 30.61
CA THR C 63 22.22 -12.04 31.47
C THR C 63 22.09 -13.34 30.68
N SER C 64 22.71 -14.40 31.20
CA SER C 64 22.37 -15.76 30.78
C SER C 64 21.71 -16.45 31.97
N GLN C 65 20.39 -16.54 31.94
CA GLN C 65 19.60 -16.97 33.09
C GLN C 65 19.21 -18.44 33.02
N ARG C 66 19.53 -19.19 34.07
CA ARG C 66 19.00 -20.55 34.18
C ARG C 66 17.51 -20.50 34.52
N CYS C 67 16.71 -21.25 33.76
CA CYS C 67 15.27 -21.27 33.94
C CYS C 67 14.78 -22.70 34.08
N VAL C 68 13.71 -22.89 34.86
CA VAL C 68 13.00 -24.15 34.90
C VAL C 68 11.53 -23.89 34.62
N ARG C 69 11.00 -24.56 33.61
CA ARG C 69 9.58 -24.46 33.28
C ARG C 69 8.92 -25.82 33.48
N ALA C 70 8.49 -26.06 34.71
CA ALA C 70 7.94 -27.36 35.09
C ALA C 70 6.74 -27.20 36.02
N GLY C 71 6.12 -26.04 35.95
CA GLY C 71 4.97 -25.74 36.79
C GLY C 71 4.64 -24.26 36.67
N GLY C 72 3.48 -23.87 37.20
CA GLY C 72 3.05 -22.48 37.14
C GLY C 72 2.58 -22.08 35.76
N LYS C 73 2.85 -20.83 35.41
CA LYS C 73 2.40 -20.25 34.14
C LYS C 73 3.02 -20.94 32.92
N HIS C 74 4.31 -21.24 33.00
CA HIS C 74 5.02 -21.84 31.90
C HIS C 74 5.57 -23.21 32.30
N ASN C 75 4.96 -24.26 31.76
CA ASN C 75 5.27 -25.62 32.14
C ASN C 75 5.46 -26.49 30.90
N ASP C 76 6.70 -26.93 30.68
CA ASP C 76 7.02 -27.72 29.48
C ASP C 76 7.40 -29.16 29.80
N LEU C 77 7.18 -29.57 31.04
CA LEU C 77 7.54 -30.91 31.49
C LEU C 77 7.03 -32.01 30.55
N GLU C 78 5.76 -31.93 30.15
CA GLU C 78 5.16 -32.98 29.34
C GLU C 78 5.58 -32.93 27.86
N ASN C 79 6.29 -31.87 27.48
CA ASN C 79 6.85 -31.76 26.14
C ASN C 79 8.22 -32.45 26.02
N VAL C 80 8.89 -32.65 27.14
CA VAL C 80 10.24 -33.19 27.15
C VAL C 80 10.28 -34.62 26.60
N GLY C 81 11.18 -34.87 25.65
CA GLY C 81 11.28 -36.17 24.99
C GLY C 81 10.38 -36.30 23.78
N TYR C 82 9.43 -35.39 23.64
CA TYR C 82 8.46 -35.44 22.52
C TYR C 82 8.77 -34.40 21.45
N THR C 83 9.58 -33.41 21.79
CA THR C 83 10.06 -32.45 20.79
C THR C 83 11.57 -32.29 20.90
N ALA C 84 12.17 -31.68 19.88
CA ALA C 84 13.60 -31.48 19.87
C ALA C 84 13.98 -30.13 20.48
N ARG C 85 12.98 -29.40 20.96
CA ARG C 85 13.18 -28.00 21.36
C ARG C 85 12.77 -27.65 22.80
N HIS C 86 12.11 -28.58 23.49
CA HIS C 86 11.60 -28.30 24.84
C HIS C 86 12.42 -28.97 25.95
N HIS C 87 12.79 -28.18 26.95
CA HIS C 87 13.45 -28.69 28.15
C HIS C 87 12.69 -28.25 29.39
N THR C 88 12.96 -28.90 30.53
CA THR C 88 12.52 -28.34 31.81
C THR C 88 13.51 -27.25 32.21
N PHE C 89 14.79 -27.58 32.21
CA PHE C 89 15.87 -26.64 32.51
C PHE C 89 16.49 -26.13 31.21
N PHE C 90 16.63 -24.81 31.09
CA PHE C 90 17.32 -24.21 29.95
C PHE C 90 17.85 -22.83 30.29
N GLU C 91 18.70 -22.28 29.43
CA GLU C 91 19.22 -20.94 29.65
C GLU C 91 18.64 -19.93 28.67
N MET C 92 18.24 -18.77 29.19
CA MET C 92 17.83 -17.67 28.34
C MET C 92 18.96 -16.66 28.22
N LEU C 93 19.34 -16.36 26.98
CA LEU C 93 20.28 -15.27 26.69
C LEU C 93 19.45 -14.00 26.52
N GLY C 94 19.59 -13.07 27.46
CA GLY C 94 18.71 -11.92 27.47
C GLY C 94 19.39 -10.56 27.44
N ASN C 95 18.74 -9.60 26.79
CA ASN C 95 19.07 -8.19 26.99
C ASN C 95 17.84 -7.42 27.48
N PHE C 96 18.09 -6.39 28.27
CA PHE C 96 17.01 -5.69 28.95
C PHE C 96 17.20 -4.17 28.86
N SER C 97 16.12 -3.47 28.57
CA SER C 97 16.12 -2.01 28.56
C SER C 97 15.14 -1.51 29.62
N PHE C 98 15.67 -0.83 30.63
CA PHE C 98 14.84 -0.27 31.68
C PHE C 98 14.58 1.21 31.41
N GLY C 99 13.61 1.47 30.54
CA GLY C 99 13.30 2.85 30.15
C GLY C 99 14.45 3.50 29.41
N ASP C 100 15.19 2.70 28.66
CA ASP C 100 16.36 3.16 27.92
C ASP C 100 16.01 3.27 26.44
N TYR C 101 16.34 2.24 25.65
CA TYR C 101 15.93 2.17 24.25
C TYR C 101 14.62 1.36 24.12
N PHE C 102 13.96 1.44 22.96
CA PHE C 102 12.67 0.74 22.80
C PHE C 102 12.62 -0.15 21.56
N LYS C 103 11.52 -0.10 20.81
CA LYS C 103 11.26 -1.09 19.75
C LYS C 103 12.33 -1.21 18.68
N LEU C 104 12.65 -0.09 18.03
CA LEU C 104 13.55 -0.14 16.88
C LEU C 104 14.93 -0.67 17.28
N ASP C 105 15.52 -0.11 18.32
CA ASP C 105 16.87 -0.51 18.72
C ASP C 105 16.94 -1.93 19.27
N ALA C 106 15.89 -2.40 19.92
CA ALA C 106 15.82 -3.78 20.40
C ALA C 106 15.90 -4.75 19.21
N ILE C 107 15.10 -4.47 18.20
CA ILE C 107 15.06 -5.28 16.98
C ILE C 107 16.40 -5.21 16.24
N LEU C 108 16.97 -4.02 16.13
CA LEU C 108 18.26 -3.85 15.46
C LEU C 108 19.39 -4.62 16.15
N PHE C 109 19.48 -4.51 17.47
CA PHE C 109 20.47 -5.26 18.24
C PHE C 109 20.39 -6.76 17.93
N ALA C 110 19.18 -7.29 17.99
CA ALA C 110 18.97 -8.72 17.78
C ALA C 110 19.35 -9.14 16.36
N TRP C 111 18.86 -8.41 15.37
CA TRP C 111 19.17 -8.70 13.97
C TRP C 111 20.68 -8.63 13.69
N LEU C 112 21.33 -7.63 14.27
CA LEU C 112 22.77 -7.45 14.09
C LEU C 112 23.56 -8.65 14.63
N LEU C 113 23.27 -9.05 15.86
CA LEU C 113 23.95 -10.19 16.46
C LEU C 113 23.73 -11.46 15.63
N LEU C 114 22.50 -11.68 15.20
CA LEU C 114 22.13 -12.89 14.49
C LEU C 114 22.73 -12.98 13.08
N THR C 115 22.70 -11.86 12.35
CA THR C 115 22.97 -11.93 10.91
C THR C 115 24.23 -11.22 10.42
N SER C 116 24.85 -10.41 11.26
CA SER C 116 26.05 -9.68 10.83
C SER C 116 27.22 -10.62 10.55
N GLU C 117 27.96 -10.35 9.48
CA GLU C 117 29.17 -11.11 9.16
C GLU C 117 30.17 -11.04 10.32
N LYS C 118 30.07 -9.98 11.12
CA LYS C 118 30.98 -9.78 12.25
C LYS C 118 30.57 -10.61 13.47
N TRP C 119 29.34 -11.12 13.46
CA TRP C 119 28.80 -11.85 14.61
C TRP C 119 28.34 -13.25 14.26
N PHE C 120 27.09 -13.59 14.54
CA PHE C 120 26.63 -14.98 14.29
C PHE C 120 26.47 -15.34 12.82
N ALA C 121 26.32 -14.34 11.97
CA ALA C 121 26.30 -14.55 10.52
C ALA C 121 25.31 -15.60 10.03
N LEU C 122 24.13 -15.64 10.62
CA LEU C 122 23.09 -16.57 10.18
C LEU C 122 22.57 -16.13 8.81
N PRO C 123 22.24 -17.11 7.94
CA PRO C 123 21.62 -16.80 6.66
C PRO C 123 20.28 -16.08 6.83
N LYS C 124 20.20 -14.83 6.39
CA LYS C 124 19.02 -14.00 6.57
C LYS C 124 17.77 -14.64 5.98
N GLU C 125 17.93 -15.38 4.88
CA GLU C 125 16.80 -15.97 4.17
C GLU C 125 16.08 -17.08 4.95
N ARG C 126 16.73 -17.61 5.97
CA ARG C 126 16.13 -18.68 6.77
C ARG C 126 15.46 -18.14 8.04
N LEU C 127 15.47 -16.82 8.19
CA LEU C 127 14.88 -16.20 9.38
C LEU C 127 13.50 -15.62 9.10
N TRP C 128 12.55 -15.99 9.96
CA TRP C 128 11.17 -15.51 9.89
C TRP C 128 10.87 -14.73 11.17
N VAL C 129 9.96 -13.77 11.09
CA VAL C 129 9.55 -13.04 12.28
C VAL C 129 8.04 -13.01 12.47
N THR C 130 7.60 -12.97 13.71
CA THR C 130 6.19 -12.78 14.03
C THR C 130 6.01 -11.51 14.83
N VAL C 131 4.88 -10.84 14.63
CA VAL C 131 4.53 -9.67 15.42
C VAL C 131 3.11 -9.82 15.93
N TYR C 132 2.78 -9.12 17.01
CA TYR C 132 1.42 -9.06 17.50
C TYR C 132 0.59 -8.34 16.45
N GLU C 133 -0.58 -8.89 16.14
CA GLU C 133 -1.39 -8.38 15.03
C GLU C 133 -1.56 -6.86 15.06
N SER C 134 -1.85 -6.31 16.24
CA SER C 134 -2.08 -4.87 16.38
C SER C 134 -0.80 -4.04 16.45
N ASP C 135 0.35 -4.71 16.50
CA ASP C 135 1.63 -4.00 16.61
C ASP C 135 2.13 -3.56 15.23
N ASP C 136 1.52 -2.51 14.70
CA ASP C 136 1.87 -1.98 13.39
C ASP C 136 3.30 -1.42 13.37
N GLU C 137 3.73 -0.88 14.49
CA GLU C 137 5.09 -0.33 14.61
C GLU C 137 6.16 -1.42 14.43
N ALA C 138 5.98 -2.56 15.09
CA ALA C 138 6.90 -3.69 14.94
C ALA C 138 6.92 -4.21 13.50
N TYR C 139 5.76 -4.33 12.89
CA TYR C 139 5.67 -4.75 11.49
C TYR C 139 6.50 -3.84 10.58
N GLU C 140 6.29 -2.53 10.72
CA GLU C 140 7.01 -1.54 9.91
C GLU C 140 8.53 -1.60 10.11
N ILE C 141 8.95 -1.81 11.36
CA ILE C 141 10.37 -1.92 11.65
C ILE C 141 11.01 -3.11 10.91
N TRP C 142 10.39 -4.27 11.01
CA TRP C 142 10.92 -5.44 10.32
C TRP C 142 10.90 -5.25 8.79
N GLU C 143 9.80 -4.69 8.28
CA GLU C 143 9.64 -4.52 6.83
C GLU C 143 10.56 -3.46 6.24
N LYS C 144 10.56 -2.28 6.85
CA LYS C 144 11.23 -1.12 6.26
C LYS C 144 12.58 -0.78 6.87
N GLU C 145 12.76 -0.98 8.17
CA GLU C 145 14.03 -0.68 8.80
C GLU C 145 15.04 -1.82 8.62
N VAL C 146 14.58 -3.05 8.86
CA VAL C 146 15.43 -4.22 8.71
C VAL C 146 15.45 -4.73 7.27
N GLY C 147 14.27 -4.81 6.66
CA GLY C 147 14.16 -5.28 5.28
C GLY C 147 13.85 -6.76 5.12
N ILE C 148 13.09 -7.30 6.07
CA ILE C 148 12.56 -8.65 5.92
C ILE C 148 11.47 -8.61 4.86
N PRO C 149 11.56 -9.50 3.85
CA PRO C 149 10.48 -9.61 2.87
C PRO C 149 9.15 -9.88 3.57
N ARG C 150 8.10 -9.21 3.11
CA ARG C 150 6.79 -9.27 3.77
C ARG C 150 6.27 -10.70 3.96
N GLU C 151 6.63 -11.60 3.04
CA GLU C 151 6.15 -12.98 3.11
C GLU C 151 6.70 -13.75 4.32
N ARG C 152 7.74 -13.22 4.95
CA ARG C 152 8.29 -13.84 6.15
C ARG C 152 8.02 -13.02 7.41
N ILE C 153 7.10 -12.06 7.31
CA ILE C 153 6.62 -11.34 8.49
C ILE C 153 5.18 -11.76 8.76
N ILE C 154 4.98 -12.41 9.92
CA ILE C 154 3.69 -13.00 10.24
C ILE C 154 3.02 -12.27 11.39
N ARG C 155 1.77 -11.84 11.19
CA ARG C 155 1.01 -11.23 12.27
C ARG C 155 0.22 -12.31 13.01
N ILE C 156 0.34 -12.31 14.33
CA ILE C 156 -0.38 -13.27 15.16
C ILE C 156 -1.23 -12.54 16.20
N GLY C 157 -2.52 -12.86 16.21
CA GLY C 157 -3.46 -12.25 17.15
C GLY C 157 -3.58 -13.04 18.42
N ASP C 158 -4.74 -12.98 19.07
CA ASP C 158 -4.97 -13.75 20.29
C ASP C 158 -5.33 -15.20 19.97
N ASN C 159 -4.34 -15.96 19.52
CA ASN C 159 -4.54 -17.32 19.03
C ASN C 159 -4.76 -18.37 20.11
N LYS C 160 -4.77 -17.93 21.37
CA LYS C 160 -4.94 -18.87 22.49
C LYS C 160 -6.34 -18.82 23.08
N GLY C 161 -7.25 -18.14 22.38
CA GLY C 161 -8.67 -18.19 22.68
C GLY C 161 -9.16 -17.26 23.78
N ALA C 162 -8.40 -16.20 24.04
CA ALA C 162 -8.78 -15.23 25.06
C ALA C 162 -8.04 -13.91 24.85
N PRO C 163 -8.60 -12.79 25.34
CA PRO C 163 -7.95 -11.50 25.23
C PRO C 163 -6.53 -11.50 25.82
N TYR C 164 -5.56 -11.04 25.02
CA TYR C 164 -4.15 -11.02 25.42
C TYR C 164 -3.52 -12.41 25.55
N ALA C 165 -4.29 -13.44 25.23
CA ALA C 165 -3.78 -14.79 25.22
C ALA C 165 -3.25 -15.08 23.82
N SER C 166 -1.94 -14.99 23.66
CA SER C 166 -1.32 -15.00 22.35
C SER C 166 0.14 -15.40 22.43
N ASP C 167 0.64 -16.04 21.38
CA ASP C 167 2.07 -16.33 21.27
C ASP C 167 2.86 -15.03 21.11
N ASN C 168 2.16 -13.95 20.78
CA ASN C 168 2.82 -12.65 20.62
C ASN C 168 2.42 -11.60 21.65
N PHE C 169 1.97 -12.08 22.81
CA PHE C 169 1.81 -11.24 23.98
C PHE C 169 2.34 -12.04 25.16
N TRP C 170 3.45 -11.60 25.73
CA TRP C 170 4.12 -12.38 26.77
C TRP C 170 3.76 -11.93 28.17
N GLN C 171 3.43 -12.90 29.02
CA GLN C 171 3.10 -12.64 30.41
C GLN C 171 4.02 -13.44 31.32
N MET C 172 4.51 -12.81 32.38
CA MET C 172 5.31 -13.50 33.36
C MET C 172 4.46 -14.52 34.12
N GLY C 173 3.23 -14.12 34.43
CA GLY C 173 2.30 -14.99 35.14
C GLY C 173 0.90 -14.40 35.09
N ASP C 174 0.01 -14.89 35.94
CA ASP C 174 -1.34 -14.34 36.02
C ASP C 174 -1.26 -12.88 36.42
N THR C 175 -0.21 -12.54 37.18
CA THR C 175 0.10 -11.16 37.50
C THR C 175 1.53 -10.84 37.08
N GLY C 176 1.85 -9.56 36.95
CA GLY C 176 3.22 -9.15 36.66
C GLY C 176 3.39 -8.45 35.33
N PRO C 177 4.61 -7.94 35.07
CA PRO C 177 4.95 -7.24 33.83
C PRO C 177 4.64 -8.09 32.59
N CYS C 178 4.11 -7.43 31.55
CA CYS C 178 3.76 -8.11 30.32
C CYS C 178 3.69 -7.12 29.17
N GLY C 179 3.59 -7.62 27.94
CA GLY C 179 3.39 -6.75 26.78
C GLY C 179 3.45 -7.51 25.46
N PRO C 180 3.13 -6.81 24.36
CA PRO C 180 3.26 -7.37 23.02
C PRO C 180 4.71 -7.75 22.76
N CYS C 181 4.92 -8.77 21.95
CA CYS C 181 6.27 -9.22 21.65
C CYS C 181 6.46 -9.60 20.19
N THR C 182 7.71 -9.66 19.76
CA THR C 182 8.03 -10.09 18.41
C THR C 182 9.05 -11.21 18.50
N GLU C 183 8.86 -12.26 17.70
CA GLU C 183 9.70 -13.44 17.81
C GLU C 183 10.43 -13.74 16.51
N ILE C 184 11.66 -14.23 16.65
CA ILE C 184 12.49 -14.62 15.52
C ILE C 184 12.58 -16.14 15.43
N PHE C 185 12.25 -16.67 14.25
CA PHE C 185 12.25 -18.10 13.98
C PHE C 185 13.32 -18.46 12.96
N TYR C 186 13.94 -19.63 13.13
CA TYR C 186 14.91 -20.15 12.18
C TYR C 186 14.36 -21.40 11.50
N ASP C 187 14.42 -21.42 10.17
CA ASP C 187 14.01 -22.59 9.39
C ASP C 187 15.13 -23.62 9.27
N HIS C 188 14.96 -24.78 9.91
CA HIS C 188 15.98 -25.84 9.89
C HIS C 188 16.03 -26.65 8.59
N GLY C 189 15.02 -26.53 7.73
CA GLY C 189 15.05 -27.19 6.43
C GLY C 189 14.01 -28.27 6.24
N ASP C 190 13.82 -28.68 4.98
CA ASP C 190 12.77 -29.63 4.60
C ASP C 190 12.97 -31.07 5.08
N HIS C 191 14.12 -31.35 5.68
CA HIS C 191 14.34 -32.68 6.24
CA HIS C 191 14.40 -32.65 6.28
C HIS C 191 13.62 -32.83 7.58
N ILE C 192 13.09 -31.73 8.09
CA ILE C 192 12.32 -31.72 9.34
C ILE C 192 10.86 -31.40 9.06
N TRP C 193 9.96 -32.15 9.69
CA TRP C 193 8.52 -31.90 9.53
C TRP C 193 8.11 -30.61 10.23
N GLY C 194 7.15 -29.89 9.65
CA GLY C 194 6.61 -28.68 10.26
C GLY C 194 6.44 -27.53 9.28
N GLY C 195 5.58 -26.59 9.65
CA GLY C 195 5.35 -25.39 8.85
C GLY C 195 5.71 -24.15 9.65
N PRO C 196 5.67 -22.97 9.00
CA PRO C 196 6.01 -21.72 9.66
C PRO C 196 4.95 -21.29 10.68
N PRO C 197 5.29 -20.30 11.52
CA PRO C 197 4.33 -19.78 12.51
C PRO C 197 3.03 -19.32 11.85
N GLY C 198 1.90 -19.63 12.47
CA GLY C 198 0.60 -19.26 11.91
C GLY C 198 0.00 -20.35 11.04
N SER C 199 0.83 -21.29 10.59
CA SER C 199 0.38 -22.37 9.73
C SER C 199 -0.15 -23.55 10.56
N PRO C 200 -0.93 -24.44 9.95
CA PRO C 200 -1.43 -25.63 10.62
C PRO C 200 -0.32 -26.51 11.20
N GLU C 201 0.85 -26.49 10.56
CA GLU C 201 1.97 -27.33 11.01
C GLU C 201 3.01 -26.54 11.81
N GLU C 202 2.59 -25.44 12.42
CA GLU C 202 3.51 -24.57 13.14
C GLU C 202 4.17 -25.23 14.36
N ASP C 203 3.50 -26.23 14.93
CA ASP C 203 4.00 -26.92 16.12
C ASP C 203 5.19 -27.84 15.81
N GLY C 204 5.52 -28.00 14.53
CA GLY C 204 6.65 -28.82 14.13
C GLY C 204 7.97 -28.25 14.60
N ASP C 205 9.01 -29.08 14.57
CA ASP C 205 10.36 -28.66 14.98
C ASP C 205 11.17 -28.05 13.84
N ARG C 206 10.54 -27.82 12.69
CA ARG C 206 11.26 -27.27 11.55
C ARG C 206 11.58 -25.78 11.70
N TYR C 207 10.54 -24.98 11.94
CA TYR C 207 10.71 -23.56 12.18
C TYR C 207 10.75 -23.29 13.68
N ILE C 208 11.96 -23.11 14.20
CA ILE C 208 12.18 -23.03 15.65
C ILE C 208 12.18 -21.59 16.14
N GLU C 209 11.40 -21.34 17.20
CA GLU C 209 11.40 -20.04 17.88
C GLU C 209 12.72 -19.86 18.63
N ILE C 210 13.56 -18.95 18.16
CA ILE C 210 14.90 -18.74 18.71
CA ILE C 210 14.87 -18.78 18.77
C ILE C 210 14.96 -17.60 19.74
N TRP C 211 14.32 -16.49 19.41
CA TRP C 211 14.48 -15.27 20.20
C TRP C 211 13.16 -14.52 20.33
N ASN C 212 12.73 -14.31 21.58
CA ASN C 212 11.55 -13.51 21.86
C ASN C 212 11.91 -12.14 22.41
N ILE C 213 11.36 -11.10 21.80
CA ILE C 213 11.61 -9.72 22.19
C ILE C 213 10.32 -9.09 22.69
N VAL C 214 10.24 -8.85 24.00
CA VAL C 214 9.01 -8.36 24.62
C VAL C 214 9.07 -6.85 24.85
N PHE C 215 8.04 -6.16 24.38
CA PHE C 215 7.91 -4.74 24.64
C PHE C 215 7.02 -4.56 25.86
N MET C 216 7.66 -4.54 27.03
CA MET C 216 6.97 -4.45 28.31
C MET C 216 6.17 -3.16 28.43
N GLN C 217 4.86 -3.31 28.63
CA GLN C 217 3.95 -2.18 28.62
C GLN C 217 2.99 -2.14 29.81
N PHE C 218 2.67 -3.31 30.35
CA PHE C 218 1.64 -3.39 31.39
C PHE C 218 2.06 -4.23 32.60
N ASN C 219 1.33 -4.04 33.70
CA ASN C 219 1.35 -4.95 34.83
C ASN C 219 -0.03 -5.61 34.94
N ARG C 220 -0.09 -6.92 34.72
CA ARG C 220 -1.36 -7.63 34.78
C ARG C 220 -1.84 -7.85 36.21
N GLN C 221 -3.11 -7.61 36.44
CA GLN C 221 -3.72 -7.84 37.76
C GLN C 221 -4.33 -9.24 37.82
N ALA C 222 -4.56 -9.73 39.05
CA ALA C 222 -5.15 -11.04 39.24
C ALA C 222 -6.56 -11.11 38.64
N ASP C 223 -7.23 -9.97 38.59
CA ASP C 223 -8.57 -9.89 38.02
C ASP C 223 -8.53 -9.87 36.50
N GLY C 224 -7.34 -9.70 35.93
CA GLY C 224 -7.16 -9.75 34.48
C GLY C 224 -6.95 -8.40 33.83
N THR C 225 -7.12 -7.33 34.59
CA THR C 225 -6.97 -5.98 34.04
C THR C 225 -5.51 -5.60 33.82
N MET C 226 -5.27 -4.69 32.88
CA MET C 226 -3.94 -4.36 32.40
C MET C 226 -3.55 -2.94 32.80
N GLU C 227 -2.71 -2.81 33.82
CA GLU C 227 -2.22 -1.50 34.25
C GLU C 227 -0.88 -1.17 33.61
N PRO C 228 -0.77 0.02 33.02
CA PRO C 228 0.46 0.48 32.34
C PRO C 228 1.67 0.57 33.26
N LEU C 229 2.84 0.19 32.75
CA LEU C 229 4.09 0.39 33.47
C LEU C 229 4.52 1.84 33.34
N PRO C 230 5.28 2.35 34.32
CA PRO C 230 5.77 3.72 34.33
C PRO C 230 6.58 4.08 33.09
N LYS C 231 7.41 3.14 32.62
CA LYS C 231 8.23 3.37 31.44
C LYS C 231 8.20 2.13 30.55
N PRO C 232 7.77 2.31 29.29
CA PRO C 232 7.84 1.21 28.33
C PRO C 232 9.26 0.69 28.28
N SER C 233 9.42 -0.63 28.32
CA SER C 233 10.75 -1.21 28.47
C SER C 233 10.91 -2.44 27.57
N VAL C 234 12.10 -3.02 27.58
CA VAL C 234 12.38 -4.18 26.72
C VAL C 234 12.87 -5.39 27.54
N ASP C 235 12.28 -6.55 27.28
CA ASP C 235 12.67 -7.82 27.89
C ASP C 235 12.84 -8.85 26.77
N THR C 236 14.07 -9.29 26.54
CA THR C 236 14.29 -10.29 25.49
C THR C 236 14.92 -11.57 26.03
N ALA C 237 14.79 -12.64 25.27
CA ALA C 237 15.37 -13.93 25.64
C ALA C 237 15.53 -14.83 24.42
N MET C 238 16.77 -15.25 24.16
CA MET C 238 17.05 -16.26 23.14
C MET C 238 17.46 -17.57 23.81
N GLY C 239 16.83 -18.66 23.40
CA GLY C 239 17.15 -19.98 23.97
C GLY C 239 18.55 -20.41 23.58
N LEU C 240 19.43 -20.53 24.57
CA LEU C 240 20.83 -20.87 24.33
C LEU C 240 20.95 -22.21 23.59
N GLU C 241 20.19 -23.20 24.03
CA GLU C 241 20.25 -24.52 23.43
C GLU C 241 19.77 -24.47 21.98
N ARG C 242 18.75 -23.66 21.72
CA ARG C 242 18.17 -23.56 20.39
C ARG C 242 19.11 -22.85 19.40
N ILE C 243 19.72 -21.75 19.83
CA ILE C 243 20.68 -21.05 18.96
C ILE C 243 21.96 -21.87 18.79
N ALA C 244 22.33 -22.64 19.83
CA ALA C 244 23.47 -23.55 19.74
C ALA C 244 23.24 -24.60 18.65
N ALA C 245 22.02 -25.14 18.58
CA ALA C 245 21.68 -26.11 17.54
C ALA C 245 21.86 -25.50 16.16
N VAL C 246 21.37 -24.28 15.97
CA VAL C 246 21.54 -23.55 14.72
C VAL C 246 23.01 -23.39 14.36
N LEU C 247 23.78 -22.86 15.31
CA LEU C 247 25.19 -22.54 15.08
C LEU C 247 26.09 -23.76 14.91
N GLN C 248 25.69 -24.90 15.50
CA GLN C 248 26.47 -26.12 15.38
C GLN C 248 25.96 -27.00 14.24
N HIS C 249 25.05 -26.47 13.44
CA HIS C 249 24.58 -27.11 12.22
C HIS C 249 23.85 -28.43 12.48
N VAL C 250 23.13 -28.49 13.59
CA VAL C 250 22.28 -29.65 13.90
C VAL C 250 20.84 -29.17 14.03
N ASN C 251 19.92 -30.11 14.12
CA ASN C 251 18.50 -29.77 14.15
C ASN C 251 17.88 -29.82 15.53
N SER C 252 18.32 -30.78 16.34
CA SER C 252 17.77 -30.95 17.68
C SER C 252 18.66 -30.32 18.75
N ASN C 253 18.03 -29.75 19.78
CA ASN C 253 18.76 -29.27 20.94
C ASN C 253 19.63 -30.36 21.53
N TYR C 254 19.13 -31.60 21.47
CA TYR C 254 19.81 -32.74 22.08
C TYR C 254 21.04 -33.19 21.28
N ASP C 255 21.24 -32.54 20.13
CA ASP C 255 22.40 -32.84 19.29
C ASP C 255 23.53 -31.83 19.47
N ILE C 256 23.34 -30.84 20.33
CA ILE C 256 24.42 -29.89 20.59
C ILE C 256 25.50 -30.55 21.45
N ASP C 257 26.69 -29.97 21.45
CA ASP C 257 27.83 -30.53 22.18
C ASP C 257 27.48 -30.90 23.63
N LEU C 258 26.81 -29.98 24.32
CA LEU C 258 26.41 -30.17 25.71
C LEU C 258 25.60 -31.46 25.90
N PHE C 259 24.54 -31.62 25.11
CA PHE C 259 23.66 -32.77 25.26
C PHE C 259 24.24 -34.08 24.72
N ARG C 260 25.08 -34.01 23.69
CA ARG C 260 25.72 -35.21 23.15
C ARG C 260 26.58 -35.88 24.23
N THR C 261 27.38 -35.06 24.91
CA THR C 261 28.24 -35.54 25.99
C THR C 261 27.40 -36.06 27.17
N LEU C 262 26.33 -35.35 27.49
CA LEU C 262 25.47 -35.71 28.61
C LEU C 262 24.72 -37.01 28.34
N ILE C 263 24.22 -37.16 27.12
CA ILE C 263 23.51 -38.38 26.72
C ILE C 263 24.43 -39.62 26.76
N GLN C 264 25.68 -39.44 26.35
CA GLN C 264 26.69 -40.50 26.44
C GLN C 264 26.86 -40.96 27.88
N ALA C 265 26.88 -40.00 28.80
CA ALA C 265 27.00 -40.30 30.23
C ALA C 265 25.78 -41.07 30.74
N VAL C 266 24.60 -40.67 30.28
CA VAL C 266 23.37 -41.37 30.64
C VAL C 266 23.41 -42.83 30.17
N ALA C 267 23.84 -43.03 28.93
CA ALA C 267 23.97 -44.37 28.36
C ALA C 267 24.94 -45.22 29.18
N LYS C 268 26.05 -44.61 29.58
CA LYS C 268 27.06 -45.27 30.38
C LYS C 268 26.53 -45.76 31.72
N VAL C 269 25.80 -44.92 32.43
CA VAL C 269 25.35 -45.26 33.79
C VAL C 269 24.12 -46.16 33.82
N THR C 270 23.35 -46.16 32.74
CA THR C 270 22.14 -46.98 32.65
C THR C 270 22.41 -48.31 31.95
N GLY C 271 23.50 -48.37 31.20
CA GLY C 271 23.85 -49.57 30.44
C GLY C 271 23.13 -49.65 29.10
N ALA C 272 22.52 -48.55 28.68
CA ALA C 272 21.85 -48.49 27.39
C ALA C 272 22.86 -48.38 26.25
N THR C 273 22.50 -48.91 25.09
CA THR C 273 23.39 -48.90 23.93
C THR C 273 22.82 -48.09 22.77
N ASP C 274 21.49 -48.03 22.70
CA ASP C 274 20.80 -47.29 21.65
C ASP C 274 20.71 -45.81 21.99
N LEU C 275 21.61 -45.01 21.40
CA LEU C 275 21.69 -43.58 21.69
C LEU C 275 20.52 -42.77 21.12
N SER C 276 19.56 -43.44 20.50
CA SER C 276 18.43 -42.75 19.89
C SER C 276 17.15 -42.87 20.73
N ASN C 277 17.20 -43.69 21.77
CA ASN C 277 16.05 -43.89 22.66
C ASN C 277 15.70 -42.58 23.37
N LYS C 278 14.41 -42.24 23.37
CA LYS C 278 13.98 -40.96 23.92
C LYS C 278 14.19 -40.84 25.43
N SER C 279 14.26 -41.97 26.12
CA SER C 279 14.48 -41.98 27.56
C SER C 279 15.84 -41.42 27.94
N LEU C 280 16.81 -41.57 27.05
CA LEU C 280 18.14 -40.99 27.27
C LEU C 280 18.05 -39.46 27.26
N ARG C 281 17.23 -38.92 26.37
CA ARG C 281 17.03 -37.48 26.27
C ARG C 281 16.23 -36.94 27.45
N VAL C 282 15.25 -37.70 27.90
CA VAL C 282 14.47 -37.31 29.07
C VAL C 282 15.36 -37.24 30.32
N ILE C 283 16.19 -38.26 30.52
CA ILE C 283 17.07 -38.29 31.69
C ILE C 283 18.11 -37.18 31.65
N ALA C 284 18.66 -36.93 30.47
CA ALA C 284 19.63 -35.83 30.28
C ALA C 284 19.00 -34.49 30.64
N ASP C 285 17.75 -34.28 30.25
CA ASP C 285 17.03 -33.07 30.61
C ASP C 285 16.76 -33.00 32.11
N HIS C 286 16.35 -34.12 32.68
CA HIS C 286 15.90 -34.18 34.06
C HIS C 286 17.05 -33.97 35.06
N ILE C 287 18.25 -34.45 34.74
CA ILE C 287 19.38 -34.21 35.64
C ILE C 287 19.69 -32.71 35.73
N ARG C 288 19.51 -31.98 34.63
CA ARG C 288 19.76 -30.54 34.65
C ARG C 288 18.80 -29.81 35.61
N SER C 289 17.50 -30.02 35.45
CA SER C 289 16.54 -29.39 36.36
C SER C 289 16.70 -29.86 37.80
N CYS C 290 16.82 -31.17 38.00
CA CYS C 290 16.93 -31.72 39.35
C CYS C 290 18.18 -31.26 40.09
N ALA C 291 19.34 -31.39 39.45
CA ALA C 291 20.61 -31.01 40.10
C ALA C 291 20.70 -29.52 40.43
N PHE C 292 20.28 -28.67 39.50
CA PHE C 292 20.32 -27.23 39.70
C PHE C 292 19.30 -26.76 40.74
N LEU C 293 18.12 -27.37 40.76
CA LEU C 293 17.12 -27.03 41.77
C LEU C 293 17.63 -27.33 43.18
N ILE C 294 18.27 -28.48 43.35
CA ILE C 294 18.86 -28.85 44.63
C ILE C 294 20.00 -27.90 45.01
N ALA C 295 20.84 -27.56 44.04
CA ALA C 295 21.92 -26.62 44.28
C ALA C 295 21.38 -25.27 44.74
N ASP C 296 20.21 -24.90 44.22
CA ASP C 296 19.58 -23.62 44.55
C ASP C 296 18.64 -23.71 45.77
N GLY C 297 18.68 -24.83 46.48
CA GLY C 297 18.04 -24.91 47.79
C GLY C 297 16.79 -25.76 47.94
N VAL C 298 16.33 -26.39 46.85
CA VAL C 298 15.12 -27.20 46.92
C VAL C 298 15.44 -28.61 47.45
N MET C 299 14.64 -29.07 48.41
CA MET C 299 14.76 -30.43 48.93
C MET C 299 13.49 -31.19 48.59
N PRO C 300 13.65 -32.46 48.17
CA PRO C 300 12.48 -33.29 47.83
C PRO C 300 11.51 -33.37 49.00
N SER C 301 10.22 -33.32 48.70
CA SER C 301 9.18 -33.41 49.71
C SER C 301 7.87 -33.75 49.03
N ASN C 302 6.78 -33.73 49.80
CA ASN C 302 5.47 -34.00 49.24
C ASN C 302 4.60 -32.74 49.12
N GLU C 303 5.25 -31.58 49.16
CA GLU C 303 4.54 -30.30 49.08
CA GLU C 303 4.53 -30.31 49.07
C GLU C 303 5.27 -29.28 48.21
N ASN C 304 4.49 -28.46 47.50
CA ASN C 304 5.01 -27.30 46.79
C ASN C 304 6.26 -27.55 45.94
N ARG C 305 7.31 -26.77 46.16
CA ARG C 305 8.52 -26.89 45.33
C ARG C 305 9.17 -28.26 45.46
N GLY C 306 9.24 -28.76 46.68
CA GLY C 306 9.84 -30.07 46.95
C GLY C 306 9.16 -31.21 46.20
N TYR C 307 7.84 -31.09 45.99
CA TYR C 307 7.11 -32.15 45.30
C TYR C 307 7.34 -32.10 43.80
N VAL C 308 7.46 -30.90 43.24
CA VAL C 308 7.79 -30.80 41.81
C VAL C 308 9.15 -31.46 41.56
N LEU C 309 10.12 -31.18 42.42
CA LEU C 309 11.44 -31.80 42.33
C LEU C 309 11.34 -33.33 42.47
N ARG C 310 10.63 -33.79 43.49
CA ARG C 310 10.44 -35.22 43.71
C ARG C 310 9.84 -35.88 42.46
N ARG C 311 8.83 -35.24 41.89
CA ARG C 311 8.15 -35.76 40.71
CA ARG C 311 8.15 -35.74 40.69
C ARG C 311 9.10 -35.91 39.52
N ILE C 312 9.94 -34.91 39.29
CA ILE C 312 10.90 -34.97 38.18
C ILE C 312 11.97 -36.04 38.44
N ILE C 313 12.49 -36.09 39.66
CA ILE C 313 13.48 -37.12 40.02
C ILE C 313 12.93 -38.52 39.78
N ARG C 314 11.72 -38.77 40.28
CA ARG C 314 11.12 -40.11 40.19
C ARG C 314 10.79 -40.49 38.75
N ARG C 315 10.37 -39.52 37.94
CA ARG C 315 10.16 -39.77 36.51
C ARG C 315 11.47 -40.14 35.81
N ALA C 316 12.56 -39.48 36.21
CA ALA C 316 13.87 -39.78 35.65
C ALA C 316 14.32 -41.20 35.99
N VAL C 317 14.14 -41.58 37.26
CA VAL C 317 14.47 -42.93 37.72
C VAL C 317 13.65 -43.96 36.96
N ARG C 318 12.37 -43.67 36.75
CA ARG C 318 11.49 -44.56 35.99
C ARG C 318 12.04 -44.80 34.57
N HIS C 319 12.40 -43.72 33.89
CA HIS C 319 13.02 -43.84 32.57
C HIS C 319 14.32 -44.66 32.59
N GLY C 320 15.10 -44.51 33.65
CA GLY C 320 16.30 -45.32 33.83
C GLY C 320 15.95 -46.80 33.95
N ASN C 321 14.83 -47.08 34.62
CA ASN C 321 14.35 -48.47 34.75
C ASN C 321 13.93 -49.05 33.40
N MET C 322 13.28 -48.24 32.58
CA MET C 322 12.88 -48.67 31.25
C MET C 322 14.09 -49.00 30.38
N LEU C 323 15.19 -48.27 30.58
CA LEU C 323 16.42 -48.50 29.83
C LEU C 323 17.22 -49.69 30.38
N GLY C 324 16.82 -50.18 31.55
CA GLY C 324 17.44 -51.36 32.14
C GLY C 324 18.55 -51.09 33.13
N ALA C 325 18.52 -49.93 33.78
CA ALA C 325 19.50 -49.62 34.83
C ALA C 325 19.42 -50.66 35.95
N LYS C 326 20.56 -51.26 36.29
CA LYS C 326 20.61 -52.33 37.28
C LYS C 326 20.96 -51.83 38.68
N GLU C 327 21.46 -50.59 38.75
CA GLU C 327 21.84 -50.02 40.03
C GLU C 327 21.56 -48.51 40.07
N THR C 328 21.55 -47.96 41.28
CA THR C 328 21.37 -46.52 41.49
C THR C 328 22.25 -45.74 40.53
N PHE C 329 21.65 -44.86 39.73
CA PHE C 329 22.38 -44.23 38.62
C PHE C 329 22.29 -42.71 38.56
N PHE C 330 21.16 -42.14 38.96
CA PHE C 330 20.84 -40.73 38.64
C PHE C 330 21.85 -39.75 39.22
N TYR C 331 22.31 -40.00 40.45
CA TYR C 331 23.29 -39.12 41.10
C TYR C 331 24.66 -39.13 40.40
N LYS C 332 24.92 -40.18 39.64
CA LYS C 332 26.21 -40.32 38.95
C LYS C 332 26.33 -39.34 37.77
N LEU C 333 25.23 -38.67 37.45
CA LEU C 333 25.21 -37.76 36.32
C LEU C 333 25.56 -36.32 36.69
N VAL C 334 25.65 -36.05 37.99
CA VAL C 334 26.01 -34.71 38.46
C VAL C 334 27.40 -34.28 38.00
N GLY C 335 28.36 -35.19 38.08
CA GLY C 335 29.73 -34.91 37.62
C GLY C 335 29.80 -34.54 36.15
N PRO C 336 29.31 -35.44 35.27
CA PRO C 336 29.18 -35.17 33.84
C PRO C 336 28.46 -33.86 33.54
N LEU C 337 27.42 -33.54 34.30
CA LEU C 337 26.66 -32.30 34.11
C LEU C 337 27.52 -31.06 34.37
N ILE C 338 28.26 -31.08 35.47
CA ILE C 338 29.17 -29.99 35.81
C ILE C 338 30.19 -29.79 34.69
N ASP C 339 30.68 -30.88 34.13
CA ASP C 339 31.68 -30.86 33.08
C ASP C 339 31.21 -30.22 31.76
N VAL C 340 29.91 -30.20 31.51
CA VAL C 340 29.39 -29.60 30.27
C VAL C 340 28.79 -28.20 30.45
N MET C 341 28.63 -27.77 31.70
CA MET C 341 27.92 -26.50 31.97
C MET C 341 28.83 -25.27 31.99
N GLY C 342 30.14 -25.49 32.02
CA GLY C 342 31.08 -24.38 32.09
C GLY C 342 30.84 -23.50 33.30
N SER C 343 30.95 -22.18 33.10
CA SER C 343 30.76 -21.23 34.20
C SER C 343 29.32 -21.18 34.72
N ALA C 344 28.37 -21.64 33.90
CA ALA C 344 26.96 -21.65 34.30
C ALA C 344 26.66 -22.74 35.34
N GLY C 345 27.64 -23.62 35.58
CA GLY C 345 27.49 -24.68 36.59
C GLY C 345 28.19 -24.40 37.90
N GLU C 346 28.73 -23.20 38.06
CA GLU C 346 29.47 -22.81 39.27
C GLU C 346 28.76 -23.19 40.57
N ASP C 347 27.47 -22.86 40.68
CA ASP C 347 26.71 -23.10 41.90
C ASP C 347 26.49 -24.59 42.16
N LEU C 348 26.42 -25.37 41.08
CA LEU C 348 26.29 -26.82 41.19
C LEU C 348 27.61 -27.46 41.61
N LYS C 349 28.70 -27.02 41.01
CA LYS C 349 30.03 -27.55 41.32
C LYS C 349 30.38 -27.32 42.79
N ARG C 350 30.07 -26.12 43.28
CA ARG C 350 30.28 -25.76 44.68
C ARG C 350 29.58 -26.71 45.64
N GLN C 351 28.43 -27.23 45.23
CA GLN C 351 27.64 -28.11 46.08
C GLN C 351 27.50 -29.53 45.55
N GLN C 352 28.48 -29.96 44.76
CA GLN C 352 28.41 -31.27 44.10
C GLN C 352 28.06 -32.42 45.04
N ALA C 353 28.83 -32.56 46.12
CA ALA C 353 28.64 -33.66 47.07
C ALA C 353 27.24 -33.65 47.66
N GLN C 354 26.79 -32.46 48.07
CA GLN C 354 25.46 -32.30 48.65
C GLN C 354 24.36 -32.72 47.66
N VAL C 355 24.47 -32.24 46.42
CA VAL C 355 23.48 -32.57 45.40
C VAL C 355 23.46 -34.08 45.10
N GLU C 356 24.64 -34.68 44.99
CA GLU C 356 24.74 -36.12 44.75
C GLU C 356 24.04 -36.94 45.83
N GLN C 357 24.26 -36.60 47.10
CA GLN C 357 23.65 -37.34 48.20
CA GLN C 357 23.65 -37.31 48.22
C GLN C 357 22.12 -37.22 48.18
N VAL C 358 21.62 -36.02 47.93
CA VAL C 358 20.15 -35.84 47.85
C VAL C 358 19.54 -36.72 46.76
N LEU C 359 20.14 -36.72 45.58
CA LEU C 359 19.63 -37.52 44.47
C LEU C 359 19.76 -39.02 44.71
N LYS C 360 20.85 -39.42 45.35
CA LYS C 360 21.09 -40.83 45.69
C LYS C 360 20.04 -41.33 46.68
N THR C 361 19.84 -40.56 47.74
CA THR C 361 18.85 -40.89 48.77
C THR C 361 17.45 -40.99 48.18
N GLU C 362 17.08 -40.02 47.33
CA GLU C 362 15.76 -40.01 46.72
C GLU C 362 15.52 -41.21 45.80
N GLU C 363 16.52 -41.58 45.01
CA GLU C 363 16.38 -42.75 44.13
C GLU C 363 16.28 -44.04 44.94
N GLU C 364 17.12 -44.16 45.96
CA GLU C 364 17.09 -45.33 46.84
C GLU C 364 15.73 -45.47 47.51
N GLN C 365 15.19 -44.35 47.97
CA GLN C 365 13.87 -44.33 48.60
C GLN C 365 12.76 -44.76 47.64
N PHE C 366 12.82 -44.29 46.40
CA PHE C 366 11.81 -44.65 45.41
C PHE C 366 11.95 -46.12 44.97
N ALA C 367 13.19 -46.61 44.94
CA ALA C 367 13.45 -47.99 44.55
C ALA C 367 12.75 -49.00 45.46
N ARG C 368 12.39 -48.56 46.66
CA ARG C 368 11.67 -49.39 47.61
C ARG C 368 10.32 -49.84 47.06
N THR C 369 9.77 -49.06 46.11
CA THR C 369 8.43 -49.34 45.57
C THR C 369 8.34 -49.34 44.04
N LEU C 370 9.36 -48.85 43.36
CA LEU C 370 9.27 -48.65 41.90
C LEU C 370 8.94 -49.92 41.11
N GLU C 371 9.78 -50.95 41.24
CA GLU C 371 9.54 -52.17 40.48
C GLU C 371 8.22 -52.85 40.84
N ARG C 372 7.90 -52.86 42.14
CA ARG C 372 6.65 -53.45 42.58
C ARG C 372 5.44 -52.70 42.02
N GLY C 373 5.53 -51.37 42.01
CA GLY C 373 4.47 -50.54 41.45
C GLY C 373 4.32 -50.70 39.95
N LEU C 374 5.44 -50.83 39.25
CA LEU C 374 5.42 -51.07 37.81
C LEU C 374 4.79 -52.43 37.50
N ALA C 375 5.10 -53.42 38.34
CA ALA C 375 4.51 -54.74 38.20
C ALA C 375 2.99 -54.65 38.33
N LEU C 376 2.51 -53.94 39.34
CA LEU C 376 1.08 -53.74 39.52
C LEU C 376 0.45 -53.04 38.32
N LEU C 377 1.08 -51.97 37.87
CA LEU C 377 0.58 -51.23 36.71
C LEU C 377 0.52 -52.11 35.47
N ASP C 378 1.55 -52.93 35.27
CA ASP C 378 1.55 -53.90 34.18
C ASP C 378 0.38 -54.87 34.30
N GLU C 379 0.20 -55.44 35.49
CA GLU C 379 -0.91 -56.33 35.77
CA GLU C 379 -0.91 -56.33 35.76
C GLU C 379 -2.25 -55.68 35.41
N GLU C 380 -2.43 -54.44 35.84
CA GLU C 380 -3.68 -53.72 35.61
C GLU C 380 -3.92 -53.35 34.15
N LEU C 381 -2.87 -52.98 33.44
CA LEU C 381 -2.98 -52.63 32.02
C LEU C 381 -3.21 -53.87 31.16
N ALA C 382 -2.65 -55.01 31.58
CA ALA C 382 -2.77 -56.25 30.83
C ALA C 382 -4.21 -56.74 30.74
N LYS C 383 -5.01 -56.39 31.75
CA LYS C 383 -6.41 -56.82 31.80
C LYS C 383 -7.36 -55.65 31.60
N LEU C 384 -6.80 -54.46 31.37
CA LEU C 384 -7.60 -53.27 31.16
C LEU C 384 -8.40 -53.34 29.86
N SER C 385 -9.70 -53.05 29.97
CA SER C 385 -10.57 -52.96 28.81
C SER C 385 -10.83 -51.49 28.49
N GLY C 386 -10.34 -51.04 27.34
CA GLY C 386 -10.47 -49.64 26.95
C GLY C 386 -9.13 -48.92 26.90
N ASP C 387 -9.17 -47.61 26.70
CA ASP C 387 -7.95 -46.83 26.53
C ASP C 387 -7.60 -45.95 27.72
N THR C 388 -8.27 -46.17 28.85
CA THR C 388 -8.08 -45.33 30.03
C THR C 388 -7.93 -46.12 31.33
N LEU C 389 -6.83 -45.88 32.04
CA LEU C 389 -6.62 -46.46 33.35
C LEU C 389 -7.58 -45.82 34.34
N ASP C 390 -8.26 -46.65 35.14
CA ASP C 390 -9.22 -46.15 36.12
C ASP C 390 -8.51 -45.34 37.21
N GLY C 391 -9.24 -44.39 37.79
CA GLY C 391 -8.71 -43.51 38.82
C GLY C 391 -8.33 -44.21 40.11
N GLU C 392 -9.04 -45.30 40.43
CA GLU C 392 -8.75 -46.05 41.64
C GLU C 392 -7.35 -46.67 41.58
N THR C 393 -6.98 -47.18 40.40
CA THR C 393 -5.66 -47.77 40.22
C THR C 393 -4.56 -46.71 40.27
N ALA C 394 -4.79 -45.58 39.61
CA ALA C 394 -3.86 -44.47 39.65
C ALA C 394 -3.65 -44.02 41.10
N PHE C 395 -4.74 -43.94 41.86
CA PHE C 395 -4.66 -43.54 43.27
C PHE C 395 -3.94 -44.59 44.11
N ARG C 396 -4.18 -45.86 43.81
CA ARG C 396 -3.50 -46.94 44.54
CA ARG C 396 -3.50 -46.96 44.50
C ARG C 396 -1.99 -46.86 44.31
N LEU C 397 -1.58 -46.58 43.07
CA LEU C 397 -0.16 -46.44 42.75
C LEU C 397 0.44 -45.25 43.49
N TYR C 398 -0.36 -44.19 43.63
CA TYR C 398 0.04 -43.00 44.37
C TYR C 398 0.16 -43.28 45.87
N ASP C 399 -0.90 -43.82 46.45
CA ASP C 399 -1.00 -43.96 47.90
C ASP C 399 -0.09 -45.06 48.48
N THR C 400 0.01 -46.17 47.77
CA THR C 400 0.80 -47.31 48.24
C THR C 400 2.24 -47.27 47.74
N TYR C 401 2.43 -46.88 46.48
CA TYR C 401 3.75 -47.00 45.85
C TYR C 401 4.46 -45.65 45.67
N GLY C 402 3.77 -44.55 45.97
CA GLY C 402 4.38 -43.23 45.85
C GLY C 402 4.59 -42.80 44.41
N PHE C 403 3.72 -43.27 43.52
CA PHE C 403 3.71 -42.84 42.12
C PHE C 403 2.89 -41.56 41.96
N PRO C 404 3.55 -40.43 41.68
CA PRO C 404 2.74 -39.25 41.33
C PRO C 404 1.88 -39.58 40.12
N VAL C 405 0.70 -38.97 40.02
CA VAL C 405 -0.25 -39.30 38.96
C VAL C 405 0.33 -39.03 37.57
N ASP C 406 1.19 -38.02 37.46
CA ASP C 406 1.82 -37.68 36.18
C ASP C 406 2.91 -38.69 35.79
N LEU C 407 3.52 -39.34 36.77
CA LEU C 407 4.46 -40.41 36.49
C LEU C 407 3.73 -41.63 35.94
N THR C 408 2.59 -41.96 36.55
CA THR C 408 1.74 -43.04 36.07
C THR C 408 1.22 -42.75 34.65
N ALA C 409 0.80 -41.50 34.43
CA ALA C 409 0.34 -41.07 33.11
C ALA C 409 1.45 -41.16 32.05
N ASP C 410 2.68 -40.85 32.46
CA ASP C 410 3.85 -40.90 31.58
C ASP C 410 4.09 -42.33 31.07
N VAL C 411 4.00 -43.30 31.96
CA VAL C 411 4.15 -44.71 31.58
C VAL C 411 3.02 -45.16 30.65
N CYS C 412 1.80 -44.77 31.00
CA CYS C 412 0.62 -45.15 30.22
C CYS C 412 0.65 -44.53 28.83
N ARG C 413 1.11 -43.29 28.75
CA ARG C 413 1.19 -42.56 27.49
C ARG C 413 2.05 -43.29 26.47
N GLU C 414 3.13 -43.92 26.95
CA GLU C 414 4.03 -44.69 26.09
C GLU C 414 3.35 -45.91 25.47
N ARG C 415 2.24 -46.33 26.05
CA ARG C 415 1.50 -47.48 25.53
C ARG C 415 0.14 -47.04 24.98
N ASN C 416 0.03 -45.75 24.69
CA ASN C 416 -1.21 -45.17 24.13
C ASN C 416 -2.42 -45.33 25.04
N ILE C 417 -2.17 -45.24 26.35
CA ILE C 417 -3.23 -45.35 27.34
C ILE C 417 -3.36 -44.04 28.14
N LYS C 418 -4.60 -43.60 28.34
CA LYS C 418 -4.86 -42.40 29.13
C LYS C 418 -5.05 -42.74 30.60
N VAL C 419 -5.10 -41.72 31.45
CA VAL C 419 -5.39 -41.89 32.87
C VAL C 419 -6.63 -41.08 33.21
N ASP C 420 -7.56 -41.68 33.94
CA ASP C 420 -8.76 -40.99 34.39
C ASP C 420 -8.42 -40.03 35.52
N GLU C 421 -8.05 -38.80 35.16
CA GLU C 421 -7.64 -37.78 36.11
C GLU C 421 -8.77 -37.40 37.06
N ALA C 422 -9.99 -37.34 36.54
CA ALA C 422 -11.15 -37.01 37.36
C ALA C 422 -11.38 -38.09 38.41
N GLY C 423 -11.23 -39.34 38.02
CA GLY C 423 -11.34 -40.47 38.95
C GLY C 423 -10.28 -40.44 40.03
N PHE C 424 -9.05 -40.12 39.64
CA PHE C 424 -7.94 -39.99 40.58
C PHE C 424 -8.20 -38.89 41.60
N GLU C 425 -8.67 -37.74 41.11
CA GLU C 425 -8.97 -36.61 41.98
C GLU C 425 -10.15 -36.91 42.89
N ALA C 426 -11.10 -37.70 42.40
CA ALA C 426 -12.24 -38.13 43.21
C ALA C 426 -11.79 -39.05 44.33
N ALA C 427 -10.86 -39.95 44.02
CA ALA C 427 -10.29 -40.83 45.02
C ALA C 427 -9.51 -40.05 46.08
N MET C 428 -8.76 -39.04 45.63
CA MET C 428 -8.00 -38.20 46.55
CA MET C 428 -8.00 -38.17 46.53
C MET C 428 -8.93 -37.45 47.49
N GLU C 429 -10.03 -36.92 46.94
CA GLU C 429 -11.01 -36.19 47.73
C GLU C 429 -11.72 -37.10 48.74
N GLU C 430 -12.07 -38.31 48.32
CA GLU C 430 -12.67 -39.30 49.23
C GLU C 430 -11.76 -39.54 50.43
N GLN C 431 -10.46 -39.62 50.18
CA GLN C 431 -9.51 -39.86 51.26
C GLN C 431 -9.41 -38.65 52.19
N ARG C 432 -9.44 -37.45 51.62
CA ARG C 432 -9.43 -36.24 52.44
C ARG C 432 -10.65 -36.18 53.34
N ARG C 433 -11.80 -36.60 52.82
CA ARG C 433 -13.03 -36.65 53.60
C ARG C 433 -12.91 -37.63 54.77
N ARG C 434 -12.34 -38.80 54.50
CA ARG C 434 -12.07 -39.78 55.55
C ARG C 434 -11.15 -39.20 56.62
N ALA C 435 -10.12 -38.48 56.18
CA ALA C 435 -9.20 -37.84 57.11
C ALA C 435 -9.91 -36.79 57.98
N ARG C 436 -10.77 -35.99 57.37
CA ARG C 436 -11.55 -34.99 58.11
C ARG C 436 -12.50 -35.64 59.12
N GLU C 437 -13.18 -36.70 58.69
CA GLU C 437 -14.12 -37.40 59.56
CA GLU C 437 -14.11 -37.42 59.56
C GLU C 437 -13.40 -37.98 60.79
N ALA C 438 -12.23 -38.56 60.57
CA ALA C 438 -11.47 -39.16 61.66
C ALA C 438 -10.81 -38.13 62.57
N SER C 439 -10.29 -37.06 61.99
CA SER C 439 -9.58 -36.04 62.77
CA SER C 439 -9.58 -36.03 62.76
C SER C 439 -10.51 -35.16 63.59
N GLY C 440 -11.71 -34.90 63.06
CA GLY C 440 -12.70 -34.10 63.77
C GLY C 440 -12.50 -32.60 63.60
N PHE C 441 -12.83 -31.85 64.64
CA PHE C 441 -12.82 -30.38 64.59
C PHE C 441 -11.44 -29.79 64.32
N SER D 1 -32.07 26.10 -15.17
CA SER D 1 -31.30 24.90 -15.58
C SER D 1 -31.45 24.61 -17.07
N LYS D 2 -30.58 23.76 -17.60
CA LYS D 2 -30.63 23.38 -19.01
C LYS D 2 -31.79 22.43 -19.28
N SER D 3 -32.45 22.62 -20.42
CA SER D 3 -33.50 21.71 -20.85
C SER D 3 -32.90 20.39 -21.29
N THR D 4 -33.74 19.36 -21.41
CA THR D 4 -33.28 18.07 -21.90
C THR D 4 -32.62 18.20 -23.26
N ALA D 5 -33.23 19.01 -24.13
CA ALA D 5 -32.69 19.26 -25.47
C ALA D 5 -31.33 19.95 -25.43
N GLU D 6 -31.17 20.91 -24.53
CA GLU D 6 -29.90 21.62 -24.37
C GLU D 6 -28.80 20.68 -23.84
N ILE D 7 -29.18 19.78 -22.95
CA ILE D 7 -28.25 18.80 -22.40
C ILE D 7 -27.79 17.82 -23.48
N ARG D 8 -28.73 17.34 -24.29
CA ARG D 8 -28.42 16.45 -25.40
C ARG D 8 -27.42 17.13 -26.34
N GLN D 9 -27.68 18.38 -26.68
CA GLN D 9 -26.82 19.12 -27.61
C GLN D 9 -25.45 19.43 -27.00
N ALA D 10 -25.44 19.75 -25.71
CA ALA D 10 -24.19 20.09 -25.02
C ALA D 10 -23.25 18.89 -24.97
N PHE D 11 -23.80 17.70 -24.73
CA PHE D 11 -23.02 16.48 -24.75
C PHE D 11 -22.37 16.27 -26.12
N LEU D 12 -23.17 16.40 -27.18
CA LEU D 12 -22.67 16.21 -28.53
C LEU D 12 -21.64 17.28 -28.89
N ASP D 13 -21.88 18.51 -28.48
CA ASP D 13 -20.94 19.60 -28.70
C ASP D 13 -19.60 19.33 -28.01
N PHE D 14 -19.67 18.83 -26.78
CA PHE D 14 -18.45 18.49 -26.04
C PHE D 14 -17.58 17.51 -26.81
N PHE D 15 -18.16 16.39 -27.23
CA PHE D 15 -17.35 15.37 -27.90
C PHE D 15 -16.93 15.77 -29.31
N HIS D 16 -17.77 16.53 -29.99
CA HIS D 16 -17.41 17.08 -31.29
C HIS D 16 -16.19 17.99 -31.17
N SER D 17 -16.15 18.79 -30.11
CA SER D 17 -15.00 19.67 -29.85
C SER D 17 -13.75 18.85 -29.52
N LYS D 18 -13.96 17.60 -29.08
CA LYS D 18 -12.86 16.68 -28.84
C LYS D 18 -12.61 15.76 -30.03
N GLY D 19 -13.01 16.21 -31.22
CA GLY D 19 -12.70 15.49 -32.46
C GLY D 19 -13.58 14.30 -32.81
N HIS D 20 -14.69 14.12 -32.11
CA HIS D 20 -15.60 13.02 -32.38
C HIS D 20 -16.58 13.37 -33.51
N GLN D 21 -16.71 12.46 -34.47
CA GLN D 21 -17.71 12.60 -35.53
C GLN D 21 -19.11 12.46 -34.94
N VAL D 22 -19.96 13.45 -35.16
CA VAL D 22 -21.35 13.35 -34.74
C VAL D 22 -22.11 12.47 -35.73
N VAL D 23 -22.64 11.36 -35.24
CA VAL D 23 -23.40 10.43 -36.07
C VAL D 23 -24.85 10.41 -35.60
N ALA D 24 -25.78 10.39 -36.55
CA ALA D 24 -27.20 10.39 -36.21
C ALA D 24 -27.61 9.09 -35.51
N SER D 25 -28.62 9.19 -34.64
CA SER D 25 -29.24 8.02 -34.04
C SER D 25 -29.65 7.04 -35.13
N SER D 26 -29.43 5.75 -34.90
CA SER D 26 -29.99 4.74 -35.77
C SER D 26 -31.48 4.56 -35.45
N SER D 27 -32.16 3.79 -36.30
CA SER D 27 -33.52 3.36 -36.04
C SER D 27 -33.54 2.42 -34.84
N LEU D 28 -34.74 2.19 -34.29
CA LEU D 28 -34.94 1.19 -33.24
C LEU D 28 -34.99 -0.22 -33.81
N VAL D 29 -35.09 -0.32 -35.13
CA VAL D 29 -35.23 -1.62 -35.80
C VAL D 29 -34.08 -1.86 -36.77
N PRO D 30 -33.22 -2.84 -36.46
CA PRO D 30 -32.13 -3.19 -37.36
C PRO D 30 -32.62 -3.91 -38.61
N HIS D 31 -31.95 -3.67 -39.73
CA HIS D 31 -32.23 -4.37 -40.96
C HIS D 31 -31.29 -5.55 -41.13
N ASN D 32 -30.10 -5.44 -40.55
CA ASN D 32 -29.03 -6.42 -40.76
C ASN D 32 -28.43 -7.03 -39.49
N ASP D 33 -29.26 -7.23 -38.48
CA ASP D 33 -28.84 -7.92 -37.26
C ASP D 33 -29.96 -8.83 -36.76
N PRO D 34 -29.92 -10.11 -37.14
CA PRO D 34 -30.97 -11.09 -36.79
C PRO D 34 -30.99 -11.44 -35.30
N THR D 35 -29.92 -11.11 -34.58
CA THR D 35 -29.84 -11.41 -33.15
C THR D 35 -30.49 -10.33 -32.27
N LEU D 36 -30.93 -9.24 -32.89
CA LEU D 36 -31.33 -8.05 -32.14
C LEU D 36 -32.81 -7.69 -32.35
N LEU D 37 -33.60 -7.73 -31.28
CA LEU D 37 -35.02 -7.39 -31.34
C LEU D 37 -35.22 -5.89 -31.64
N PHE D 38 -34.85 -5.05 -30.69
CA PHE D 38 -34.85 -3.59 -30.89
C PHE D 38 -33.51 -3.03 -30.47
N THR D 39 -33.16 -1.87 -31.02
CA THR D 39 -31.92 -1.19 -30.65
C THR D 39 -31.90 -0.97 -29.14
N ASN D 40 -30.92 -1.54 -28.46
CA ASN D 40 -30.87 -1.47 -27.01
C ASN D 40 -29.65 -0.70 -26.47
N ALA D 41 -28.82 -0.20 -27.37
CA ALA D 41 -27.64 0.57 -27.00
C ALA D 41 -27.14 1.44 -28.16
N GLY D 42 -26.46 2.53 -27.82
CA GLY D 42 -25.81 3.37 -28.82
C GLY D 42 -24.82 2.63 -29.69
N MET D 43 -24.18 1.60 -29.14
CA MET D 43 -23.16 0.85 -29.87
C MET D 43 -23.71 -0.09 -30.96
N ASN D 44 -25.01 -0.39 -30.93
CA ASN D 44 -25.58 -1.35 -31.88
C ASN D 44 -25.20 -1.08 -33.34
N GLN D 45 -25.32 0.17 -33.78
CA GLN D 45 -25.05 0.52 -35.18
C GLN D 45 -23.56 0.51 -35.52
N PHE D 46 -22.72 0.37 -34.49
CA PHE D 46 -21.27 0.30 -34.67
C PHE D 46 -20.74 -1.10 -34.35
N LYS D 47 -21.65 -2.05 -34.15
CA LYS D 47 -21.28 -3.42 -33.79
C LYS D 47 -20.17 -3.98 -34.70
N ASP D 48 -20.38 -3.88 -36.01
CA ASP D 48 -19.40 -4.42 -36.97
C ASP D 48 -18.09 -3.63 -36.99
N VAL D 49 -18.13 -2.38 -36.55
CA VAL D 49 -16.92 -1.58 -36.44
C VAL D 49 -16.06 -2.14 -35.31
N PHE D 50 -16.68 -2.39 -34.16
CA PHE D 50 -16.00 -3.02 -33.04
C PHE D 50 -15.45 -4.40 -33.39
N LEU D 51 -16.16 -5.12 -34.25
CA LEU D 51 -15.74 -6.45 -34.70
C LEU D 51 -14.63 -6.37 -35.73
N GLY D 52 -14.38 -5.17 -36.27
CA GLY D 52 -13.36 -4.97 -37.28
C GLY D 52 -13.78 -5.40 -38.67
N LEU D 53 -15.08 -5.57 -38.87
CA LEU D 53 -15.63 -6.01 -40.16
C LEU D 53 -16.04 -4.80 -41.00
N ASP D 54 -16.32 -3.70 -40.32
CA ASP D 54 -16.80 -2.48 -40.97
C ASP D 54 -15.85 -1.35 -40.61
N LYS D 55 -15.37 -0.64 -41.62
CA LYS D 55 -14.45 0.47 -41.37
C LYS D 55 -15.09 1.81 -41.73
N ARG D 56 -14.88 2.79 -40.86
CA ARG D 56 -15.42 4.12 -41.08
C ARG D 56 -14.27 5.08 -41.37
N ASN D 57 -14.59 6.25 -41.89
CA ASN D 57 -13.56 7.26 -42.16
C ASN D 57 -13.15 8.01 -40.90
N TYR D 58 -13.87 7.76 -39.80
CA TYR D 58 -13.55 8.35 -38.50
C TYR D 58 -13.22 7.25 -37.50
N SER D 59 -12.40 7.57 -36.51
CA SER D 59 -11.98 6.58 -35.51
C SER D 59 -12.59 6.88 -34.15
N ARG D 60 -13.36 7.96 -34.08
CA ARG D 60 -14.06 8.32 -32.86
C ARG D 60 -15.39 9.00 -33.21
N ALA D 61 -16.43 8.69 -32.44
CA ALA D 61 -17.77 9.15 -32.76
C ALA D 61 -18.60 9.45 -31.52
N THR D 62 -19.67 10.20 -31.71
CA THR D 62 -20.59 10.52 -30.63
C THR D 62 -22.02 10.56 -31.17
N THR D 63 -22.95 9.98 -30.41
CA THR D 63 -24.36 9.93 -30.83
C THR D 63 -25.30 10.12 -29.65
N SER D 64 -26.53 10.54 -29.92
CA SER D 64 -27.61 10.43 -28.94
C SER D 64 -28.59 9.41 -29.49
N GLN D 65 -28.51 8.18 -28.98
CA GLN D 65 -29.21 7.05 -29.56
C GLN D 65 -30.51 6.74 -28.85
N ARG D 66 -31.61 6.69 -29.61
CA ARG D 66 -32.87 6.20 -29.04
C ARG D 66 -32.81 4.69 -28.85
N CYS D 67 -33.20 4.24 -27.66
CA CYS D 67 -33.13 2.82 -27.31
C CYS D 67 -34.47 2.35 -26.74
N VAL D 68 -34.78 1.09 -26.98
CA VAL D 68 -35.92 0.44 -26.32
C VAL D 68 -35.42 -0.83 -25.67
N ARG D 69 -35.62 -0.95 -24.37
CA ARG D 69 -35.25 -2.15 -23.64
C ARG D 69 -36.51 -2.80 -23.10
N ALA D 70 -37.13 -3.63 -23.93
CA ALA D 70 -38.41 -4.25 -23.62
C ALA D 70 -38.46 -5.69 -24.08
N GLY D 71 -37.29 -6.27 -24.28
CA GLY D 71 -37.17 -7.67 -24.68
C GLY D 71 -35.73 -7.99 -24.95
N GLY D 72 -35.44 -9.26 -25.20
CA GLY D 72 -34.08 -9.70 -25.48
C GLY D 72 -33.17 -9.67 -24.27
N LYS D 73 -31.91 -9.32 -24.50
CA LYS D 73 -30.89 -9.33 -23.46
C LYS D 73 -31.19 -8.31 -22.36
N HIS D 74 -31.63 -7.12 -22.75
CA HIS D 74 -31.87 -6.03 -21.81
C HIS D 74 -33.34 -5.61 -21.87
N ASN D 75 -34.08 -5.98 -20.82
CA ASN D 75 -35.52 -5.77 -20.77
C ASN D 75 -35.93 -5.13 -19.45
N ASP D 76 -36.39 -3.89 -19.50
CA ASP D 76 -36.77 -3.15 -18.29
C ASP D 76 -38.26 -2.85 -18.20
N LEU D 77 -39.05 -3.51 -19.04
CA LEU D 77 -40.50 -3.28 -19.08
C LEU D 77 -41.15 -3.38 -17.70
N GLU D 78 -40.78 -4.40 -16.94
CA GLU D 78 -41.42 -4.65 -15.64
C GLU D 78 -40.92 -3.71 -14.52
N ASN D 79 -39.89 -2.93 -14.82
CA ASN D 79 -39.38 -1.92 -13.90
C ASN D 79 -40.12 -0.58 -14.01
N VAL D 80 -40.76 -0.36 -15.15
CA VAL D 80 -41.41 0.92 -15.43
C VAL D 80 -42.57 1.18 -14.48
N GLY D 81 -42.56 2.36 -13.86
CA GLY D 81 -43.55 2.72 -12.85
C GLY D 81 -43.16 2.30 -11.45
N TYR D 82 -42.17 1.42 -11.34
CA TYR D 82 -41.72 0.93 -10.04
C TYR D 82 -40.41 1.58 -9.58
N THR D 83 -39.68 2.19 -10.51
CA THR D 83 -38.51 2.97 -10.15
C THR D 83 -38.55 4.35 -10.79
N ALA D 84 -37.70 5.24 -10.30
CA ALA D 84 -37.62 6.59 -10.82
C ALA D 84 -36.64 6.69 -11.98
N ARG D 85 -36.02 5.56 -12.32
CA ARG D 85 -34.88 5.56 -13.24
C ARG D 85 -35.01 4.66 -14.48
N HIS D 86 -36.01 3.79 -14.52
CA HIS D 86 -36.16 2.83 -15.63
C HIS D 86 -37.25 3.23 -16.63
N HIS D 87 -36.91 3.16 -17.92
CA HIS D 87 -37.87 3.38 -19.00
C HIS D 87 -37.82 2.20 -19.98
N THR D 88 -38.84 2.10 -20.82
CA THR D 88 -38.74 1.23 -21.99
C THR D 88 -37.94 1.97 -23.06
N PHE D 89 -38.38 3.18 -23.39
CA PHE D 89 -37.70 4.04 -24.36
C PHE D 89 -36.85 5.07 -23.62
N PHE D 90 -35.60 5.23 -24.06
CA PHE D 90 -34.72 6.25 -23.49
C PHE D 90 -33.59 6.58 -24.45
N GLU D 91 -32.87 7.66 -24.19
CA GLU D 91 -31.73 8.03 -25.04
C GLU D 91 -30.40 7.81 -24.35
N MET D 92 -29.44 7.24 -25.07
CA MET D 92 -28.07 7.13 -24.61
C MET D 92 -27.20 8.20 -25.24
N LEU D 93 -26.54 8.99 -24.41
CA LEU D 93 -25.52 9.92 -24.86
C LEU D 93 -24.20 9.16 -24.87
N GLY D 94 -23.66 8.91 -26.07
CA GLY D 94 -22.50 8.05 -26.18
C GLY D 94 -21.29 8.66 -26.86
N ASN D 95 -20.11 8.25 -26.42
CA ASN D 95 -18.90 8.44 -27.21
C ASN D 95 -18.23 7.10 -27.50
N PHE D 96 -17.57 7.02 -28.64
CA PHE D 96 -17.02 5.74 -29.10
C PHE D 96 -15.59 5.93 -29.63
N SER D 97 -14.72 5.00 -29.26
CA SER D 97 -13.35 4.97 -29.78
C SER D 97 -13.15 3.66 -30.53
N PHE D 98 -12.90 3.76 -31.83
CA PHE D 98 -12.66 2.59 -32.66
C PHE D 98 -11.17 2.41 -32.88
N GLY D 99 -10.51 1.79 -31.91
CA GLY D 99 -9.06 1.61 -31.98
C GLY D 99 -8.34 2.94 -31.93
N ASP D 100 -8.94 3.92 -31.24
CA ASP D 100 -8.36 5.26 -31.11
C ASP D 100 -7.76 5.38 -29.70
N TYR D 101 -8.39 6.14 -28.83
CA TYR D 101 -7.96 6.20 -27.42
C TYR D 101 -8.56 5.05 -26.60
N PHE D 102 -8.04 4.83 -25.39
CA PHE D 102 -8.52 3.71 -24.57
C PHE D 102 -8.91 4.13 -23.14
N LYS D 103 -8.48 3.37 -22.14
CA LYS D 103 -9.01 3.51 -20.78
C LYS D 103 -8.83 4.90 -20.15
N LEU D 104 -7.60 5.40 -20.10
CA LEU D 104 -7.35 6.66 -19.40
C LEU D 104 -8.12 7.81 -20.02
N ASP D 105 -8.01 7.98 -21.34
CA ASP D 105 -8.67 9.11 -21.99
C ASP D 105 -10.20 9.02 -22.00
N ALA D 106 -10.74 7.81 -22.04
CA ALA D 106 -12.19 7.63 -21.93
C ALA D 106 -12.69 8.15 -20.58
N ILE D 107 -11.97 7.78 -19.52
CA ILE D 107 -12.33 8.19 -18.17
C ILE D 107 -12.15 9.70 -17.99
N LEU D 108 -11.08 10.25 -18.54
CA LEU D 108 -10.83 11.68 -18.44
C LEU D 108 -11.88 12.52 -19.17
N PHE D 109 -12.26 12.11 -20.38
CA PHE D 109 -13.32 12.80 -21.11
C PHE D 109 -14.60 12.86 -20.28
N ALA D 110 -14.98 11.73 -19.71
CA ALA D 110 -16.23 11.64 -18.94
C ALA D 110 -16.17 12.53 -17.69
N TRP D 111 -15.08 12.41 -16.94
CA TRP D 111 -14.91 13.20 -15.72
C TRP D 111 -14.89 14.71 -16.03
N LEU D 112 -14.20 15.09 -17.09
CA LEU D 112 -14.14 16.49 -17.50
C LEU D 112 -15.53 17.06 -17.81
N LEU D 113 -16.30 16.36 -18.63
CA LEU D 113 -17.64 16.82 -18.99
C LEU D 113 -18.53 16.92 -17.76
N LEU D 114 -18.45 15.92 -16.89
CA LEU D 114 -19.31 15.89 -15.70
C LEU D 114 -18.95 16.95 -14.66
N THR D 115 -17.66 17.15 -14.42
CA THR D 115 -17.24 17.92 -13.24
C THR D 115 -16.55 19.25 -13.50
N SER D 116 -16.14 19.52 -14.74
CA SER D 116 -15.44 20.77 -15.04
C SER D 116 -16.36 21.98 -14.85
N GLU D 117 -15.81 23.06 -14.31
CA GLU D 117 -16.55 24.32 -14.14
C GLU D 117 -17.00 24.86 -15.50
N LYS D 118 -16.31 24.46 -16.56
CA LYS D 118 -16.61 24.91 -17.91
C LYS D 118 -17.74 24.11 -18.55
N TRP D 119 -18.09 22.98 -17.93
CA TRP D 119 -19.09 22.08 -18.49
C TRP D 119 -20.23 21.82 -17.52
N PHE D 120 -20.51 20.56 -17.20
CA PHE D 120 -21.67 20.25 -16.34
C PHE D 120 -21.48 20.63 -14.88
N ALA D 121 -20.22 20.76 -14.45
CA ALA D 121 -19.90 21.24 -13.11
C ALA D 121 -20.62 20.51 -11.98
N LEU D 122 -20.71 19.19 -12.06
CA LEU D 122 -21.33 18.42 -10.98
C LEU D 122 -20.43 18.41 -9.76
N PRO D 123 -21.02 18.39 -8.55
CA PRO D 123 -20.24 18.29 -7.32
C PRO D 123 -19.47 16.97 -7.29
N LYS D 124 -18.15 17.04 -7.30
CA LYS D 124 -17.31 15.84 -7.37
C LYS D 124 -17.57 14.89 -6.21
N GLU D 125 -17.86 15.45 -5.04
CA GLU D 125 -18.06 14.65 -3.83
C GLU D 125 -19.31 13.76 -3.85
N ARG D 126 -20.23 14.02 -4.78
CA ARG D 126 -21.44 13.21 -4.89
C ARG D 126 -21.30 12.11 -5.95
N LEU D 127 -20.14 12.04 -6.57
CA LEU D 127 -19.90 11.07 -7.62
C LEU D 127 -19.12 9.86 -7.11
N TRP D 128 -19.66 8.67 -7.41
CA TRP D 128 -19.03 7.40 -7.05
C TRP D 128 -18.74 6.64 -8.34
N VAL D 129 -17.73 5.78 -8.30
CA VAL D 129 -17.42 4.95 -9.45
C VAL D 129 -17.30 3.47 -9.11
N THR D 130 -17.62 2.61 -10.07
CA THR D 130 -17.40 1.18 -9.92
C THR D 130 -16.46 0.69 -11.01
N VAL D 131 -15.67 -0.32 -10.69
CA VAL D 131 -14.81 -0.96 -11.67
C VAL D 131 -14.99 -2.47 -11.58
N TYR D 132 -14.68 -3.16 -12.66
CA TYR D 132 -14.65 -4.62 -12.64
C TYR D 132 -13.54 -5.04 -11.69
N GLU D 133 -13.83 -6.00 -10.82
CA GLU D 133 -12.90 -6.39 -9.75
C GLU D 133 -11.47 -6.61 -10.23
N SER D 134 -11.33 -7.29 -11.37
CA SER D 134 -10.00 -7.61 -11.93
C SER D 134 -9.38 -6.46 -12.71
N ASP D 135 -10.14 -5.39 -12.93
CA ASP D 135 -9.64 -4.25 -13.71
C ASP D 135 -8.83 -3.31 -12.83
N ASP D 136 -7.60 -3.72 -12.52
CA ASP D 136 -6.71 -2.94 -11.68
C ASP D 136 -6.30 -1.62 -12.35
N GLU D 137 -6.24 -1.65 -13.68
CA GLU D 137 -5.91 -0.44 -14.44
C GLU D 137 -6.96 0.66 -14.27
N ALA D 138 -8.24 0.29 -14.36
CA ALA D 138 -9.33 1.25 -14.18
C ALA D 138 -9.33 1.80 -12.74
N TYR D 139 -9.11 0.92 -11.76
CA TYR D 139 -9.02 1.35 -10.37
C TYR D 139 -7.94 2.41 -10.19
N GLU D 140 -6.74 2.14 -10.71
CA GLU D 140 -5.61 3.07 -10.63
C GLU D 140 -5.91 4.42 -11.28
N ILE D 141 -6.58 4.39 -12.41
CA ILE D 141 -6.92 5.62 -13.12
C ILE D 141 -7.84 6.52 -12.28
N TRP D 142 -8.90 5.96 -11.74
CA TRP D 142 -9.80 6.73 -10.90
C TRP D 142 -9.08 7.24 -9.64
N GLU D 143 -8.32 6.37 -9.00
CA GLU D 143 -7.64 6.73 -7.76
C GLU D 143 -6.52 7.77 -7.96
N LYS D 144 -5.63 7.49 -8.90
CA LYS D 144 -4.41 8.28 -9.03
C LYS D 144 -4.43 9.34 -10.14
N GLU D 145 -5.07 9.03 -11.26
CA GLU D 145 -5.12 10.00 -12.37
C GLU D 145 -6.23 11.02 -12.16
N VAL D 146 -7.40 10.55 -11.73
CA VAL D 146 -8.52 11.45 -11.50
C VAL D 146 -8.53 12.00 -10.08
N GLY D 147 -8.31 11.13 -9.10
CA GLY D 147 -8.26 11.54 -7.70
C GLY D 147 -9.56 11.35 -6.95
N ILE D 148 -10.32 10.32 -7.31
CA ILE D 148 -11.47 9.91 -6.51
C ILE D 148 -10.95 9.26 -5.23
N PRO D 149 -11.42 9.73 -4.06
CA PRO D 149 -11.05 9.07 -2.81
C PRO D 149 -11.43 7.59 -2.86
N ARG D 150 -10.54 6.74 -2.34
CA ARG D 150 -10.70 5.30 -2.43
C ARG D 150 -12.05 4.81 -1.90
N GLU D 151 -12.61 5.52 -0.93
CA GLU D 151 -13.86 5.09 -0.31
C GLU D 151 -15.05 5.19 -1.27
N ARG D 152 -14.89 5.90 -2.39
CA ARG D 152 -15.95 5.99 -3.39
C ARG D 152 -15.59 5.27 -4.69
N ILE D 153 -14.57 4.41 -4.63
CA ILE D 153 -14.24 3.53 -5.74
C ILE D 153 -14.57 2.09 -5.33
N ILE D 154 -15.57 1.51 -6.00
CA ILE D 154 -16.06 0.20 -5.63
CA ILE D 154 -16.08 0.20 -5.64
C ILE D 154 -15.73 -0.85 -6.68
N ARG D 155 -15.16 -1.97 -6.25
CA ARG D 155 -14.86 -3.08 -7.15
C ARG D 155 -16.04 -4.04 -7.15
N ILE D 156 -16.50 -4.41 -8.34
CA ILE D 156 -17.61 -5.34 -8.48
C ILE D 156 -17.17 -6.56 -9.31
N GLY D 157 -17.38 -7.75 -8.76
CA GLY D 157 -17.02 -8.98 -9.49
C GLY D 157 -18.21 -9.51 -10.27
N ASP D 158 -18.22 -10.82 -10.48
CA ASP D 158 -19.34 -11.45 -11.18
C ASP D 158 -20.54 -11.64 -10.26
N ASN D 159 -21.20 -10.53 -9.95
CA ASN D 159 -22.26 -10.51 -8.95
C ASN D 159 -23.61 -11.06 -9.44
N LYS D 160 -23.65 -11.52 -10.68
CA LYS D 160 -24.89 -12.06 -11.25
C LYS D 160 -24.87 -13.59 -11.30
N GLY D 161 -23.92 -14.18 -10.59
CA GLY D 161 -23.91 -15.63 -10.36
C GLY D 161 -23.41 -16.50 -11.50
N ALA D 162 -22.56 -15.94 -12.35
CA ALA D 162 -21.98 -16.68 -13.47
C ALA D 162 -20.77 -15.93 -14.02
N PRO D 163 -19.84 -16.66 -14.67
CA PRO D 163 -18.66 -16.05 -15.28
C PRO D 163 -19.04 -14.93 -16.26
N TYR D 164 -18.43 -13.75 -16.08
CA TYR D 164 -18.68 -12.58 -16.93
C TYR D 164 -20.09 -12.01 -16.76
N ALA D 165 -20.86 -12.58 -15.85
CA ALA D 165 -22.18 -12.05 -15.51
C ALA D 165 -22.00 -11.05 -14.39
N SER D 166 -21.95 -9.77 -14.75
CA SER D 166 -21.55 -8.73 -13.82
C SER D 166 -22.12 -7.38 -14.21
N ASP D 167 -22.38 -6.53 -13.22
CA ASP D 167 -22.78 -5.15 -13.50
C ASP D 167 -21.61 -4.39 -14.11
N ASN D 168 -20.41 -4.94 -13.98
CA ASN D 168 -19.22 -4.31 -14.54
C ASN D 168 -18.57 -5.09 -15.67
N PHE D 169 -19.36 -5.91 -16.34
CA PHE D 169 -18.97 -6.51 -17.61
C PHE D 169 -20.19 -6.39 -18.53
N TRP D 170 -20.08 -5.55 -19.55
CA TRP D 170 -21.24 -5.27 -20.40
C TRP D 170 -21.26 -6.11 -21.67
N GLN D 171 -22.40 -6.73 -21.93
CA GLN D 171 -22.59 -7.55 -23.13
C GLN D 171 -23.76 -7.00 -23.94
N MET D 172 -23.58 -6.94 -25.26
CA MET D 172 -24.67 -6.52 -26.13
C MET D 172 -25.79 -7.56 -26.15
N GLY D 173 -25.40 -8.83 -26.13
CA GLY D 173 -26.35 -9.93 -26.09
C GLY D 173 -25.61 -11.23 -25.81
N ASP D 174 -26.28 -12.36 -26.05
CA ASP D 174 -25.64 -13.67 -25.89
C ASP D 174 -24.41 -13.75 -26.80
N THR D 175 -24.47 -13.05 -27.93
CA THR D 175 -23.33 -12.90 -28.81
C THR D 175 -23.05 -11.42 -29.02
N GLY D 176 -21.83 -11.11 -29.45
CA GLY D 176 -21.49 -9.74 -29.83
C GLY D 176 -20.40 -9.12 -28.99
N PRO D 177 -19.98 -7.90 -29.36
CA PRO D 177 -18.94 -7.18 -28.63
C PRO D 177 -19.28 -7.02 -27.14
N CYS D 178 -18.26 -7.17 -26.30
CA CYS D 178 -18.43 -7.03 -24.86
C CYS D 178 -17.08 -6.72 -24.20
N GLY D 179 -17.12 -6.38 -22.92
CA GLY D 179 -15.89 -6.15 -22.17
C GLY D 179 -16.13 -5.59 -20.78
N PRO D 180 -15.06 -5.54 -19.95
CA PRO D 180 -15.14 -4.94 -18.63
C PRO D 180 -15.54 -3.48 -18.76
N CYS D 181 -16.23 -2.95 -17.76
CA CYS D 181 -16.68 -1.58 -17.82
C CYS D 181 -16.58 -0.87 -16.48
N THR D 182 -16.61 0.45 -16.52
CA THR D 182 -16.59 1.25 -15.30
C THR D 182 -17.78 2.20 -15.33
N GLU D 183 -18.46 2.33 -14.20
CA GLU D 183 -19.67 3.13 -14.16
C GLU D 183 -19.59 4.28 -13.17
N ILE D 184 -20.22 5.38 -13.54
CA ILE D 184 -20.27 6.58 -12.70
C ILE D 184 -21.67 6.75 -12.10
N PHE D 185 -21.72 6.88 -10.78
CA PHE D 185 -22.97 7.02 -10.04
C PHE D 185 -23.07 8.40 -9.40
N TYR D 186 -24.28 8.93 -9.33
CA TYR D 186 -24.54 10.20 -8.65
C TYR D 186 -25.44 9.98 -7.43
N ASP D 187 -25.00 10.49 -6.28
CA ASP D 187 -25.77 10.40 -5.04
C ASP D 187 -26.80 11.51 -4.95
N HIS D 188 -28.08 11.14 -5.04
CA HIS D 188 -29.18 12.13 -5.00
C HIS D 188 -29.50 12.68 -3.59
N GLY D 189 -28.98 12.04 -2.56
CA GLY D 189 -29.16 12.57 -1.20
C GLY D 189 -29.99 11.70 -0.28
N ASP D 190 -29.93 12.00 1.02
CA ASP D 190 -30.57 11.18 2.05
C ASP D 190 -32.11 11.24 2.07
N HIS D 191 -32.69 12.08 1.24
CA HIS D 191 -34.15 12.14 1.16
CA HIS D 191 -34.15 12.18 1.08
C HIS D 191 -34.69 11.00 0.29
N ILE D 192 -33.78 10.28 -0.38
CA ILE D 192 -34.14 9.13 -1.20
C ILE D 192 -33.60 7.85 -0.57
N TRP D 193 -34.41 6.81 -0.52
CA TRP D 193 -33.99 5.52 0.02
C TRP D 193 -32.97 4.85 -0.90
N GLY D 194 -32.00 4.17 -0.30
CA GLY D 194 -31.02 3.42 -1.09
C GLY D 194 -29.58 3.57 -0.60
N GLY D 195 -28.75 2.60 -0.95
CA GLY D 195 -27.33 2.62 -0.61
C GLY D 195 -26.48 2.61 -1.87
N PRO D 196 -25.16 2.81 -1.72
CA PRO D 196 -24.25 2.86 -2.86
C PRO D 196 -24.10 1.51 -3.55
N PRO D 197 -23.56 1.51 -4.80
CA PRO D 197 -23.37 0.25 -5.50
C PRO D 197 -22.50 -0.71 -4.69
N GLY D 198 -22.84 -1.99 -4.73
CA GLY D 198 -22.13 -3.00 -3.93
C GLY D 198 -22.81 -3.26 -2.60
N SER D 199 -23.58 -2.29 -2.11
CA SER D 199 -24.26 -2.40 -0.82
C SER D 199 -25.58 -3.16 -0.94
N PRO D 200 -26.11 -3.64 0.19
CA PRO D 200 -27.42 -4.31 0.22
C PRO D 200 -28.55 -3.45 -0.33
N GLU D 201 -28.48 -2.14 -0.15
CA GLU D 201 -29.52 -1.24 -0.63
C GLU D 201 -29.19 -0.59 -1.97
N GLU D 202 -28.30 -1.22 -2.73
CA GLU D 202 -27.81 -0.66 -3.99
C GLU D 202 -28.92 -0.43 -5.02
N ASP D 203 -29.98 -1.22 -4.94
CA ASP D 203 -31.07 -1.16 -5.92
C ASP D 203 -31.97 0.06 -5.74
N GLY D 204 -31.74 0.83 -4.68
CA GLY D 204 -32.50 2.04 -4.43
C GLY D 204 -32.25 3.10 -5.49
N ASP D 205 -33.12 4.12 -5.54
CA ASP D 205 -33.00 5.20 -6.50
C ASP D 205 -32.11 6.36 -6.00
N ARG D 206 -31.45 6.17 -4.87
CA ARG D 206 -30.62 7.23 -4.31
C ARG D 206 -29.31 7.41 -5.10
N TYR D 207 -28.56 6.34 -5.23
CA TYR D 207 -27.32 6.36 -6.00
C TYR D 207 -27.59 5.87 -7.43
N ILE D 208 -27.77 6.82 -8.35
CA ILE D 208 -28.18 6.51 -9.72
C ILE D 208 -26.99 6.29 -10.65
N GLU D 209 -27.04 5.19 -11.39
CA GLU D 209 -26.06 4.91 -12.45
C GLU D 209 -26.27 5.86 -13.61
N ILE D 210 -25.34 6.79 -13.81
CA ILE D 210 -25.46 7.83 -14.83
CA ILE D 210 -25.52 7.79 -14.87
C ILE D 210 -24.76 7.48 -16.14
N TRP D 211 -23.54 6.99 -16.04
CA TRP D 211 -22.69 6.80 -17.21
C TRP D 211 -21.92 5.48 -17.15
N ASN D 212 -22.11 4.63 -18.16
CA ASN D 212 -21.34 3.41 -18.27
C ASN D 212 -20.28 3.50 -19.37
N ILE D 213 -19.04 3.18 -19.02
CA ILE D 213 -17.92 3.25 -19.96
C ILE D 213 -17.36 1.84 -20.17
N VAL D 214 -17.57 1.30 -21.36
CA VAL D 214 -17.21 -0.09 -21.66
C VAL D 214 -15.89 -0.16 -22.40
N PHE D 215 -14.98 -0.97 -21.90
CA PHE D 215 -13.74 -1.24 -22.59
C PHE D 215 -13.91 -2.52 -23.41
N MET D 216 -14.37 -2.34 -24.64
CA MET D 216 -14.65 -3.44 -25.55
C MET D 216 -13.41 -4.27 -25.81
N GLN D 217 -13.49 -5.56 -25.51
CA GLN D 217 -12.34 -6.45 -25.59
C GLN D 217 -12.61 -7.76 -26.34
N PHE D 218 -13.86 -8.23 -26.27
CA PHE D 218 -14.20 -9.56 -26.80
C PHE D 218 -15.43 -9.57 -27.70
N ASN D 219 -15.54 -10.64 -28.49
CA ASN D 219 -16.78 -11.02 -29.15
C ASN D 219 -17.28 -12.32 -28.51
N ARG D 220 -18.42 -12.27 -27.85
CA ARG D 220 -18.97 -13.45 -27.19
C ARG D 220 -19.63 -14.39 -28.20
N GLN D 221 -19.39 -15.69 -28.02
CA GLN D 221 -19.99 -16.71 -28.88
C GLN D 221 -21.25 -17.28 -28.24
N ALA D 222 -22.06 -17.96 -29.05
CA ALA D 222 -23.30 -18.59 -28.55
C ALA D 222 -22.99 -19.63 -27.48
N ASP D 223 -21.85 -20.31 -27.62
CA ASP D 223 -21.43 -21.32 -26.66
C ASP D 223 -20.88 -20.70 -25.37
N GLY D 224 -20.66 -19.39 -25.40
CA GLY D 224 -20.22 -18.66 -24.21
C GLY D 224 -18.75 -18.27 -24.19
N THR D 225 -17.98 -18.77 -25.15
CA THR D 225 -16.55 -18.45 -25.21
C THR D 225 -16.30 -17.00 -25.64
N MET D 226 -15.19 -16.44 -25.16
CA MET D 226 -14.83 -15.06 -25.45
C MET D 226 -13.69 -14.98 -26.45
N GLU D 227 -13.99 -14.49 -27.65
CA GLU D 227 -12.97 -14.27 -28.67
C GLU D 227 -12.59 -12.79 -28.73
N PRO D 228 -11.30 -12.49 -28.62
CA PRO D 228 -10.76 -11.13 -28.60
C PRO D 228 -11.11 -10.31 -29.84
N LEU D 229 -11.39 -9.03 -29.65
CA LEU D 229 -11.60 -8.10 -30.77
C LEU D 229 -10.23 -7.70 -31.32
N PRO D 230 -10.18 -7.37 -32.62
CA PRO D 230 -8.93 -6.94 -33.28
C PRO D 230 -8.28 -5.73 -32.61
N LYS D 231 -9.09 -4.78 -32.15
CA LYS D 231 -8.57 -3.59 -31.50
C LYS D 231 -9.38 -3.26 -30.26
N PRO D 232 -8.73 -3.23 -29.09
CA PRO D 232 -9.40 -2.78 -27.87
C PRO D 232 -10.04 -1.42 -28.13
N SER D 233 -11.30 -1.26 -27.75
CA SER D 233 -12.04 -0.07 -28.11
C SER D 233 -12.90 0.43 -26.96
N VAL D 234 -13.56 1.58 -27.16
CA VAL D 234 -14.38 2.16 -26.11
C VAL D 234 -15.83 2.36 -26.56
N ASP D 235 -16.77 1.93 -25.73
CA ASP D 235 -18.21 2.12 -25.93
C ASP D 235 -18.80 2.72 -24.67
N THR D 236 -19.26 3.97 -24.73
CA THR D 236 -19.87 4.58 -23.55
C THR D 236 -21.31 5.03 -23.78
N ALA D 237 -22.03 5.21 -22.68
CA ALA D 237 -23.41 5.67 -22.71
C ALA D 237 -23.84 6.28 -21.39
N MET D 238 -24.29 7.52 -21.44
CA MET D 238 -24.90 8.19 -20.30
C MET D 238 -26.40 8.37 -20.57
N GLY D 239 -27.23 7.97 -19.60
CA GLY D 239 -28.68 8.10 -19.73
C GLY D 239 -29.08 9.57 -19.75
N LEU D 240 -29.66 10.02 -20.86
CA LEU D 240 -30.04 11.42 -21.01
C LEU D 240 -31.02 11.84 -19.92
N GLU D 241 -32.04 11.02 -19.71
CA GLU D 241 -33.07 11.33 -18.71
C GLU D 241 -32.47 11.38 -17.29
N ARG D 242 -31.52 10.49 -17.01
CA ARG D 242 -30.90 10.43 -15.69
C ARG D 242 -29.98 11.64 -15.41
N ILE D 243 -29.16 12.03 -16.38
CA ILE D 243 -28.31 13.21 -16.18
C ILE D 243 -29.16 14.49 -16.18
N ALA D 244 -30.24 14.49 -16.95
CA ALA D 244 -31.18 15.61 -16.94
C ALA D 244 -31.77 15.82 -15.54
N ALA D 245 -32.09 14.71 -14.87
CA ALA D 245 -32.61 14.79 -13.51
C ALA D 245 -31.59 15.44 -12.58
N VAL D 246 -30.33 15.01 -12.69
CA VAL D 246 -29.25 15.60 -11.90
C VAL D 246 -29.11 17.09 -12.18
N LEU D 247 -29.04 17.46 -13.45
CA LEU D 247 -28.79 18.86 -13.85
C LEU D 247 -29.97 19.78 -13.55
N GLN D 248 -31.18 19.23 -13.56
CA GLN D 248 -32.37 20.03 -13.29
C GLN D 248 -32.77 19.99 -11.82
N HIS D 249 -31.91 19.37 -11.00
CA HIS D 249 -32.06 19.40 -9.54
C HIS D 249 -33.31 18.69 -9.04
N VAL D 250 -33.67 17.60 -9.72
CA VAL D 250 -34.77 16.75 -9.28
C VAL D 250 -34.22 15.35 -9.06
N ASN D 251 -35.05 14.46 -8.52
CA ASN D 251 -34.58 13.12 -8.17
C ASN D 251 -35.06 12.04 -9.13
N SER D 252 -36.27 12.20 -9.66
CA SER D 252 -36.83 11.20 -10.57
C SER D 252 -36.70 11.63 -12.03
N ASN D 253 -36.43 10.66 -12.90
CA ASN D 253 -36.45 10.92 -14.33
C ASN D 253 -37.77 11.56 -14.75
N TYR D 254 -38.85 11.16 -14.08
CA TYR D 254 -40.18 11.64 -14.43
C TYR D 254 -40.46 13.07 -14.00
N ASP D 255 -39.49 13.66 -13.30
CA ASP D 255 -39.59 15.06 -12.86
C ASP D 255 -38.81 16.02 -13.77
N ILE D 256 -38.19 15.50 -14.82
CA ILE D 256 -37.51 16.39 -15.76
C ILE D 256 -38.54 17.10 -16.64
N ASP D 257 -38.11 18.20 -17.27
CA ASP D 257 -39.00 19.02 -18.10
C ASP D 257 -39.80 18.18 -19.11
N LEU D 258 -39.10 17.27 -19.78
CA LEU D 258 -39.71 16.40 -20.79
C LEU D 258 -40.91 15.64 -20.22
N PHE D 259 -40.69 14.92 -19.13
CA PHE D 259 -41.74 14.09 -18.54
C PHE D 259 -42.82 14.87 -17.80
N ARG D 260 -42.47 16.02 -17.23
CA ARG D 260 -43.46 16.85 -16.56
C ARG D 260 -44.54 17.30 -17.55
N THR D 261 -44.10 17.76 -18.71
CA THR D 261 -45.01 18.19 -19.77
C THR D 261 -45.80 17.00 -20.32
N LEU D 262 -45.14 15.86 -20.47
CA LEU D 262 -45.77 14.67 -21.02
C LEU D 262 -46.83 14.12 -20.07
N ILE D 263 -46.51 14.05 -18.78
CA ILE D 263 -47.45 13.58 -17.77
C ILE D 263 -48.70 14.48 -17.67
N GLN D 264 -48.49 15.79 -17.80
CA GLN D 264 -49.62 16.74 -17.86
C GLN D 264 -50.57 16.39 -18.99
N ALA D 265 -50.00 16.06 -20.15
CA ALA D 265 -50.77 15.68 -21.31
C ALA D 265 -51.55 14.39 -21.08
N VAL D 266 -50.92 13.42 -20.41
CA VAL D 266 -51.57 12.16 -20.07
C VAL D 266 -52.76 12.39 -19.15
N ALA D 267 -52.56 13.24 -18.14
CA ALA D 267 -53.64 13.59 -17.21
C ALA D 267 -54.80 14.23 -17.95
N LYS D 268 -54.47 15.10 -18.90
CA LYS D 268 -55.47 15.79 -19.71
C LYS D 268 -56.34 14.84 -20.54
N VAL D 269 -55.73 13.88 -21.21
CA VAL D 269 -56.47 12.99 -22.10
C VAL D 269 -57.22 11.88 -21.37
N THR D 270 -56.75 11.50 -20.19
CA THR D 270 -57.37 10.44 -19.41
C THR D 270 -58.40 11.00 -18.42
N GLY D 271 -58.28 12.28 -18.12
CA GLY D 271 -59.16 12.93 -17.15
C GLY D 271 -58.73 12.72 -15.71
N ALA D 272 -57.48 12.30 -15.53
CA ALA D 272 -56.93 12.13 -14.18
C ALA D 272 -56.54 13.47 -13.58
N THR D 273 -56.57 13.55 -12.25
CA THR D 273 -56.23 14.80 -11.56
C THR D 273 -55.02 14.63 -10.64
N ASP D 274 -54.81 13.41 -10.16
CA ASP D 274 -53.69 13.11 -9.28
C ASP D 274 -52.40 12.88 -10.08
N LEU D 275 -51.59 13.93 -10.19
CA LEU D 275 -50.36 13.88 -10.97
C LEU D 275 -49.27 13.00 -10.36
N SER D 276 -49.61 12.28 -9.29
CA SER D 276 -48.64 11.42 -8.61
C SER D 276 -48.91 9.95 -8.82
N ASN D 277 -50.06 9.63 -9.42
CA ASN D 277 -50.43 8.24 -9.69
C ASN D 277 -49.45 7.60 -10.68
N LYS D 278 -48.97 6.41 -10.33
CA LYS D 278 -47.92 5.77 -11.13
C LYS D 278 -48.35 5.43 -12.56
N SER D 279 -49.65 5.28 -12.79
CA SER D 279 -50.17 4.98 -14.13
C SER D 279 -49.89 6.10 -15.12
N LEU D 280 -49.81 7.34 -14.62
CA LEU D 280 -49.47 8.48 -15.46
C LEU D 280 -48.03 8.34 -15.97
N ARG D 281 -47.15 7.86 -15.12
CA ARG D 281 -45.75 7.65 -15.48
C ARG D 281 -45.57 6.47 -16.43
N VAL D 282 -46.35 5.40 -16.19
CA VAL D 282 -46.32 4.25 -17.09
C VAL D 282 -46.75 4.63 -18.50
N ILE D 283 -47.86 5.36 -18.61
CA ILE D 283 -48.39 5.77 -19.91
C ILE D 283 -47.43 6.73 -20.63
N ALA D 284 -46.86 7.68 -19.87
CA ALA D 284 -45.90 8.62 -20.44
C ALA D 284 -44.69 7.89 -21.04
N ASP D 285 -44.23 6.87 -20.34
CA ASP D 285 -43.15 6.02 -20.85
C ASP D 285 -43.58 5.23 -22.08
N HIS D 286 -44.78 4.67 -22.03
CA HIS D 286 -45.27 3.75 -23.06
C HIS D 286 -45.53 4.46 -24.39
N ILE D 287 -45.99 5.70 -24.35
CA ILE D 287 -46.20 6.44 -25.59
C ILE D 287 -44.87 6.65 -26.31
N ARG D 288 -43.80 6.86 -25.56
CA ARG D 288 -42.48 7.02 -26.16
C ARG D 288 -42.03 5.77 -26.93
N SER D 289 -42.03 4.62 -26.26
CA SER D 289 -41.64 3.39 -26.95
C SER D 289 -42.59 3.04 -28.09
N CYS D 290 -43.89 3.11 -27.85
CA CYS D 290 -44.88 2.74 -28.86
C CYS D 290 -44.82 3.64 -30.10
N ALA D 291 -44.84 4.96 -29.89
CA ALA D 291 -44.85 5.90 -31.01
C ALA D 291 -43.58 5.83 -31.86
N PHE D 292 -42.43 5.76 -31.20
CA PHE D 292 -41.15 5.65 -31.90
C PHE D 292 -40.97 4.31 -32.62
N LEU D 293 -41.45 3.23 -32.02
CA LEU D 293 -41.37 1.92 -32.68
C LEU D 293 -42.19 1.90 -33.98
N ILE D 294 -43.39 2.47 -33.93
CA ILE D 294 -44.23 2.57 -35.12
C ILE D 294 -43.59 3.47 -36.18
N ALA D 295 -43.02 4.59 -35.75
CA ALA D 295 -42.33 5.49 -36.67
C ALA D 295 -41.16 4.78 -37.35
N ASP D 296 -40.53 3.86 -36.64
CA ASP D 296 -39.39 3.12 -37.17
C ASP D 296 -39.80 1.82 -37.89
N GLY D 297 -41.10 1.63 -38.10
CA GLY D 297 -41.56 0.57 -38.98
C GLY D 297 -42.29 -0.62 -38.37
N VAL D 298 -42.40 -0.66 -37.05
CA VAL D 298 -43.08 -1.79 -36.40
C VAL D 298 -44.61 -1.63 -36.49
N MET D 299 -45.29 -2.71 -36.89
CA MET D 299 -46.75 -2.74 -36.89
C MET D 299 -47.22 -3.78 -35.89
N PRO D 300 -48.28 -3.46 -35.13
CA PRO D 300 -48.81 -4.41 -34.15
C PRO D 300 -49.20 -5.73 -34.82
N SER D 301 -48.92 -6.83 -34.12
CA SER D 301 -49.23 -8.16 -34.62
C SER D 301 -49.18 -9.13 -33.45
N ASN D 302 -49.33 -10.41 -33.74
CA ASN D 302 -49.28 -11.42 -32.69
C ASN D 302 -47.99 -12.22 -32.70
N GLU D 303 -46.96 -11.69 -33.37
CA GLU D 303 -45.67 -12.35 -33.43
C GLU D 303 -44.48 -11.39 -33.37
N ASN D 304 -43.39 -11.87 -32.77
CA ASN D 304 -42.10 -11.18 -32.79
C ASN D 304 -42.17 -9.70 -32.41
N ARG D 305 -41.61 -8.82 -33.24
CA ARG D 305 -41.57 -7.40 -32.91
C ARG D 305 -42.96 -6.80 -32.75
N GLY D 306 -43.87 -7.15 -33.66
CA GLY D 306 -45.23 -6.64 -33.62
C GLY D 306 -45.97 -6.97 -32.33
N TYR D 307 -45.66 -8.12 -31.74
CA TYR D 307 -46.33 -8.53 -30.51
C TYR D 307 -45.80 -7.79 -29.29
N VAL D 308 -44.50 -7.49 -29.26
CA VAL D 308 -43.96 -6.68 -28.17
C VAL D 308 -44.62 -5.30 -28.21
N LEU D 309 -44.75 -4.72 -29.40
CA LEU D 309 -45.45 -3.44 -29.56
C LEU D 309 -46.91 -3.52 -29.08
N ARG D 310 -47.61 -4.55 -29.55
CA ARG D 310 -49.01 -4.74 -29.16
C ARG D 310 -49.14 -4.86 -27.64
N ARG D 311 -48.24 -5.63 -27.02
CA ARG D 311 -48.25 -5.81 -25.57
CA ARG D 311 -48.23 -5.82 -25.57
C ARG D 311 -48.08 -4.49 -24.83
N ILE D 312 -47.13 -3.67 -25.26
CA ILE D 312 -46.91 -2.38 -24.61
C ILE D 312 -48.10 -1.43 -24.80
N ILE D 313 -48.64 -1.39 -26.03
CA ILE D 313 -49.82 -0.57 -26.31
C ILE D 313 -50.98 -0.96 -25.41
N ARG D 314 -51.27 -2.26 -25.36
CA ARG D 314 -52.42 -2.75 -24.60
C ARG D 314 -52.26 -2.51 -23.09
N ARG D 315 -51.03 -2.65 -22.59
CA ARG D 315 -50.75 -2.33 -21.20
C ARG D 315 -50.96 -0.84 -20.90
N ALA D 316 -50.57 0.01 -21.85
CA ALA D 316 -50.79 1.44 -21.70
C ALA D 316 -52.29 1.78 -21.66
N VAL D 317 -53.05 1.16 -22.54
CA VAL D 317 -54.50 1.36 -22.58
C VAL D 317 -55.14 0.87 -21.28
N ARG D 318 -54.66 -0.26 -20.77
CA ARG D 318 -55.16 -0.80 -19.51
C ARG D 318 -54.94 0.21 -18.38
N HIS D 319 -53.76 0.80 -18.32
CA HIS D 319 -53.47 1.83 -17.32
C HIS D 319 -54.37 3.06 -17.48
N GLY D 320 -54.67 3.41 -18.72
CA GLY D 320 -55.61 4.49 -18.99
C GLY D 320 -56.99 4.18 -18.46
N ASN D 321 -57.39 2.91 -18.56
CA ASN D 321 -58.66 2.44 -18.02
C ASN D 321 -58.69 2.56 -16.50
N MET D 322 -57.58 2.23 -15.85
CA MET D 322 -57.51 2.36 -14.40
C MET D 322 -57.66 3.81 -13.96
N LEU D 323 -57.13 4.73 -14.76
CA LEU D 323 -57.23 6.16 -14.45
C LEU D 323 -58.61 6.73 -14.76
N GLY D 324 -59.44 5.95 -15.45
CA GLY D 324 -60.81 6.34 -15.74
C GLY D 324 -61.02 7.02 -17.08
N ALA D 325 -60.13 6.75 -18.03
CA ALA D 325 -60.31 7.26 -19.39
C ALA D 325 -61.64 6.78 -19.96
N LYS D 326 -62.46 7.71 -20.43
CA LYS D 326 -63.79 7.39 -20.94
C LYS D 326 -63.82 7.22 -22.46
N GLU D 327 -62.76 7.69 -23.12
CA GLU D 327 -62.68 7.56 -24.57
C GLU D 327 -61.26 7.30 -25.06
N THR D 328 -61.17 6.83 -26.30
CA THR D 328 -59.90 6.54 -26.95
C THR D 328 -58.92 7.69 -26.71
N PHE D 329 -57.76 7.39 -26.13
CA PHE D 329 -56.87 8.44 -25.67
C PHE D 329 -55.40 8.32 -26.10
N PHE D 330 -54.91 7.09 -26.25
CA PHE D 330 -53.47 6.88 -26.38
C PHE D 330 -52.85 7.65 -27.56
N TYR D 331 -53.51 7.59 -28.72
CA TYR D 331 -53.02 8.26 -29.92
C TYR D 331 -52.94 9.79 -29.77
N LYS D 332 -53.68 10.34 -28.81
CA LYS D 332 -53.72 11.78 -28.61
C LYS D 332 -52.42 12.30 -27.98
N LEU D 333 -51.57 11.38 -27.55
CA LEU D 333 -50.32 11.76 -26.89
C LEU D 333 -49.14 11.91 -27.84
N VAL D 334 -49.35 11.57 -29.11
CA VAL D 334 -48.29 11.65 -30.11
C VAL D 334 -47.85 13.10 -30.34
N GLY D 335 -48.83 14.00 -30.47
CA GLY D 335 -48.56 15.43 -30.62
C GLY D 335 -47.72 16.00 -29.48
N PRO D 336 -48.23 15.88 -28.24
CA PRO D 336 -47.47 16.25 -27.05
C PRO D 336 -46.07 15.64 -26.99
N LEU D 337 -45.92 14.39 -27.40
CA LEU D 337 -44.61 13.73 -27.41
C LEU D 337 -43.65 14.41 -28.39
N ILE D 338 -44.12 14.67 -29.60
CA ILE D 338 -43.32 15.37 -30.60
C ILE D 338 -42.85 16.71 -30.06
N ASP D 339 -43.72 17.38 -29.30
CA ASP D 339 -43.43 18.71 -28.77
C ASP D 339 -42.34 18.75 -27.70
N VAL D 340 -42.08 17.63 -27.05
CA VAL D 340 -41.05 17.58 -26.00
C VAL D 340 -39.75 16.91 -26.43
N MET D 341 -39.75 16.27 -27.61
CA MET D 341 -38.60 15.48 -28.05
C MET D 341 -37.57 16.28 -28.83
N GLY D 342 -37.93 17.48 -29.26
CA GLY D 342 -37.02 18.32 -30.05
C GLY D 342 -36.57 17.64 -31.34
N SER D 343 -35.29 17.80 -31.67
CA SER D 343 -34.75 17.20 -32.88
C SER D 343 -34.72 15.66 -32.82
N ALA D 344 -34.79 15.10 -31.62
CA ALA D 344 -34.80 13.65 -31.45
C ALA D 344 -36.13 13.01 -31.86
N GLY D 345 -37.14 13.85 -32.10
CA GLY D 345 -38.44 13.35 -32.57
C GLY D 345 -38.71 13.56 -34.05
N GLU D 346 -37.68 13.95 -34.81
CA GLU D 346 -37.83 14.22 -36.25
C GLU D 346 -38.55 13.11 -37.00
N ASP D 347 -38.14 11.86 -36.78
CA ASP D 347 -38.71 10.72 -37.50
C ASP D 347 -40.17 10.47 -37.12
N LEU D 348 -40.52 10.80 -35.89
CA LEU D 348 -41.90 10.68 -35.42
C LEU D 348 -42.79 11.79 -35.99
N LYS D 349 -42.27 13.01 -35.99
CA LYS D 349 -43.01 14.15 -36.53
C LYS D 349 -43.33 13.96 -38.01
N ARG D 350 -42.34 13.44 -38.73
CA ARG D 350 -42.48 13.13 -40.15
C ARG D 350 -43.66 12.19 -40.40
N GLN D 351 -43.89 11.28 -39.46
CA GLN D 351 -44.91 10.26 -39.63
C GLN D 351 -46.04 10.36 -38.61
N GLN D 352 -46.30 11.57 -38.13
CA GLN D 352 -47.29 11.77 -37.08
C GLN D 352 -48.64 11.11 -37.36
N ALA D 353 -49.21 11.41 -38.52
CA ALA D 353 -50.55 10.91 -38.88
C ALA D 353 -50.60 9.39 -38.92
N GLN D 354 -49.59 8.79 -39.54
CA GLN D 354 -49.50 7.33 -39.65
C GLN D 354 -49.45 6.70 -38.25
N VAL D 355 -48.61 7.25 -37.38
CA VAL D 355 -48.45 6.74 -36.04
C VAL D 355 -49.75 6.87 -35.24
N GLU D 356 -50.40 8.03 -35.34
CA GLU D 356 -51.66 8.28 -34.65
C GLU D 356 -52.74 7.26 -35.04
N GLN D 357 -52.88 7.01 -36.34
CA GLN D 357 -53.89 6.07 -36.82
C GLN D 357 -53.60 4.63 -36.36
N VAL D 358 -52.34 4.22 -36.38
CA VAL D 358 -51.99 2.88 -35.92
C VAL D 358 -52.35 2.69 -34.44
N LEU D 359 -52.00 3.68 -33.62
CA LEU D 359 -52.32 3.63 -32.19
C LEU D 359 -53.81 3.70 -31.91
N LYS D 360 -54.53 4.50 -32.70
CA LYS D 360 -55.97 4.64 -32.56
C LYS D 360 -56.66 3.32 -32.88
N THR D 361 -56.30 2.73 -34.02
CA THR D 361 -56.86 1.46 -34.45
C THR D 361 -56.61 0.35 -33.41
N GLU D 362 -55.38 0.27 -32.91
CA GLU D 362 -55.04 -0.76 -31.92
C GLU D 362 -55.83 -0.63 -30.62
N GLU D 363 -56.02 0.60 -30.14
CA GLU D 363 -56.79 0.83 -28.92
C GLU D 363 -58.27 0.49 -29.10
N GLU D 364 -58.83 0.91 -30.24
CA GLU D 364 -60.20 0.60 -30.57
C GLU D 364 -60.42 -0.90 -30.66
N GLN D 365 -59.47 -1.61 -31.26
CA GLN D 365 -59.52 -3.06 -31.37
C GLN D 365 -59.52 -3.74 -29.99
N PHE D 366 -58.66 -3.26 -29.09
CA PHE D 366 -58.55 -3.85 -27.76
C PHE D 366 -59.75 -3.51 -26.87
N ALA D 367 -60.35 -2.34 -27.11
CA ALA D 367 -61.51 -1.90 -26.34
C ALA D 367 -62.71 -2.83 -26.53
N ARG D 368 -62.69 -3.62 -27.61
CA ARG D 368 -63.73 -4.59 -27.87
C ARG D 368 -63.81 -5.65 -26.78
N THR D 369 -62.71 -5.88 -26.08
CA THR D 369 -62.63 -6.92 -25.05
C THR D 369 -62.07 -6.46 -23.69
N LEU D 370 -61.49 -5.27 -23.64
CA LEU D 370 -60.80 -4.82 -22.42
C LEU D 370 -61.68 -4.85 -21.16
N GLU D 371 -62.75 -4.07 -21.16
CA GLU D 371 -63.60 -3.99 -19.96
C GLU D 371 -64.24 -5.34 -19.61
N ARG D 372 -64.65 -6.09 -20.63
CA ARG D 372 -65.22 -7.41 -20.40
C ARG D 372 -64.20 -8.35 -19.77
N GLY D 373 -62.95 -8.31 -20.27
CA GLY D 373 -61.88 -9.10 -19.70
C GLY D 373 -61.54 -8.70 -18.27
N LEU D 374 -61.53 -7.40 -18.01
CA LEU D 374 -61.26 -6.90 -16.67
C LEU D 374 -62.36 -7.34 -15.70
N ALA D 375 -63.61 -7.33 -16.18
CA ALA D 375 -64.74 -7.78 -15.37
C ALA D 375 -64.57 -9.26 -15.01
N LEU D 376 -64.17 -10.08 -15.97
CA LEU D 376 -63.92 -11.49 -15.71
C LEU D 376 -62.78 -11.67 -14.72
N LEU D 377 -61.68 -10.94 -14.92
CA LEU D 377 -60.54 -11.02 -14.01
C LEU D 377 -60.93 -10.61 -12.58
N ASP D 378 -61.73 -9.55 -12.47
CA ASP D 378 -62.25 -9.13 -11.17
C ASP D 378 -63.09 -10.25 -10.54
N GLU D 379 -64.00 -10.82 -11.32
CA GLU D 379 -64.82 -11.94 -10.86
CA GLU D 379 -64.82 -11.94 -10.85
C GLU D 379 -63.96 -13.07 -10.32
N GLU D 380 -62.93 -13.45 -11.07
CA GLU D 380 -62.06 -14.55 -10.68
C GLU D 380 -61.19 -14.26 -9.45
N LEU D 381 -60.73 -13.02 -9.33
CA LEU D 381 -59.91 -12.62 -8.19
C LEU D 381 -60.73 -12.49 -6.91
N ALA D 382 -61.99 -12.06 -7.07
CA ALA D 382 -62.88 -11.87 -5.94
C ALA D 382 -63.16 -13.19 -5.21
N LYS D 383 -63.14 -14.30 -5.95
CA LYS D 383 -63.41 -15.60 -5.37
C LYS D 383 -62.16 -16.46 -5.29
N LEU D 384 -61.02 -15.88 -5.68
CA LEU D 384 -59.75 -16.60 -5.65
C LEU D 384 -59.28 -16.86 -4.23
N SER D 385 -58.82 -18.09 -3.99
CA SER D 385 -58.25 -18.47 -2.70
C SER D 385 -56.74 -18.66 -2.86
N GLY D 386 -55.97 -17.84 -2.14
CA GLY D 386 -54.52 -17.89 -2.26
C GLY D 386 -53.98 -16.66 -2.97
N ASP D 387 -52.68 -16.66 -3.25
CA ASP D 387 -52.02 -15.48 -3.81
C ASP D 387 -51.64 -15.63 -5.28
N THR D 388 -52.19 -16.64 -5.95
CA THR D 388 -51.81 -16.92 -7.33
C THR D 388 -53.02 -17.20 -8.22
N LEU D 389 -53.14 -16.44 -9.30
CA LEU D 389 -54.18 -16.69 -10.30
C LEU D 389 -53.83 -17.96 -11.08
N ASP D 390 -54.81 -18.83 -11.28
CA ASP D 390 -54.59 -20.09 -11.99
C ASP D 390 -54.27 -19.85 -13.46
N GLY D 391 -53.50 -20.76 -14.04
CA GLY D 391 -53.11 -20.68 -15.44
C GLY D 391 -54.26 -20.77 -16.43
N GLU D 392 -55.31 -21.51 -16.07
CA GLU D 392 -56.47 -21.64 -16.95
C GLU D 392 -57.16 -20.29 -17.15
N THR D 393 -57.25 -19.51 -16.07
CA THR D 393 -57.88 -18.19 -16.15
C THR D 393 -57.01 -17.23 -16.95
N ALA D 394 -55.70 -17.25 -16.69
CA ALA D 394 -54.76 -16.44 -17.46
C ALA D 394 -54.87 -16.77 -18.95
N PHE D 395 -54.96 -18.07 -19.27
CA PHE D 395 -55.08 -18.50 -20.65
C PHE D 395 -56.41 -18.08 -21.27
N ARG D 396 -57.50 -18.14 -20.50
CA ARG D 396 -58.80 -17.72 -20.99
C ARG D 396 -58.81 -16.23 -21.33
N LEU D 397 -58.21 -15.42 -20.46
CA LEU D 397 -58.08 -13.99 -20.72
C LEU D 397 -57.27 -13.74 -22.00
N TYR D 398 -56.27 -14.57 -22.22
CA TYR D 398 -55.44 -14.49 -23.42
C TYR D 398 -56.22 -14.92 -24.67
N ASP D 399 -56.80 -16.12 -24.62
CA ASP D 399 -57.43 -16.72 -25.79
C ASP D 399 -58.74 -16.05 -26.19
N THR D 400 -59.56 -15.71 -25.20
CA THR D 400 -60.86 -15.10 -25.48
C THR D 400 -60.79 -13.57 -25.56
N TYR D 401 -60.02 -12.96 -24.68
CA TYR D 401 -60.04 -11.50 -24.55
C TYR D 401 -58.80 -10.79 -25.11
N GLY D 402 -57.81 -11.56 -25.53
CA GLY D 402 -56.60 -10.98 -26.11
C GLY D 402 -55.73 -10.26 -25.09
N PHE D 403 -55.75 -10.74 -23.85
CA PHE D 403 -54.88 -10.26 -22.78
C PHE D 403 -53.55 -11.00 -22.81
N PRO D 404 -52.46 -10.31 -23.19
CA PRO D 404 -51.17 -10.98 -23.03
C PRO D 404 -50.98 -11.34 -21.56
N VAL D 405 -50.27 -12.44 -21.29
CA VAL D 405 -50.11 -12.92 -19.92
C VAL D 405 -49.42 -11.90 -19.00
N ASP D 406 -48.50 -11.13 -19.56
CA ASP D 406 -47.81 -10.09 -18.78
C ASP D 406 -48.72 -8.90 -18.47
N LEU D 407 -49.73 -8.67 -19.31
CA LEU D 407 -50.74 -7.65 -19.03
C LEU D 407 -51.62 -8.10 -17.85
N THR D 408 -52.01 -9.38 -17.86
CA THR D 408 -52.77 -9.97 -16.77
C THR D 408 -51.95 -9.95 -15.46
N ALA D 409 -50.67 -10.31 -15.56
CA ALA D 409 -49.77 -10.27 -14.42
C ALA D 409 -49.60 -8.87 -13.85
N ASP D 410 -49.55 -7.87 -14.75
CA ASP D 410 -49.43 -6.47 -14.33
C ASP D 410 -50.61 -6.02 -13.46
N VAL D 411 -51.83 -6.37 -13.89
CA VAL D 411 -53.04 -6.05 -13.12
C VAL D 411 -53.01 -6.74 -11.76
N CYS D 412 -52.66 -8.03 -11.77
CA CYS D 412 -52.63 -8.83 -10.55
C CYS D 412 -51.56 -8.34 -9.59
N ARG D 413 -50.43 -7.90 -10.13
CA ARG D 413 -49.32 -7.41 -9.32
C ARG D 413 -49.75 -6.22 -8.45
N GLU D 414 -50.60 -5.36 -9.02
CA GLU D 414 -51.12 -4.19 -8.31
C GLU D 414 -51.98 -4.57 -7.10
N ARG D 415 -52.46 -5.81 -7.08
CA ARG D 415 -53.29 -6.29 -5.99
C ARG D 415 -52.57 -7.37 -5.19
N ASN D 416 -51.24 -7.39 -5.34
CA ASN D 416 -50.39 -8.37 -4.64
C ASN D 416 -50.77 -9.81 -4.95
N ILE D 417 -51.10 -10.07 -6.21
CA ILE D 417 -51.44 -11.41 -6.67
C ILE D 417 -50.48 -11.83 -7.79
N LYS D 418 -49.99 -13.06 -7.70
CA LYS D 418 -49.11 -13.62 -8.72
C LYS D 418 -49.93 -14.34 -9.79
N VAL D 419 -49.26 -14.72 -10.88
CA VAL D 419 -49.88 -15.49 -11.94
C VAL D 419 -49.11 -16.79 -12.11
N ASP D 420 -49.82 -17.91 -12.20
CA ASP D 420 -49.17 -19.20 -12.42
C ASP D 420 -48.73 -19.29 -13.88
N GLU D 421 -47.49 -18.88 -14.15
CA GLU D 421 -46.94 -18.87 -15.50
C GLU D 421 -46.82 -20.27 -16.08
N ALA D 422 -46.43 -21.23 -15.24
CA ALA D 422 -46.30 -22.62 -15.66
C ALA D 422 -47.64 -23.17 -16.12
N GLY D 423 -48.70 -22.83 -15.39
CA GLY D 423 -50.07 -23.25 -15.75
C GLY D 423 -50.52 -22.63 -17.06
N PHE D 424 -50.22 -21.35 -17.25
CA PHE D 424 -50.51 -20.66 -18.50
C PHE D 424 -49.81 -21.35 -19.67
N GLU D 425 -48.53 -21.65 -19.49
CA GLU D 425 -47.74 -22.33 -20.51
C GLU D 425 -48.27 -23.73 -20.80
N ALA D 426 -48.71 -24.43 -19.75
CA ALA D 426 -49.30 -25.75 -19.92
C ALA D 426 -50.57 -25.67 -20.76
N ALA D 427 -51.39 -24.66 -20.50
CA ALA D 427 -52.62 -24.43 -21.26
C ALA D 427 -52.32 -24.11 -22.72
N MET D 428 -51.31 -23.27 -22.96
CA MET D 428 -50.92 -22.93 -24.31
CA MET D 428 -50.88 -22.92 -24.30
C MET D 428 -50.45 -24.16 -25.07
N GLU D 429 -49.66 -25.00 -24.39
CA GLU D 429 -49.14 -26.22 -24.99
C GLU D 429 -50.25 -27.24 -25.28
N GLU D 430 -51.20 -27.36 -24.36
CA GLU D 430 -52.37 -28.22 -24.59
C GLU D 430 -53.10 -27.79 -25.87
N GLN D 431 -53.25 -26.48 -26.06
CA GLN D 431 -53.91 -25.98 -27.25
C GLN D 431 -53.10 -26.24 -28.51
N ARG D 432 -51.79 -26.08 -28.42
CA ARG D 432 -50.92 -26.40 -29.54
C ARG D 432 -51.07 -27.87 -29.95
N ARG D 433 -51.15 -28.75 -28.95
CA ARG D 433 -51.34 -30.18 -29.20
C ARG D 433 -52.66 -30.45 -29.93
N ARG D 434 -53.72 -29.79 -29.48
CA ARG D 434 -55.03 -29.91 -30.14
C ARG D 434 -54.94 -29.45 -31.60
N ALA D 435 -54.24 -28.35 -31.83
CA ALA D 435 -54.06 -27.83 -33.18
C ALA D 435 -53.31 -28.83 -34.07
N ARG D 436 -52.25 -29.44 -33.52
CA ARG D 436 -51.49 -30.46 -34.26
C ARG D 436 -52.35 -31.69 -34.58
N GLU D 437 -53.11 -32.14 -33.59
CA GLU D 437 -53.97 -33.32 -33.77
CA GLU D 437 -53.99 -33.31 -33.76
C GLU D 437 -55.02 -33.08 -34.86
N ALA D 438 -55.62 -31.89 -34.87
CA ALA D 438 -56.64 -31.57 -35.87
C ALA D 438 -56.04 -31.30 -37.25
N SER D 439 -54.90 -30.64 -37.31
CA SER D 439 -54.28 -30.28 -38.58
CA SER D 439 -54.26 -30.29 -38.58
C SER D 439 -53.63 -31.48 -39.28
N GLY D 440 -53.11 -32.42 -38.50
CA GLY D 440 -52.50 -33.62 -39.07
C GLY D 440 -51.07 -33.41 -39.54
N PHE D 441 -50.69 -34.10 -40.60
CA PHE D 441 -49.30 -34.12 -41.08
C PHE D 441 -48.77 -32.74 -41.47
#